data_1OH6
#
_entry.id   1OH6
#
_cell.length_a   89.489
_cell.length_b   91.810
_cell.length_c   260.046
_cell.angle_alpha   90.00
_cell.angle_beta   90.00
_cell.angle_gamma   90.00
#
_symmetry.space_group_name_H-M   'P 21 21 21'
#
loop_
_entity.id
_entity.type
_entity.pdbx_description
1 polymer 'DNA MISMATCH REPAIR PROTEIN MUTS'
2 polymer "5'-D(*AP*GP*CP*TP*GP*CP*CP*AP*AP*GP *CP*AP*CP*CP*AP*GP*TP*GP*TP*CP*AP*GP*CP*GP*TP* CP*CP*TP*AP*T)-3'"
3 polymer "5'-D(*AP*TP*AP*GP*GP*AP*CP*GP*CP*TP *GP*AP*CP*AP*CP*TP*GP*GP*TP*GP*CP*AP*TP*GP*GP* CP*AP*GP*CP*T)-3'"
4 non-polymer "ADENOSINE-5'-DIPHOSPHATE"
5 non-polymer 'MAGNESIUM ION'
6 water water
#
loop_
_entity_poly.entity_id
_entity_poly.type
_entity_poly.pdbx_seq_one_letter_code
_entity_poly.pdbx_strand_id
1 'polypeptide(L)'
;MSAIENFDAHTPMMQQYLRLKAQHPEILLFYRMGDFYELFYDDAKRASQLLDISLTKRGASAGEPIPMAGIPYHAVENYL
AKLVNQGESVAICEQIGDPATSKGPVERKVVRIVTPGTISDEALLQERQDNLLAAIWQDSKGFGYATLDISSGRFRLSEP
ADRETMAAELQRTNPAELLYAEDFAEMSLIEGRRGLRRRPLWEFEIDTARQQLNLQFGTRDLVGFGVENAPRGLCAAGCL
LQYAKDTQRTTLPHIRSITMEREQDSIIMDAATRRNLEITQNLAGGAENTLASVLDCTVTPMGSRMLKRWLHMPVRDTRV
LLERQQTIGALQDFTAGLQPVLRQVGDLERILARLALRTARPRDLARMRHAFQQLPELRAQLETVDSAPVQALREKMGEF
AELRDLLERAIIDTPPVLVRDGGVIASGYNEELDEWRALADGATDYLERLEVRERERTGLDTLKVGFNAVHGYYIQISRG
QSHLAPINYMRRQTLKNAERYIIPELKEYEDKVLTSKGKALALEKQLYEELFDLLLPHLEALQQSASALAELDVLVNLAE
RAYTLNYTCPTFIDKPGIRITEGRHPVVEQVLNEPFIANPLNLSPQRRMLIITGPNMGGKSTYMRQTALIALMAYIGSYV
PAQKVEIGPIDRIFTRVGAADDLASGRSTFMVEMTETANILHNATEYSLVLMDEIGRGTSTYDGLSLAWACAENLANKIK
ALTLFATHYFELTQLPEKMEGVANVHLDALEHGDTIAFMHSVQDGAASKSYGLAVAALAGVPKEVIKRARQKLRELESIS
;
A,B
2 'polydeoxyribonucleotide'
;(DA)(DG)(DC)(DT)(DG)(DC)(DC)(DA)(DA)(DG)(DC)(DA)(DC)(DC)(DA)(DG)(DT)(DG)(DT)(DC)
(DA)(DG)(DC)(DG)(DT)(DC)(DC)(DT)(DA)(DT)
;
E
3 'polydeoxyribonucleotide'
;(DA)(DT)(DA)(DG)(DG)(DA)(DC)(DG)(DC)(DT)(DG)(DA)(DC)(DA)(DC)(DT)(DG)(DG)(DT)(DG)
(DC)(DA)(DT)(DG)(DG)(DC)(DA)(DG)(DC)(DT)
;
F
#
loop_
_chem_comp.id
_chem_comp.type
_chem_comp.name
_chem_comp.formula
ADP non-polymer ADENOSINE-5'-DIPHOSPHATE 'C10 H15 N5 O10 P2'
DA DNA linking 2'-DEOXYADENOSINE-5'-MONOPHOSPHATE 'C10 H14 N5 O6 P'
DC DNA linking 2'-DEOXYCYTIDINE-5'-MONOPHOSPHATE 'C9 H14 N3 O7 P'
DG DNA linking 2'-DEOXYGUANOSINE-5'-MONOPHOSPHATE 'C10 H14 N5 O7 P'
DT DNA linking THYMIDINE-5'-MONOPHOSPHATE 'C10 H15 N2 O8 P'
MG non-polymer 'MAGNESIUM ION' 'Mg 2'
#
# COMPACT_ATOMS: atom_id res chain seq x y z
N SER A 2 -22.49 -2.81 33.55
CA SER A 2 -23.16 -2.94 32.22
C SER A 2 -24.65 -3.17 32.38
N ALA A 3 -25.45 -2.45 31.61
CA ALA A 3 -26.89 -2.69 31.62
C ALA A 3 -27.23 -4.12 31.18
N ILE A 4 -28.14 -4.74 31.92
CA ILE A 4 -28.76 -5.97 31.48
C ILE A 4 -29.76 -5.58 30.42
N GLU A 5 -29.39 -5.88 29.17
CA GLU A 5 -30.19 -5.55 28.02
C GLU A 5 -30.89 -6.77 27.44
N ASN A 6 -31.69 -7.41 28.28
CA ASN A 6 -32.72 -8.33 27.82
C ASN A 6 -33.69 -7.66 26.81
N PHE A 7 -34.42 -8.48 26.06
CA PHE A 7 -35.37 -8.04 25.02
C PHE A 7 -36.31 -6.93 25.50
N ASP A 8 -36.95 -7.16 26.64
CA ASP A 8 -37.92 -6.21 27.24
C ASP A 8 -37.34 -4.83 27.63
N ALA A 9 -36.05 -4.78 27.95
CA ALA A 9 -35.37 -3.52 28.29
C ALA A 9 -35.22 -2.58 27.10
N HIS A 10 -35.37 -3.12 25.88
CA HIS A 10 -35.19 -2.36 24.65
C HIS A 10 -36.48 -1.80 24.08
N THR A 11 -36.33 -0.68 23.37
CA THR A 11 -37.42 -0.06 22.62
C THR A 11 -37.76 -0.94 21.41
N PRO A 12 -38.97 -0.79 20.85
CA PRO A 12 -39.36 -1.49 19.62
C PRO A 12 -38.39 -1.34 18.45
N MET A 13 -37.69 -0.22 18.37
CA MET A 13 -36.74 0.05 17.31
C MET A 13 -35.53 -0.87 17.42
N MET A 14 -35.00 -0.94 18.64
CA MET A 14 -33.81 -1.71 18.96
C MET A 14 -34.13 -3.18 19.15
N GLN A 15 -35.37 -3.50 19.52
CA GLN A 15 -35.82 -4.88 19.46
C GLN A 15 -35.64 -5.36 18.01
N GLN A 16 -36.30 -4.67 17.08
CA GLN A 16 -36.18 -4.95 15.65
C GLN A 16 -34.72 -4.98 15.13
N TYR A 17 -33.96 -3.98 15.51
CA TYR A 17 -32.60 -3.86 15.01
C TYR A 17 -31.73 -5.02 15.51
N LEU A 18 -31.87 -5.40 16.78
CA LEU A 18 -31.01 -6.43 17.35
C LEU A 18 -31.32 -7.82 16.77
N ARG A 19 -32.59 -8.11 16.45
CA ARG A 19 -32.98 -9.36 15.75
C ARG A 19 -32.29 -9.43 14.38
N LEU A 20 -32.25 -8.30 13.71
CA LEU A 20 -31.65 -8.23 12.37
C LEU A 20 -30.16 -8.38 12.48
N LYS A 21 -29.56 -7.73 13.47
CA LYS A 21 -28.11 -7.74 13.65
C LYS A 21 -27.65 -9.11 14.11
N ALA A 22 -28.49 -9.82 14.85
CA ALA A 22 -28.19 -11.18 15.31
C ALA A 22 -28.05 -12.17 14.16
N GLN A 23 -28.57 -11.82 12.99
CA GLN A 23 -28.40 -12.63 11.78
C GLN A 23 -27.18 -12.22 10.98
N HIS A 24 -26.56 -11.10 11.38
CA HIS A 24 -25.29 -10.63 10.78
C HIS A 24 -24.33 -10.11 11.85
N PRO A 25 -24.00 -10.97 12.84
CA PRO A 25 -23.20 -10.58 14.00
C PRO A 25 -21.76 -10.11 13.72
N GLU A 26 -21.11 -10.66 12.70
CA GLU A 26 -19.71 -10.30 12.43
C GLU A 26 -19.50 -9.19 11.40
N ILE A 27 -20.56 -8.76 10.73
CA ILE A 27 -20.43 -7.77 9.67
C ILE A 27 -21.29 -6.53 9.92
N LEU A 28 -20.89 -5.42 9.32
CA LEU A 28 -21.60 -4.18 9.45
C LEU A 28 -23.02 -4.30 8.92
N LEU A 29 -23.95 -3.66 9.65
CA LEU A 29 -25.33 -3.56 9.26
C LEU A 29 -25.69 -2.09 9.08
N PHE A 30 -26.15 -1.78 7.88
CA PHE A 30 -26.69 -0.49 7.53
C PHE A 30 -28.17 -0.66 7.75
N TYR A 31 -28.72 0.15 8.65
CA TYR A 31 -30.11 0.03 9.04
C TYR A 31 -30.84 1.30 8.57
N ARG A 32 -31.78 1.10 7.65
CA ARG A 32 -32.53 2.20 7.06
C ARG A 32 -33.51 2.76 8.07
N MET A 33 -33.34 4.04 8.36
CA MET A 33 -34.27 4.77 9.20
C MET A 33 -34.54 6.09 8.54
N GLY A 34 -35.73 6.22 7.96
CA GLY A 34 -36.06 7.40 7.17
C GLY A 34 -35.04 7.59 6.07
N ASP A 35 -34.41 8.75 6.06
CA ASP A 35 -33.50 9.15 4.98
C ASP A 35 -32.07 8.73 5.24
N PHE A 36 -31.83 7.97 6.32
CA PHE A 36 -30.46 7.61 6.70
C PHE A 36 -30.27 6.12 6.85
N TYR A 37 -29.09 5.64 6.48
CA TYR A 37 -28.58 4.38 6.95
C TYR A 37 -27.79 4.58 8.27
N GLU A 38 -28.15 3.76 9.24
CA GLU A 38 -27.74 3.91 10.62
C GLU A 38 -26.93 2.67 11.00
N LEU A 39 -25.90 2.87 11.81
CA LEU A 39 -25.16 1.79 12.42
C LEU A 39 -25.12 2.05 13.92
N PHE A 40 -25.11 0.97 14.70
CA PHE A 40 -25.23 1.08 16.15
C PHE A 40 -24.10 0.33 16.86
N TYR A 41 -23.89 0.68 18.12
CA TYR A 41 -22.90 0.03 18.95
C TYR A 41 -21.54 0.00 18.27
N ASP A 42 -20.92 -1.16 18.12
CA ASP A 42 -19.54 -1.22 17.65
C ASP A 42 -19.47 -0.97 16.15
N ASP A 43 -20.54 -1.33 15.43
CA ASP A 43 -20.66 -0.98 14.02
C ASP A 43 -20.53 0.52 13.79
N ALA A 44 -21.10 1.31 14.67
CA ALA A 44 -21.00 2.73 14.58
C ALA A 44 -19.55 3.16 14.79
N LYS A 45 -18.89 2.58 15.78
CA LYS A 45 -17.51 2.99 16.10
C LYS A 45 -16.55 2.62 14.98
N ARG A 46 -16.78 1.48 14.35
CA ARG A 46 -15.91 1.00 13.29
C ARG A 46 -16.19 1.79 12.02
N ALA A 47 -17.47 1.94 11.68
CA ALA A 47 -17.89 2.77 10.55
C ALA A 47 -17.29 4.17 10.67
N SER A 48 -17.32 4.72 11.87
CA SER A 48 -16.77 6.03 12.15
C SER A 48 -15.28 6.10 11.80
N GLN A 49 -14.52 5.11 12.26
CA GLN A 49 -13.10 5.01 11.94
C GLN A 49 -12.88 4.82 10.44
N LEU A 50 -13.54 3.82 9.86
CA LEU A 50 -13.35 3.42 8.47
C LEU A 50 -13.75 4.46 7.45
N LEU A 51 -14.90 5.09 7.67
CA LEU A 51 -15.55 5.97 6.69
C LEU A 51 -15.32 7.43 6.94
N ASP A 52 -14.69 7.76 8.07
CA ASP A 52 -14.47 9.15 8.44
C ASP A 52 -15.78 9.90 8.64
N ILE A 53 -16.63 9.37 9.50
CA ILE A 53 -17.86 10.04 9.88
C ILE A 53 -17.95 10.13 11.39
N SER A 54 -18.71 11.11 11.89
CA SER A 54 -18.87 11.33 13.33
C SER A 54 -19.55 10.16 14.04
N LEU A 55 -18.98 9.85 15.20
CA LEU A 55 -19.57 8.96 16.17
C LEU A 55 -20.43 9.79 17.08
N THR A 56 -21.72 9.50 17.08
CA THR A 56 -22.66 10.18 17.94
C THR A 56 -23.48 9.18 18.75
N LYS A 57 -24.59 9.63 19.29
CA LYS A 57 -25.42 8.86 20.21
C LYS A 57 -26.88 8.92 19.78
N ARG A 58 -27.65 7.93 20.24
CA ARG A 58 -29.09 8.01 20.17
C ARG A 58 -29.61 7.87 21.59
N GLY A 59 -30.20 8.95 22.11
CA GLY A 59 -30.65 9.02 23.48
C GLY A 59 -31.54 7.87 23.90
N ALA A 60 -31.46 7.50 25.18
CA ALA A 60 -32.28 6.44 25.77
C ALA A 60 -32.75 6.82 27.18
N SER A 61 -34.01 6.53 27.49
CA SER A 61 -34.61 6.86 28.79
C SER A 61 -34.27 5.83 29.89
N ALA A 62 -34.03 4.58 29.48
CA ALA A 62 -33.69 3.48 30.37
C ALA A 62 -32.44 2.74 29.85
N GLY A 63 -31.42 2.63 30.70
CA GLY A 63 -30.17 1.99 30.33
C GLY A 63 -29.20 2.98 29.70
N GLU A 64 -28.30 2.47 28.86
CA GLU A 64 -27.20 3.27 28.32
C GLU A 64 -27.59 3.99 27.01
N PRO A 65 -26.88 5.08 26.68
CA PRO A 65 -27.07 5.74 25.37
C PRO A 65 -26.35 4.91 24.31
N ILE A 66 -26.93 4.87 23.11
CA ILE A 66 -26.52 3.94 22.08
C ILE A 66 -25.63 4.61 21.03
N PRO A 67 -24.36 4.19 20.88
CA PRO A 67 -23.48 4.76 19.84
C PRO A 67 -24.05 4.64 18.43
N MET A 68 -23.93 5.70 17.64
CA MET A 68 -24.57 5.80 16.34
C MET A 68 -23.71 6.55 15.31
N ALA A 69 -23.74 6.07 14.09
CA ALA A 69 -23.17 6.78 12.97
C ALA A 69 -24.06 6.50 11.77
N GLY A 70 -24.01 7.36 10.79
CA GLY A 70 -24.91 7.22 9.67
C GLY A 70 -24.65 8.14 8.50
N ILE A 71 -25.29 7.77 7.39
CA ILE A 71 -25.14 8.45 6.13
C ILE A 71 -26.52 8.55 5.50
N PRO A 72 -26.81 9.62 4.77
CA PRO A 72 -28.07 9.71 4.05
C PRO A 72 -28.10 8.72 2.90
N TYR A 73 -29.29 8.19 2.60
CA TYR A 73 -29.47 7.05 1.70
C TYR A 73 -28.88 7.30 0.31
N HIS A 74 -29.01 8.55 -0.14
CA HIS A 74 -28.55 8.93 -1.48
C HIS A 74 -27.02 8.96 -1.64
N ALA A 75 -26.27 8.86 -0.54
CA ALA A 75 -24.81 8.82 -0.57
C ALA A 75 -24.24 7.40 -0.37
N VAL A 76 -25.11 6.39 -0.37
CA VAL A 76 -24.71 5.05 0.06
C VAL A 76 -23.61 4.40 -0.79
N GLU A 77 -23.65 4.59 -2.11
CA GLU A 77 -22.72 3.94 -3.03
C GLU A 77 -21.26 4.34 -2.78
N ASN A 78 -21.03 5.61 -2.49
CA ASN A 78 -19.67 6.07 -2.20
C ASN A 78 -19.13 5.37 -0.96
N TYR A 79 -20.00 5.20 0.04
CA TYR A 79 -19.59 4.58 1.30
C TYR A 79 -19.37 3.07 1.18
N LEU A 80 -20.20 2.38 0.41
CA LEU A 80 -20.01 0.95 0.16
C LEU A 80 -18.71 0.67 -0.56
N ALA A 81 -18.35 1.54 -1.52
CA ALA A 81 -17.06 1.46 -2.22
C ALA A 81 -15.87 1.50 -1.26
N LYS A 82 -15.84 2.47 -0.34
CA LYS A 82 -14.74 2.57 0.63
C LYS A 82 -14.62 1.28 1.44
N LEU A 83 -15.77 0.73 1.84
CA LEU A 83 -15.80 -0.49 2.64
C LEU A 83 -15.36 -1.72 1.86
N VAL A 84 -15.80 -1.83 0.61
CA VAL A 84 -15.46 -3.00 -0.18
C VAL A 84 -13.96 -3.01 -0.52
N ASN A 85 -13.37 -1.83 -0.68
CA ASN A 85 -11.92 -1.69 -0.94
C ASN A 85 -11.07 -2.22 0.21
N GLN A 86 -11.58 -2.12 1.43
CA GLN A 86 -10.90 -2.63 2.62
C GLN A 86 -11.37 -4.03 2.99
N GLY A 87 -12.10 -4.69 2.08
CA GLY A 87 -12.51 -6.07 2.27
C GLY A 87 -13.61 -6.25 3.30
N GLU A 88 -14.36 -5.19 3.57
CA GLU A 88 -15.49 -5.24 4.51
C GLU A 88 -16.76 -5.67 3.80
N SER A 89 -17.56 -6.50 4.47
CA SER A 89 -18.90 -6.83 4.03
C SER A 89 -19.90 -5.91 4.75
N VAL A 90 -21.05 -5.69 4.12
CA VAL A 90 -22.09 -4.79 4.64
C VAL A 90 -23.48 -5.34 4.33
N ALA A 91 -24.19 -5.76 5.37
CA ALA A 91 -25.62 -6.05 5.27
C ALA A 91 -26.42 -4.76 5.06
N ILE A 92 -27.13 -4.64 3.95
CA ILE A 92 -28.05 -3.54 3.69
C ILE A 92 -29.45 -3.95 4.12
N CYS A 93 -30.02 -3.21 5.06
CA CYS A 93 -31.37 -3.47 5.58
C CYS A 93 -32.26 -2.29 5.15
N GLU A 94 -33.35 -2.58 4.44
CA GLU A 94 -34.28 -1.53 3.99
C GLU A 94 -35.63 -1.63 4.71
N GLN A 95 -36.43 -0.56 4.59
CA GLN A 95 -37.80 -0.55 5.08
C GLN A 95 -38.72 -1.14 4.04
N ILE A 96 -39.51 -2.13 4.44
CA ILE A 96 -40.46 -2.82 3.54
C ILE A 96 -41.87 -2.27 3.66
N GLY A 97 -42.32 -2.02 4.89
CA GLY A 97 -43.69 -1.63 5.12
C GLY A 97 -43.98 -0.16 4.83
N ASP A 98 -45.23 0.23 5.07
CA ASP A 98 -45.67 1.62 5.04
C ASP A 98 -45.76 2.12 6.49
N PRO A 99 -45.07 3.21 6.84
CA PRO A 99 -45.16 3.79 8.20
C PRO A 99 -46.57 4.18 8.63
N ALA A 100 -47.37 4.66 7.67
CA ALA A 100 -48.73 5.12 7.93
C ALA A 100 -49.70 4.00 8.31
N THR A 101 -49.40 2.77 7.91
CA THR A 101 -50.26 1.62 8.26
C THR A 101 -49.53 0.65 9.19
N SER A 102 -48.50 1.14 9.89
CA SER A 102 -47.77 0.35 10.90
C SER A 102 -47.82 1.03 12.26
N LYS A 103 -48.34 0.32 13.25
CA LYS A 103 -48.47 0.89 14.59
C LYS A 103 -47.10 0.95 15.21
N GLY A 104 -46.44 -0.20 15.30
CA GLY A 104 -45.05 -0.26 15.70
C GLY A 104 -44.13 0.16 14.57
N PRO A 105 -42.84 -0.11 14.75
CA PRO A 105 -41.82 0.08 13.70
C PRO A 105 -42.18 -0.59 12.36
N VAL A 106 -41.98 0.13 11.27
CA VAL A 106 -42.20 -0.43 9.94
C VAL A 106 -41.33 -1.67 9.72
N GLU A 107 -41.89 -2.64 9.00
CA GLU A 107 -41.19 -3.88 8.71
C GLU A 107 -39.88 -3.58 7.98
N ARG A 108 -38.82 -4.30 8.34
CA ARG A 108 -37.51 -4.13 7.71
C ARG A 108 -36.87 -5.49 7.42
N LYS A 109 -36.38 -5.68 6.20
CA LYS A 109 -35.59 -6.88 5.86
C LYS A 109 -34.19 -6.45 5.44
N VAL A 110 -33.22 -7.34 5.67
CA VAL A 110 -31.96 -7.29 4.93
C VAL A 110 -32.26 -7.78 3.52
N VAL A 111 -31.97 -6.93 2.53
CA VAL A 111 -32.30 -7.22 1.14
C VAL A 111 -31.06 -7.58 0.30
N ARG A 112 -29.87 -7.19 0.75
CA ARG A 112 -28.63 -7.71 0.17
C ARG A 112 -27.48 -7.59 1.15
N ILE A 113 -26.35 -8.19 0.81
CA ILE A 113 -25.13 -8.08 1.58
C ILE A 113 -24.02 -7.92 0.56
N VAL A 114 -23.39 -6.76 0.57
CA VAL A 114 -22.29 -6.46 -0.31
C VAL A 114 -21.07 -7.11 0.29
N THR A 115 -20.44 -8.03 -0.43
CA THR A 115 -19.18 -8.59 0.04
C THR A 115 -18.17 -8.52 -1.09
N PRO A 116 -16.87 -8.60 -0.78
CA PRO A 116 -15.82 -8.38 -1.81
C PRO A 116 -15.91 -9.28 -3.04
N GLY A 117 -16.44 -10.50 -2.89
CA GLY A 117 -16.55 -11.44 -4.00
C GLY A 117 -17.92 -11.55 -4.65
N THR A 118 -18.87 -10.75 -4.19
CA THR A 118 -20.22 -10.80 -4.71
C THR A 118 -20.67 -9.47 -5.27
N ILE A 119 -19.72 -8.59 -5.51
CA ILE A 119 -20.09 -7.33 -6.11
C ILE A 119 -20.23 -7.54 -7.61
N SER A 120 -21.15 -6.78 -8.17
CA SER A 120 -21.51 -6.85 -9.56
C SER A 120 -21.76 -5.46 -10.12
N ASP A 121 -21.58 -4.42 -9.31
CA ASP A 121 -21.86 -3.06 -9.73
C ASP A 121 -20.61 -2.48 -10.39
N GLU A 122 -20.82 -1.79 -11.50
CA GLU A 122 -19.75 -1.28 -12.35
C GLU A 122 -18.73 -0.39 -11.63
N ALA A 123 -19.20 0.44 -10.72
CA ALA A 123 -18.31 1.35 -9.99
C ALA A 123 -17.40 0.62 -8.99
N LEU A 124 -17.84 -0.53 -8.48
CA LEU A 124 -17.10 -1.26 -7.45
C LEU A 124 -16.07 -2.28 -7.98
N LEU A 125 -16.02 -2.47 -9.31
CA LEU A 125 -15.16 -3.49 -9.96
C LEU A 125 -14.10 -2.86 -10.86
N GLN A 126 -13.08 -3.65 -11.19
CA GLN A 126 -12.04 -3.25 -12.17
C GLN A 126 -12.37 -3.81 -13.54
N GLU A 127 -12.26 -2.98 -14.57
CA GLU A 127 -12.71 -3.34 -15.92
C GLU A 127 -12.11 -4.67 -16.39
N ARG A 128 -10.78 -4.75 -16.27
CA ARG A 128 -9.95 -5.76 -16.93
C ARG A 128 -9.46 -6.86 -16.02
N GLN A 129 -10.12 -7.05 -14.88
CA GLN A 129 -9.69 -8.06 -13.92
C GLN A 129 -10.91 -8.73 -13.38
N ASP A 130 -10.92 -10.05 -13.45
CA ASP A 130 -11.95 -10.85 -12.83
C ASP A 130 -11.96 -10.62 -11.33
N ASN A 131 -13.14 -10.77 -10.76
CA ASN A 131 -13.36 -10.67 -9.34
C ASN A 131 -14.21 -11.86 -8.90
N LEU A 132 -13.54 -12.85 -8.30
CA LEU A 132 -14.13 -14.14 -8.05
C LEU A 132 -14.43 -14.38 -6.57
N LEU A 133 -15.59 -15.02 -6.33
CA LEU A 133 -15.87 -15.66 -5.07
C LEU A 133 -15.39 -17.10 -5.17
N ALA A 134 -14.67 -17.57 -4.16
CA ALA A 134 -14.31 -18.97 -4.07
C ALA A 134 -14.69 -19.59 -2.72
N ALA A 135 -14.73 -20.92 -2.70
CA ALA A 135 -14.94 -21.70 -1.49
C ALA A 135 -13.93 -22.83 -1.52
N ILE A 136 -13.38 -23.13 -0.36
CA ILE A 136 -12.37 -24.18 -0.27
C ILE A 136 -12.69 -25.12 0.86
N TRP A 137 -12.32 -26.36 0.66
CA TRP A 137 -12.66 -27.43 1.57
C TRP A 137 -11.54 -28.47 1.53
N GLN A 138 -11.21 -29.02 2.68
CA GLN A 138 -10.17 -30.03 2.79
C GLN A 138 -10.76 -31.32 3.42
N ASP A 139 -10.24 -32.41 2.88
CA ASP A 139 -10.69 -33.76 3.10
C ASP A 139 -9.60 -34.47 3.83
N SER A 140 -9.88 -35.73 4.13
CA SER A 140 -8.86 -36.64 4.64
C SER A 140 -7.76 -36.85 3.58
N LYS A 141 -8.10 -36.71 2.30
CA LYS A 141 -7.22 -37.07 1.18
C LYS A 141 -7.00 -35.98 0.10
N GLY A 142 -7.60 -34.80 0.26
CA GLY A 142 -7.45 -33.76 -0.75
C GLY A 142 -8.37 -32.55 -0.58
N PHE A 143 -8.60 -31.82 -1.68
CA PHE A 143 -9.27 -30.54 -1.65
C PHE A 143 -10.48 -30.43 -2.59
N GLY A 144 -11.47 -29.68 -2.16
CA GLY A 144 -12.56 -29.26 -3.03
C GLY A 144 -12.47 -27.75 -3.17
N TYR A 145 -12.70 -27.25 -4.37
CA TYR A 145 -12.54 -25.83 -4.63
C TYR A 145 -13.61 -25.44 -5.62
N ALA A 146 -14.18 -24.27 -5.47
CA ALA A 146 -15.17 -23.84 -6.43
C ALA A 146 -15.03 -22.36 -6.58
N THR A 147 -15.23 -21.85 -7.81
CA THR A 147 -15.23 -20.41 -8.04
C THR A 147 -16.49 -19.93 -8.72
N LEU A 148 -16.83 -18.67 -8.47
CA LEU A 148 -17.96 -18.05 -9.11
C LEU A 148 -17.62 -16.62 -9.42
N ASP A 149 -17.83 -16.25 -10.68
CA ASP A 149 -17.85 -14.88 -11.11
C ASP A 149 -19.33 -14.51 -11.14
N ILE A 150 -19.78 -13.75 -10.15
CA ILE A 150 -21.19 -13.48 -9.99
C ILE A 150 -21.73 -12.54 -11.05
N SER A 151 -20.82 -11.79 -11.67
CA SER A 151 -21.17 -10.81 -12.66
C SER A 151 -20.92 -11.38 -14.06
N SER A 152 -21.03 -12.69 -14.16
CA SER A 152 -21.05 -13.40 -15.44
C SER A 152 -21.74 -14.77 -15.35
N GLY A 153 -21.74 -15.40 -14.17
CA GLY A 153 -22.41 -16.66 -13.95
C GLY A 153 -21.49 -17.86 -14.11
N ARG A 154 -20.22 -17.60 -14.40
CA ARG A 154 -19.24 -18.65 -14.65
C ARG A 154 -18.96 -19.37 -13.32
N PHE A 155 -19.31 -20.65 -13.25
CA PHE A 155 -19.33 -21.43 -12.01
C PHE A 155 -18.47 -22.69 -12.27
N ARG A 156 -17.34 -22.81 -11.57
CA ARG A 156 -16.37 -23.89 -11.78
C ARG A 156 -16.12 -24.69 -10.50
N LEU A 157 -15.67 -25.93 -10.70
CA LEU A 157 -15.44 -26.86 -9.60
C LEU A 157 -14.16 -27.66 -9.92
N SER A 158 -13.32 -27.88 -8.92
CA SER A 158 -12.13 -28.69 -9.08
C SER A 158 -11.83 -29.46 -7.79
N GLU A 159 -10.88 -30.38 -7.88
CA GLU A 159 -10.51 -31.24 -6.77
C GLU A 159 -9.01 -31.43 -6.74
N PRO A 160 -8.26 -30.35 -6.48
CA PRO A 160 -6.79 -30.43 -6.48
C PRO A 160 -6.32 -31.52 -5.53
N ALA A 161 -5.36 -32.33 -5.95
CA ALA A 161 -5.07 -33.59 -5.27
C ALA A 161 -4.19 -33.45 -4.05
N ASP A 162 -3.46 -32.34 -3.98
CA ASP A 162 -2.44 -32.13 -2.95
C ASP A 162 -2.23 -30.65 -2.63
N ARG A 163 -1.33 -30.37 -1.71
CA ARG A 163 -1.10 -29.01 -1.28
C ARG A 163 -0.63 -28.07 -2.38
N GLU A 164 0.38 -28.47 -3.16
CA GLU A 164 0.97 -27.57 -4.17
C GLU A 164 0.00 -27.24 -5.33
N THR A 165 -0.78 -28.22 -5.80
CA THR A 165 -1.82 -27.95 -6.80
C THR A 165 -2.86 -26.95 -6.32
N MET A 166 -3.29 -27.12 -5.08
CA MET A 166 -4.19 -26.19 -4.40
C MET A 166 -3.58 -24.80 -4.30
N ALA A 167 -2.33 -24.70 -3.85
CA ALA A 167 -1.63 -23.40 -3.85
C ALA A 167 -1.64 -22.79 -5.24
N ALA A 168 -1.36 -23.60 -6.25
CA ALA A 168 -1.32 -23.11 -7.61
C ALA A 168 -2.70 -22.68 -8.08
N GLU A 169 -3.76 -23.36 -7.66
CA GLU A 169 -5.11 -22.94 -7.96
C GLU A 169 -5.53 -21.60 -7.33
N LEU A 170 -5.19 -21.40 -6.07
CA LEU A 170 -5.46 -20.11 -5.40
C LEU A 170 -4.70 -18.95 -6.07
N GLN A 171 -3.53 -19.23 -6.59
CA GLN A 171 -2.72 -18.20 -7.23
C GLN A 171 -3.32 -17.80 -8.58
N ARG A 172 -3.79 -18.80 -9.33
CA ARG A 172 -4.37 -18.62 -10.65
C ARG A 172 -5.69 -17.87 -10.60
N THR A 173 -6.53 -18.25 -9.65
CA THR A 173 -7.88 -17.69 -9.51
C THR A 173 -7.91 -16.42 -8.64
N ASN A 174 -6.99 -16.30 -7.69
CA ASN A 174 -6.83 -15.07 -6.88
C ASN A 174 -8.18 -14.56 -6.43
N PRO A 175 -8.96 -15.39 -5.71
CA PRO A 175 -10.31 -15.01 -5.31
C PRO A 175 -10.29 -13.76 -4.42
N ALA A 176 -11.25 -12.86 -4.63
CA ALA A 176 -11.43 -11.69 -3.78
C ALA A 176 -12.09 -12.03 -2.44
N GLU A 177 -12.75 -13.17 -2.37
CA GLU A 177 -13.40 -13.63 -1.14
C GLU A 177 -13.33 -15.14 -1.14
N LEU A 178 -12.98 -15.73 0.00
CA LEU A 178 -12.68 -17.15 0.09
C LEU A 178 -13.43 -17.72 1.27
N LEU A 179 -14.45 -18.51 0.97
CA LEU A 179 -15.22 -19.16 2.02
C LEU A 179 -14.51 -20.46 2.30
N TYR A 180 -14.14 -20.70 3.55
CA TYR A 180 -13.47 -21.97 3.87
C TYR A 180 -14.08 -22.68 5.06
N ALA A 181 -13.94 -23.99 5.11
CA ALA A 181 -14.57 -24.80 6.17
C ALA A 181 -13.82 -24.72 7.51
N GLU A 182 -14.57 -24.76 8.59
CA GLU A 182 -14.02 -24.52 9.92
C GLU A 182 -12.95 -25.53 10.32
N ASP A 183 -13.01 -26.75 9.79
CA ASP A 183 -12.01 -27.78 10.11
C ASP A 183 -10.84 -27.83 9.10
N PHE A 184 -10.65 -26.74 8.34
CA PHE A 184 -9.54 -26.65 7.38
C PHE A 184 -8.20 -26.81 8.10
N ALA A 185 -7.42 -27.79 7.68
CA ALA A 185 -6.17 -28.14 8.36
C ALA A 185 -4.95 -27.35 7.81
N GLU A 186 -4.92 -27.11 6.50
CA GLU A 186 -3.75 -26.57 5.81
C GLU A 186 -3.78 -25.04 5.70
N MET A 187 -3.73 -24.37 6.84
CA MET A 187 -4.00 -22.94 6.90
C MET A 187 -2.93 -22.13 6.22
N SER A 188 -1.70 -22.63 6.16
CA SER A 188 -0.61 -21.91 5.48
C SER A 188 -0.99 -21.51 4.04
N LEU A 189 -1.82 -22.32 3.40
CA LEU A 189 -2.36 -22.01 2.07
C LEU A 189 -3.23 -20.76 1.99
N ILE A 190 -3.76 -20.34 3.13
CA ILE A 190 -4.93 -19.48 3.14
C ILE A 190 -4.90 -18.26 4.04
N GLU A 191 -4.16 -18.32 5.13
CA GLU A 191 -4.05 -17.16 6.01
C GLU A 191 -3.24 -16.09 5.30
N GLY A 192 -3.45 -14.84 5.66
CA GLY A 192 -2.88 -13.75 4.87
C GLY A 192 -3.52 -13.59 3.50
N ARG A 193 -4.59 -14.32 3.20
CA ARG A 193 -5.40 -14.01 2.04
C ARG A 193 -6.47 -13.01 2.45
N ARG A 194 -6.81 -12.14 1.52
CA ARG A 194 -7.86 -11.16 1.72
C ARG A 194 -9.22 -11.84 1.56
N GLY A 195 -10.24 -11.17 2.07
CA GLY A 195 -11.62 -11.64 1.99
C GLY A 195 -11.84 -13.03 2.53
N LEU A 196 -11.18 -13.38 3.62
CA LEU A 196 -11.29 -14.72 4.19
C LEU A 196 -12.56 -14.90 5.04
N ARG A 197 -13.32 -15.98 4.82
CA ARG A 197 -14.61 -16.17 5.48
C ARG A 197 -14.73 -17.58 6.00
N ARG A 198 -14.46 -17.73 7.30
CA ARG A 198 -14.62 -19.00 8.01
C ARG A 198 -16.09 -19.40 8.03
N ARG A 199 -16.39 -20.64 7.63
CA ARG A 199 -17.75 -21.13 7.56
C ARG A 199 -17.96 -22.41 8.38
N PRO A 200 -19.20 -22.62 8.86
CA PRO A 200 -19.53 -23.87 9.57
C PRO A 200 -19.53 -25.06 8.62
N LEU A 201 -19.21 -26.22 9.17
CA LEU A 201 -19.11 -27.46 8.42
C LEU A 201 -20.38 -27.79 7.66
N TRP A 202 -21.53 -27.53 8.27
CA TRP A 202 -22.79 -27.96 7.68
C TRP A 202 -23.05 -27.36 6.30
N GLU A 203 -22.40 -26.23 6.02
CA GLU A 203 -22.46 -25.59 4.71
C GLU A 203 -21.73 -26.34 3.61
N PHE A 204 -20.93 -27.33 3.96
CA PHE A 204 -20.24 -28.17 2.98
C PHE A 204 -20.84 -29.60 2.96
N GLU A 205 -21.98 -29.80 3.60
CA GLU A 205 -22.59 -31.13 3.64
C GLU A 205 -23.03 -31.51 2.20
N ILE A 206 -22.72 -32.74 1.81
CA ILE A 206 -22.85 -33.15 0.41
C ILE A 206 -24.30 -33.25 -0.11
N ASP A 207 -25.23 -33.77 0.68
CA ASP A 207 -26.61 -33.95 0.22
C ASP A 207 -27.26 -32.60 0.02
N THR A 208 -26.86 -31.66 0.88
CA THR A 208 -27.38 -30.30 0.84
C THR A 208 -26.85 -29.58 -0.39
N ALA A 209 -25.57 -29.76 -0.67
CA ALA A 209 -24.97 -29.24 -1.89
C ALA A 209 -25.69 -29.75 -3.12
N ARG A 210 -25.83 -31.08 -3.23
CA ARG A 210 -26.48 -31.69 -4.38
C ARG A 210 -27.85 -31.10 -4.54
N GLN A 211 -28.57 -31.03 -3.44
CA GLN A 211 -29.95 -30.60 -3.47
C GLN A 211 -30.06 -29.14 -3.91
N GLN A 212 -29.21 -28.26 -3.37
CA GLN A 212 -29.27 -26.85 -3.74
C GLN A 212 -28.86 -26.64 -5.21
N LEU A 213 -27.83 -27.35 -5.66
CA LEU A 213 -27.34 -27.18 -7.02
C LEU A 213 -28.36 -27.67 -8.04
N ASN A 214 -28.92 -28.84 -7.80
CA ASN A 214 -30.03 -29.34 -8.61
C ASN A 214 -31.21 -28.38 -8.65
N LEU A 215 -31.57 -27.81 -7.51
CA LEU A 215 -32.66 -26.82 -7.45
C LEU A 215 -32.30 -25.58 -8.29
N GLN A 216 -31.06 -25.15 -8.17
CA GLN A 216 -30.63 -23.95 -8.86
C GLN A 216 -30.69 -24.13 -10.38
N PHE A 217 -30.31 -25.33 -10.85
CA PHE A 217 -30.12 -25.59 -12.26
C PHE A 217 -31.36 -26.14 -12.97
N GLY A 218 -32.39 -26.52 -12.20
CA GLY A 218 -33.58 -27.10 -12.77
C GLY A 218 -33.52 -28.59 -13.05
N THR A 219 -32.59 -29.31 -12.40
CA THR A 219 -32.29 -30.71 -12.74
C THR A 219 -32.57 -31.64 -11.61
N ARG A 220 -32.64 -32.92 -11.93
CA ARG A 220 -32.86 -33.94 -10.91
C ARG A 220 -31.52 -34.43 -10.38
N ASP A 221 -30.53 -34.50 -11.28
CA ASP A 221 -29.15 -34.79 -10.94
C ASP A 221 -28.15 -33.92 -11.78
N LEU A 222 -26.87 -34.08 -11.51
CA LEU A 222 -25.83 -33.23 -12.05
C LEU A 222 -24.97 -33.99 -13.07
N VAL A 223 -25.52 -35.08 -13.60
CA VAL A 223 -24.84 -35.96 -14.54
C VAL A 223 -24.49 -35.18 -15.81
N GLY A 224 -25.47 -34.47 -16.38
CA GLY A 224 -25.25 -33.69 -17.57
C GLY A 224 -24.20 -32.59 -17.47
N PHE A 225 -23.85 -32.18 -16.26
CA PHE A 225 -22.81 -31.17 -16.03
C PHE A 225 -21.43 -31.80 -15.74
N GLY A 226 -21.37 -33.11 -15.64
CA GLY A 226 -20.11 -33.79 -15.41
C GLY A 226 -19.49 -33.59 -14.03
N VAL A 227 -20.32 -33.30 -13.02
CA VAL A 227 -19.85 -33.12 -11.65
C VAL A 227 -20.53 -34.05 -10.66
N GLU A 228 -21.40 -34.95 -11.13
CA GLU A 228 -22.14 -35.82 -10.23
C GLU A 228 -21.14 -36.67 -9.49
N ASN A 229 -20.03 -36.92 -10.19
CA ASN A 229 -18.86 -37.72 -9.78
C ASN A 229 -17.98 -37.14 -8.69
N ALA A 230 -18.25 -35.91 -8.28
CA ALA A 230 -17.20 -35.07 -7.71
C ALA A 230 -17.64 -34.43 -6.41
N PRO A 231 -17.95 -35.25 -5.39
CA PRO A 231 -18.48 -34.75 -4.12
C PRO A 231 -17.55 -33.80 -3.35
N ARG A 232 -16.25 -34.03 -3.39
CA ARG A 232 -15.33 -33.09 -2.74
C ARG A 232 -15.57 -31.68 -3.28
N GLY A 233 -15.65 -31.58 -4.60
CA GLY A 233 -15.90 -30.31 -5.28
C GLY A 233 -17.30 -29.78 -5.10
N LEU A 234 -18.28 -30.68 -5.00
CA LEU A 234 -19.68 -30.27 -4.85
C LEU A 234 -19.89 -29.62 -3.51
N CYS A 235 -19.21 -30.14 -2.49
CA CYS A 235 -19.27 -29.54 -1.15
C CYS A 235 -18.83 -28.09 -1.16
N ALA A 236 -17.69 -27.79 -1.81
CA ALA A 236 -17.26 -26.42 -1.93
C ALA A 236 -18.28 -25.62 -2.73
N ALA A 237 -18.84 -26.24 -3.78
CA ALA A 237 -19.81 -25.57 -4.63
C ALA A 237 -21.14 -25.30 -3.92
N GLY A 238 -21.49 -26.15 -2.97
CA GLY A 238 -22.75 -26.05 -2.26
C GLY A 238 -22.68 -24.89 -1.27
N CYS A 239 -21.54 -24.78 -0.58
CA CYS A 239 -21.26 -23.65 0.30
C CYS A 239 -21.31 -22.34 -0.47
N LEU A 240 -20.59 -22.29 -1.58
CA LEU A 240 -20.54 -21.13 -2.45
C LEU A 240 -21.94 -20.69 -2.90
N LEU A 241 -22.74 -21.65 -3.38
CA LEU A 241 -24.04 -21.31 -3.91
C LEU A 241 -24.89 -20.74 -2.79
N GLN A 242 -24.74 -21.28 -1.59
CA GLN A 242 -25.53 -20.78 -0.46
C GLN A 242 -25.09 -19.35 -0.13
N TYR A 243 -23.80 -19.10 -0.12
CA TYR A 243 -23.31 -17.76 0.13
C TYR A 243 -23.82 -16.78 -0.94
N ALA A 244 -23.78 -17.20 -2.20
CA ALA A 244 -24.24 -16.32 -3.26
C ALA A 244 -25.70 -15.94 -3.08
N LYS A 245 -26.52 -16.89 -2.68
CA LYS A 245 -27.96 -16.67 -2.57
C LYS A 245 -28.36 -15.82 -1.38
N ASP A 246 -27.57 -15.89 -0.32
CA ASP A 246 -27.80 -15.14 0.91
C ASP A 246 -27.29 -13.71 0.77
N THR A 247 -26.29 -13.48 -0.10
CA THR A 247 -25.81 -12.13 -0.35
C THR A 247 -26.75 -11.38 -1.29
N GLN A 248 -27.27 -12.05 -2.30
CA GLN A 248 -28.07 -11.35 -3.32
C GLN A 248 -29.52 -11.33 -2.96
N ARG A 249 -29.99 -12.37 -2.29
CA ARG A 249 -31.40 -12.50 -1.87
C ARG A 249 -32.45 -12.26 -2.97
N THR A 250 -32.10 -12.69 -4.17
CA THR A 250 -32.97 -12.73 -5.34
C THR A 250 -32.65 -14.02 -6.08
N THR A 251 -33.41 -14.35 -7.10
CA THR A 251 -33.05 -15.46 -7.95
C THR A 251 -31.77 -15.06 -8.72
N LEU A 252 -31.04 -16.06 -9.20
CA LEU A 252 -29.79 -15.88 -9.95
C LEU A 252 -29.84 -16.69 -11.26
N PRO A 253 -30.67 -16.26 -12.23
CA PRO A 253 -30.87 -17.05 -13.46
C PRO A 253 -29.69 -17.08 -14.43
N HIS A 254 -28.64 -16.27 -14.18
CA HIS A 254 -27.41 -16.34 -14.96
C HIS A 254 -26.45 -17.43 -14.47
N ILE A 255 -26.81 -18.08 -13.37
CA ILE A 255 -26.05 -19.19 -12.82
C ILE A 255 -26.80 -20.46 -13.19
N ARG A 256 -26.63 -20.88 -14.43
CA ARG A 256 -27.41 -21.94 -15.05
C ARG A 256 -26.60 -23.21 -15.24
N SER A 257 -25.35 -23.16 -14.82
CA SER A 257 -24.42 -24.23 -15.11
C SER A 257 -23.23 -24.21 -14.18
N ILE A 258 -22.64 -25.38 -13.99
CA ILE A 258 -21.32 -25.55 -13.41
C ILE A 258 -20.51 -26.55 -14.25
N THR A 259 -19.20 -26.35 -14.29
CA THR A 259 -18.28 -27.21 -15.03
C THR A 259 -17.11 -27.59 -14.15
N MET A 260 -16.68 -28.84 -14.24
CA MET A 260 -15.55 -29.33 -13.52
C MET A 260 -14.28 -29.10 -14.32
N GLU A 261 -13.26 -28.59 -13.67
CA GLU A 261 -11.95 -28.38 -14.26
C GLU A 261 -11.05 -29.57 -13.86
N ARG A 262 -10.84 -30.48 -14.80
CA ARG A 262 -10.08 -31.69 -14.53
C ARG A 262 -8.62 -31.44 -14.86
N GLU A 263 -7.73 -32.09 -14.13
CA GLU A 263 -6.28 -31.97 -14.33
C GLU A 263 -5.83 -32.19 -15.79
N GLN A 264 -6.51 -33.10 -16.48
CA GLN A 264 -6.11 -33.58 -17.81
C GLN A 264 -6.49 -32.62 -18.93
N ASP A 265 -7.42 -31.72 -18.64
CA ASP A 265 -7.92 -30.80 -19.64
C ASP A 265 -7.04 -29.60 -19.81
N SER A 266 -6.08 -29.39 -18.90
CA SER A 266 -5.23 -28.21 -18.98
C SER A 266 -3.80 -28.48 -18.53
N ILE A 267 -2.86 -27.62 -18.91
CA ILE A 267 -1.51 -27.66 -18.35
C ILE A 267 -1.52 -27.05 -16.95
N ILE A 268 -1.17 -27.86 -15.96
CA ILE A 268 -1.08 -27.38 -14.61
C ILE A 268 0.30 -26.77 -14.39
N MET A 269 0.32 -25.47 -14.18
CA MET A 269 1.55 -24.76 -13.82
C MET A 269 1.58 -24.64 -12.30
N ASP A 270 2.70 -25.03 -11.67
CA ASP A 270 2.85 -24.82 -10.22
C ASP A 270 2.93 -23.32 -9.90
N ALA A 271 2.95 -22.97 -8.63
CA ALA A 271 2.95 -21.57 -8.20
C ALA A 271 4.19 -20.81 -8.69
N ALA A 272 5.36 -21.44 -8.55
CA ALA A 272 6.62 -20.80 -8.90
C ALA A 272 6.69 -20.52 -10.40
N THR A 273 6.09 -21.38 -11.20
CA THR A 273 6.04 -21.20 -12.65
C THR A 273 5.19 -19.99 -13.06
N ARG A 274 4.02 -19.85 -12.43
CA ARG A 274 3.11 -18.73 -12.71
C ARG A 274 3.79 -17.42 -12.41
N ARG A 275 4.53 -17.38 -11.31
CA ARG A 275 5.29 -16.20 -10.88
C ARG A 275 6.52 -15.96 -11.73
N ASN A 276 7.26 -17.04 -12.00
CA ASN A 276 8.55 -16.90 -12.65
C ASN A 276 8.41 -16.58 -14.15
N LEU A 277 7.24 -16.81 -14.72
CA LEU A 277 6.98 -16.47 -16.11
C LEU A 277 6.30 -15.12 -16.24
N GLU A 278 5.85 -14.57 -15.10
CA GLU A 278 5.29 -13.22 -15.04
C GLU A 278 4.14 -13.09 -16.04
N ILE A 279 3.18 -13.99 -15.92
CA ILE A 279 2.07 -14.10 -16.87
C ILE A 279 1.17 -12.86 -16.81
N THR A 280 0.56 -12.56 -15.66
CA THR A 280 -0.19 -11.32 -15.48
C THR A 280 0.33 -10.38 -14.39
N GLN A 281 1.33 -10.82 -13.64
CA GLN A 281 1.92 -10.05 -12.55
C GLN A 281 3.43 -10.23 -12.61
N ASN A 282 4.19 -9.13 -12.58
CA ASN A 282 5.65 -9.20 -12.62
C ASN A 282 6.17 -9.52 -11.22
N LEU A 283 7.47 -9.76 -11.10
CA LEU A 283 8.03 -10.28 -9.85
C LEU A 283 8.09 -9.26 -8.71
N ALA A 284 7.69 -8.02 -8.98
CA ALA A 284 7.51 -7.01 -7.95
C ALA A 284 6.05 -6.58 -7.76
N GLY A 285 5.09 -7.41 -8.18
CA GLY A 285 3.67 -7.15 -7.98
C GLY A 285 2.91 -6.28 -8.99
N GLY A 286 3.61 -5.67 -9.94
CA GLY A 286 2.99 -4.78 -10.91
C GLY A 286 2.58 -5.48 -12.19
N ALA A 287 1.80 -4.79 -13.03
CA ALA A 287 1.34 -5.35 -14.31
C ALA A 287 2.22 -5.01 -15.52
N GLU A 288 3.22 -4.14 -15.31
CA GLU A 288 4.15 -3.76 -16.38
C GLU A 288 5.09 -4.92 -16.72
N ASN A 289 5.42 -5.05 -18.01
CA ASN A 289 6.37 -6.06 -18.48
C ASN A 289 5.96 -7.51 -18.14
N THR A 290 4.70 -7.81 -18.38
CA THR A 290 4.19 -9.17 -18.26
C THR A 290 3.86 -9.72 -19.64
N LEU A 291 3.58 -11.02 -19.70
CA LEU A 291 3.15 -11.64 -20.95
C LEU A 291 1.88 -10.96 -21.40
N ALA A 292 0.97 -10.73 -20.45
CA ALA A 292 -0.30 -10.03 -20.73
C ALA A 292 -0.09 -8.59 -21.23
N SER A 293 0.88 -7.88 -20.68
CA SER A 293 1.11 -6.50 -21.13
C SER A 293 1.46 -6.46 -22.60
N VAL A 294 2.19 -7.48 -23.06
CA VAL A 294 2.56 -7.62 -24.47
C VAL A 294 1.41 -8.14 -25.34
N LEU A 295 0.75 -9.22 -24.92
CA LEU A 295 -0.27 -9.89 -25.74
C LEU A 295 -1.65 -9.25 -25.71
N ASP A 296 -1.94 -8.44 -24.70
CA ASP A 296 -3.31 -8.00 -24.47
C ASP A 296 -3.60 -6.60 -25.01
N CYS A 297 -3.96 -6.57 -26.29
CA CYS A 297 -4.56 -5.40 -26.90
C CYS A 297 -5.98 -5.68 -27.35
N THR A 298 -6.71 -6.46 -26.55
CA THR A 298 -8.14 -6.60 -26.73
C THR A 298 -8.76 -5.23 -26.60
N VAL A 299 -9.98 -5.08 -27.10
CA VAL A 299 -10.67 -3.80 -27.09
C VAL A 299 -11.91 -3.77 -26.19
N THR A 300 -12.30 -4.91 -25.62
CA THR A 300 -13.39 -4.96 -24.65
C THR A 300 -12.87 -5.50 -23.34
N PRO A 301 -13.38 -4.98 -22.23
CA PRO A 301 -13.06 -5.54 -20.90
C PRO A 301 -13.32 -7.07 -20.77
N MET A 302 -14.41 -7.58 -21.33
CA MET A 302 -14.70 -9.01 -21.20
C MET A 302 -13.69 -9.88 -21.98
N GLY A 303 -13.24 -9.37 -23.11
CA GLY A 303 -12.18 -10.03 -23.84
C GLY A 303 -10.84 -9.94 -23.13
N SER A 304 -10.57 -8.84 -22.44
CA SER A 304 -9.34 -8.74 -21.70
C SER A 304 -9.27 -9.84 -20.65
N ARG A 305 -10.40 -10.08 -19.98
CA ARG A 305 -10.41 -11.04 -18.89
C ARG A 305 -10.24 -12.46 -19.40
N MET A 306 -10.93 -12.76 -20.50
CA MET A 306 -10.85 -14.06 -21.11
C MET A 306 -9.42 -14.41 -21.50
N LEU A 307 -8.74 -13.44 -22.11
CA LEU A 307 -7.37 -13.64 -22.54
C LEU A 307 -6.51 -14.01 -21.34
N LYS A 308 -6.70 -13.33 -20.22
CA LYS A 308 -5.89 -13.62 -19.05
C LYS A 308 -6.23 -15.00 -18.45
N ARG A 309 -7.49 -15.42 -18.53
CA ARG A 309 -7.91 -16.77 -18.08
C ARG A 309 -7.27 -17.83 -18.96
N TRP A 310 -7.11 -17.53 -20.25
CA TRP A 310 -6.51 -18.47 -21.18
C TRP A 310 -5.02 -18.56 -20.89
N LEU A 311 -4.36 -17.40 -20.82
CA LEU A 311 -2.94 -17.37 -20.48
C LEU A 311 -2.66 -18.22 -19.23
N HIS A 312 -3.62 -18.26 -18.30
CA HIS A 312 -3.47 -18.95 -17.03
C HIS A 312 -3.93 -20.40 -17.04
N MET A 313 -4.64 -20.78 -18.08
CA MET A 313 -5.11 -22.16 -18.20
C MET A 313 -4.98 -22.65 -19.62
N PRO A 314 -3.78 -23.07 -20.01
CA PRO A 314 -3.60 -23.62 -21.34
C PRO A 314 -4.41 -24.90 -21.48
N VAL A 315 -4.99 -25.06 -22.65
CA VAL A 315 -5.91 -26.15 -22.98
C VAL A 315 -5.12 -27.30 -23.66
N ARG A 316 -5.53 -28.55 -23.44
CA ARG A 316 -4.86 -29.73 -24.05
C ARG A 316 -5.67 -30.44 -25.15
N ASP A 317 -6.93 -30.08 -25.28
CA ASP A 317 -7.80 -30.53 -26.36
C ASP A 317 -7.25 -30.08 -27.74
N THR A 318 -6.77 -31.05 -28.53
CA THR A 318 -6.16 -30.74 -29.83
C THR A 318 -7.13 -30.04 -30.79
N ARG A 319 -8.39 -30.49 -30.84
CA ARG A 319 -9.38 -29.88 -31.72
C ARG A 319 -9.60 -28.39 -31.42
N VAL A 320 -9.92 -28.05 -30.17
CA VAL A 320 -10.07 -26.65 -29.72
C VAL A 320 -8.86 -25.78 -30.12
N LEU A 321 -7.67 -26.33 -30.02
CA LEU A 321 -6.43 -25.60 -30.33
C LEU A 321 -6.25 -25.38 -31.84
N LEU A 322 -6.59 -26.40 -32.63
CA LEU A 322 -6.46 -26.26 -34.08
C LEU A 322 -7.45 -25.23 -34.58
N GLU A 323 -8.62 -25.18 -33.96
CA GLU A 323 -9.68 -24.26 -34.32
C GLU A 323 -9.30 -22.81 -34.03
N ARG A 324 -8.74 -22.56 -32.85
CA ARG A 324 -8.24 -21.23 -32.50
C ARG A 324 -7.12 -20.78 -33.45
N GLN A 325 -6.16 -21.68 -33.71
CA GLN A 325 -5.06 -21.40 -34.62
C GLN A 325 -5.61 -21.02 -35.99
N GLN A 326 -6.65 -21.73 -36.44
CA GLN A 326 -7.16 -21.51 -37.79
C GLN A 326 -7.91 -20.19 -37.81
N THR A 327 -8.60 -19.87 -36.72
CA THR A 327 -9.28 -18.59 -36.60
C THR A 327 -8.28 -17.44 -36.68
N ILE A 328 -7.13 -17.59 -36.04
CA ILE A 328 -6.12 -16.53 -35.99
C ILE A 328 -5.53 -16.22 -37.36
N GLY A 329 -5.32 -17.25 -38.19
CA GLY A 329 -4.84 -17.07 -39.54
C GLY A 329 -5.91 -16.53 -40.48
N ALA A 330 -7.12 -17.02 -40.33
CA ALA A 330 -8.23 -16.62 -41.19
C ALA A 330 -8.56 -15.15 -40.99
N LEU A 331 -8.39 -14.64 -39.78
CA LEU A 331 -8.83 -13.30 -39.42
C LEU A 331 -7.76 -12.23 -39.55
N GLN A 332 -6.55 -12.57 -40.00
CA GLN A 332 -5.44 -11.61 -39.90
C GLN A 332 -5.64 -10.29 -40.69
N ASP A 333 -6.30 -10.36 -41.85
CA ASP A 333 -6.54 -9.15 -42.66
C ASP A 333 -7.74 -8.34 -42.18
N PHE A 334 -8.57 -8.96 -41.37
CA PHE A 334 -9.82 -8.36 -40.91
C PHE A 334 -9.68 -7.63 -39.57
N THR A 335 -8.49 -7.58 -38.97
CA THR A 335 -8.38 -7.02 -37.62
C THR A 335 -8.64 -5.50 -37.56
N ALA A 336 -8.08 -4.73 -38.49
CA ALA A 336 -8.27 -3.28 -38.46
C ALA A 336 -9.76 -2.86 -38.61
N GLY A 337 -10.55 -3.69 -39.29
CA GLY A 337 -11.97 -3.44 -39.48
C GLY A 337 -12.84 -3.84 -38.30
N LEU A 338 -12.57 -5.01 -37.73
CA LEU A 338 -13.41 -5.58 -36.68
C LEU A 338 -13.23 -4.88 -35.33
N GLN A 339 -11.99 -4.54 -34.98
CA GLN A 339 -11.67 -4.03 -33.65
C GLN A 339 -12.40 -2.74 -33.22
N PRO A 340 -12.45 -1.70 -34.06
CA PRO A 340 -13.25 -0.51 -33.71
C PRO A 340 -14.73 -0.82 -33.48
N VAL A 341 -15.28 -1.80 -34.20
CA VAL A 341 -16.65 -2.19 -33.99
C VAL A 341 -16.79 -2.98 -32.70
N LEU A 342 -15.95 -3.99 -32.51
CA LEU A 342 -16.01 -4.83 -31.32
C LEU A 342 -15.90 -4.01 -30.04
N ARG A 343 -15.08 -2.97 -30.09
CA ARG A 343 -14.92 -2.05 -28.96
C ARG A 343 -16.26 -1.46 -28.55
N GLN A 344 -17.06 -1.08 -29.53
CA GLN A 344 -18.35 -0.46 -29.24
C GLN A 344 -19.34 -1.41 -28.52
N VAL A 345 -19.11 -2.72 -28.56
CA VAL A 345 -19.93 -3.67 -27.80
C VAL A 345 -19.72 -3.51 -26.28
N GLY A 346 -18.50 -3.15 -25.90
CA GLY A 346 -18.16 -2.94 -24.50
C GLY A 346 -18.17 -4.21 -23.65
N ASP A 347 -18.64 -4.06 -22.43
CA ASP A 347 -18.66 -5.11 -21.45
C ASP A 347 -20.09 -5.61 -21.30
N LEU A 348 -20.59 -6.23 -22.36
CA LEU A 348 -21.93 -6.81 -22.38
C LEU A 348 -22.07 -7.91 -21.35
N GLU A 349 -20.97 -8.59 -21.04
CA GLU A 349 -20.97 -9.66 -20.04
C GLU A 349 -21.51 -9.17 -18.71
N ARG A 350 -20.89 -8.14 -18.17
CA ARG A 350 -21.25 -7.65 -16.84
C ARG A 350 -22.62 -6.99 -16.82
N ILE A 351 -23.00 -6.35 -17.92
CA ILE A 351 -24.34 -5.76 -18.05
C ILE A 351 -25.43 -6.83 -17.95
N LEU A 352 -25.23 -7.97 -18.60
CA LEU A 352 -26.23 -9.03 -18.56
C LEU A 352 -26.30 -9.63 -17.18
N ALA A 353 -25.20 -9.55 -16.43
CA ALA A 353 -25.23 -9.97 -15.04
C ALA A 353 -26.18 -9.09 -14.26
N ARG A 354 -26.05 -7.79 -14.44
CA ARG A 354 -26.94 -6.84 -13.76
C ARG A 354 -28.38 -7.02 -14.22
N LEU A 355 -28.58 -7.30 -15.51
CA LEU A 355 -29.90 -7.66 -16.00
C LEU A 355 -30.44 -8.87 -15.23
N ALA A 356 -29.63 -9.89 -15.08
CA ALA A 356 -30.07 -11.10 -14.38
C ALA A 356 -30.42 -10.80 -12.93
N LEU A 357 -29.68 -9.88 -12.33
CA LEU A 357 -29.84 -9.53 -10.93
C LEU A 357 -30.93 -8.48 -10.71
N ARG A 358 -31.49 -7.95 -11.79
CA ARG A 358 -32.52 -6.91 -11.76
C ARG A 358 -31.99 -5.61 -11.16
N THR A 359 -30.72 -5.39 -11.39
CA THR A 359 -29.98 -4.28 -10.85
C THR A 359 -29.59 -3.28 -11.94
N ALA A 360 -29.79 -3.65 -13.20
CA ALA A 360 -29.26 -2.87 -14.33
C ALA A 360 -29.83 -1.46 -14.37
N ARG A 361 -28.93 -0.50 -14.54
CA ARG A 361 -29.31 0.90 -14.61
C ARG A 361 -29.61 1.30 -16.06
N PRO A 362 -30.18 2.48 -16.27
CA PRO A 362 -30.59 2.89 -17.62
C PRO A 362 -29.45 2.96 -18.60
N ARG A 363 -28.27 3.39 -18.17
CA ARG A 363 -27.10 3.42 -19.05
C ARG A 363 -26.59 2.00 -19.36
N ASP A 364 -26.93 1.04 -18.52
CA ASP A 364 -26.69 -0.36 -18.83
C ASP A 364 -27.54 -0.85 -19.97
N LEU A 365 -28.84 -0.59 -19.91
CA LEU A 365 -29.74 -0.92 -21.01
C LEU A 365 -29.40 -0.11 -22.26
N ALA A 366 -28.86 1.09 -22.08
CA ALA A 366 -28.46 1.92 -23.22
C ALA A 366 -27.26 1.33 -23.94
N ARG A 367 -26.27 0.89 -23.17
CA ARG A 367 -25.07 0.28 -23.72
C ARG A 367 -25.36 -1.09 -24.30
N MET A 368 -26.34 -1.79 -23.73
CA MET A 368 -26.76 -3.08 -24.23
C MET A 368 -27.41 -2.87 -25.59
N ARG A 369 -28.20 -1.81 -25.69
CA ARG A 369 -28.82 -1.42 -26.94
C ARG A 369 -27.75 -1.04 -27.97
N HIS A 370 -26.76 -0.24 -27.56
CA HIS A 370 -25.63 0.14 -28.44
C HIS A 370 -24.89 -1.10 -28.96
N ALA A 371 -24.79 -2.13 -28.12
CA ALA A 371 -24.09 -3.35 -28.49
C ALA A 371 -24.87 -4.10 -29.55
N PHE A 372 -26.18 -4.25 -29.35
CA PHE A 372 -27.03 -4.88 -30.35
C PHE A 372 -26.88 -4.21 -31.72
N GLN A 373 -26.63 -2.90 -31.69
CA GLN A 373 -26.55 -2.07 -32.90
C GLN A 373 -25.24 -2.27 -33.67
N GLN A 374 -24.29 -2.96 -33.07
CA GLN A 374 -23.00 -3.29 -33.70
C GLN A 374 -23.01 -4.66 -34.34
N LEU A 375 -24.01 -5.47 -33.99
CA LEU A 375 -24.05 -6.88 -34.38
C LEU A 375 -24.25 -7.07 -35.88
N PRO A 376 -25.15 -6.30 -36.50
CA PRO A 376 -25.27 -6.26 -37.96
C PRO A 376 -23.97 -5.96 -38.70
N GLU A 377 -23.26 -4.92 -38.29
CA GLU A 377 -21.97 -4.61 -38.90
C GLU A 377 -20.97 -5.75 -38.70
N LEU A 378 -20.99 -6.39 -37.54
CA LEU A 378 -20.08 -7.51 -37.25
C LEU A 378 -20.43 -8.76 -38.07
N ARG A 379 -21.72 -9.08 -38.18
CA ARG A 379 -22.19 -10.18 -39.01
C ARG A 379 -21.68 -10.04 -40.45
N ALA A 380 -21.77 -8.83 -41.00
CA ALA A 380 -21.37 -8.56 -42.38
C ALA A 380 -19.85 -8.76 -42.57
N GLN A 381 -19.06 -8.21 -41.66
CA GLN A 381 -17.61 -8.33 -41.74
C GLN A 381 -17.17 -9.78 -41.65
N LEU A 382 -17.89 -10.57 -40.85
CA LEU A 382 -17.52 -11.95 -40.58
C LEU A 382 -18.05 -12.97 -41.59
N GLU A 383 -19.01 -12.60 -42.44
CA GLU A 383 -19.54 -13.59 -43.40
C GLU A 383 -18.49 -13.96 -44.44
N THR A 384 -17.73 -12.96 -44.88
CA THR A 384 -16.67 -13.17 -45.86
C THR A 384 -15.57 -14.14 -45.36
N VAL A 385 -15.27 -14.11 -44.07
CA VAL A 385 -14.15 -14.88 -43.52
C VAL A 385 -14.32 -16.41 -43.64
N ASP A 386 -13.49 -17.00 -44.50
CA ASP A 386 -13.40 -18.46 -44.68
C ASP A 386 -12.84 -19.14 -43.42
N SER A 387 -13.72 -19.74 -42.62
CA SER A 387 -13.34 -20.39 -41.35
C SER A 387 -14.62 -20.86 -40.66
N ALA A 388 -14.79 -22.17 -40.54
CA ALA A 388 -15.93 -22.75 -39.83
C ALA A 388 -16.04 -22.31 -38.34
N PRO A 389 -14.94 -22.34 -37.60
CA PRO A 389 -14.90 -21.76 -36.24
C PRO A 389 -15.38 -20.31 -36.11
N VAL A 390 -14.99 -19.47 -37.07
CA VAL A 390 -15.39 -18.08 -37.05
C VAL A 390 -16.88 -17.96 -37.36
N GLN A 391 -17.38 -18.80 -38.25
CA GLN A 391 -18.80 -18.77 -38.60
C GLN A 391 -19.63 -19.27 -37.42
N ALA A 392 -19.10 -20.25 -36.69
CA ALA A 392 -19.72 -20.72 -35.45
C ALA A 392 -19.86 -19.60 -34.43
N LEU A 393 -18.83 -18.77 -34.28
CA LEU A 393 -18.88 -17.62 -33.39
C LEU A 393 -19.86 -16.56 -33.89
N ARG A 394 -19.87 -16.33 -35.20
CA ARG A 394 -20.78 -15.37 -35.82
C ARG A 394 -22.24 -15.72 -35.51
N GLU A 395 -22.55 -17.02 -35.51
CA GLU A 395 -23.92 -17.48 -35.29
C GLU A 395 -24.27 -17.39 -33.80
N LYS A 396 -23.33 -17.82 -32.96
CA LYS A 396 -23.45 -17.75 -31.52
C LYS A 396 -23.68 -16.29 -31.07
N MET A 397 -23.05 -15.36 -31.79
CA MET A 397 -23.11 -13.91 -31.53
C MET A 397 -24.53 -13.33 -31.65
N GLY A 398 -25.41 -14.00 -32.40
CA GLY A 398 -26.81 -13.64 -32.48
C GLY A 398 -27.03 -12.29 -33.14
N GLU A 399 -28.24 -11.77 -33.01
CA GLU A 399 -28.57 -10.45 -33.56
C GLU A 399 -29.57 -9.67 -32.71
N PHE A 400 -30.61 -10.34 -32.24
CA PHE A 400 -31.53 -9.73 -31.28
C PHE A 400 -32.17 -8.44 -31.81
N ALA A 401 -32.63 -8.49 -33.05
CA ALA A 401 -33.25 -7.32 -33.69
C ALA A 401 -34.48 -6.82 -32.94
N GLU A 402 -35.30 -7.75 -32.44
CA GLU A 402 -36.48 -7.40 -31.66
C GLU A 402 -36.17 -6.65 -30.36
N LEU A 403 -35.12 -7.08 -29.65
CA LEU A 403 -34.77 -6.50 -28.35
C LEU A 403 -34.07 -5.16 -28.54
N ARG A 404 -33.28 -5.05 -29.60
CA ARG A 404 -32.72 -3.77 -30.01
C ARG A 404 -33.84 -2.76 -30.29
N ASP A 405 -34.88 -3.20 -30.98
CA ASP A 405 -35.99 -2.32 -31.32
C ASP A 405 -36.71 -1.88 -30.05
N LEU A 406 -36.93 -2.83 -29.15
CA LEU A 406 -37.57 -2.58 -27.87
C LEU A 406 -36.83 -1.49 -27.08
N LEU A 407 -35.51 -1.60 -26.99
CA LEU A 407 -34.74 -0.62 -26.23
C LEU A 407 -34.68 0.73 -26.93
N GLU A 408 -34.79 0.76 -28.26
CA GLU A 408 -34.80 2.04 -29.00
C GLU A 408 -36.11 2.83 -28.78
N ARG A 409 -37.21 2.10 -28.65
CA ARG A 409 -38.54 2.66 -28.39
C ARG A 409 -38.79 2.93 -26.90
N ALA A 410 -38.05 2.26 -26.01
CA ALA A 410 -38.35 2.26 -24.57
C ALA A 410 -37.59 3.35 -23.85
N ILE A 411 -36.37 3.60 -24.29
CA ILE A 411 -35.44 4.42 -23.54
C ILE A 411 -34.90 5.53 -24.43
N ILE A 412 -34.66 6.69 -23.82
CA ILE A 412 -34.15 7.84 -24.57
C ILE A 412 -32.66 7.66 -24.89
N ASP A 413 -32.09 8.58 -25.66
CA ASP A 413 -30.77 8.38 -26.23
C ASP A 413 -29.69 8.31 -25.17
N THR A 414 -29.64 9.33 -24.30
CA THR A 414 -28.68 9.37 -23.22
C THR A 414 -29.38 9.56 -21.87
N PRO A 415 -29.92 8.46 -21.31
CA PRO A 415 -30.67 8.52 -20.05
C PRO A 415 -29.79 8.86 -18.85
N PRO A 416 -30.37 9.27 -17.72
CA PRO A 416 -29.59 9.58 -16.53
C PRO A 416 -29.10 8.30 -15.85
N VAL A 417 -28.30 8.45 -14.80
CA VAL A 417 -27.64 7.32 -14.17
C VAL A 417 -28.63 6.39 -13.46
N LEU A 418 -29.71 6.98 -12.94
CA LEU A 418 -30.69 6.24 -12.15
C LEU A 418 -32.10 6.42 -12.69
N VAL A 419 -32.98 5.44 -12.45
CA VAL A 419 -34.42 5.58 -12.69
C VAL A 419 -35.16 6.33 -11.59
N ARG A 420 -34.50 6.54 -10.46
CA ARG A 420 -35.10 7.15 -9.27
C ARG A 420 -35.81 8.48 -9.58
N ASP A 421 -35.14 9.37 -10.31
CA ASP A 421 -35.70 10.70 -10.64
C ASP A 421 -36.50 10.78 -11.94
N GLY A 422 -36.77 9.65 -12.58
CA GLY A 422 -37.49 9.62 -13.85
C GLY A 422 -36.68 10.12 -15.03
N GLY A 423 -37.38 10.51 -16.09
CA GLY A 423 -36.74 10.95 -17.32
C GLY A 423 -35.94 9.86 -18.01
N VAL A 424 -36.45 8.64 -17.98
CA VAL A 424 -35.75 7.46 -18.54
C VAL A 424 -36.51 6.87 -19.73
N ILE A 425 -37.80 6.62 -19.56
CA ILE A 425 -38.64 6.09 -20.62
C ILE A 425 -38.87 7.19 -21.65
N ALA A 426 -38.96 6.82 -22.92
CA ALA A 426 -39.06 7.79 -24.02
C ALA A 426 -40.51 8.07 -24.36
N SER A 427 -40.75 9.14 -25.13
CA SER A 427 -42.10 9.48 -25.54
C SER A 427 -42.63 8.48 -26.56
N GLY A 428 -43.90 8.12 -26.42
CA GLY A 428 -44.58 7.29 -27.39
C GLY A 428 -44.61 5.81 -27.03
N TYR A 429 -43.84 5.40 -26.04
CA TYR A 429 -43.72 4.00 -25.64
C TYR A 429 -44.92 3.53 -24.82
N ASN A 430 -45.39 4.39 -23.94
CA ASN A 430 -46.59 4.13 -23.14
C ASN A 430 -47.44 5.38 -23.12
N GLU A 431 -48.70 5.26 -23.58
CA GLU A 431 -49.57 6.43 -23.76
C GLU A 431 -50.06 7.02 -22.43
N GLU A 432 -50.42 6.16 -21.47
CA GLU A 432 -50.73 6.60 -20.12
C GLU A 432 -49.61 7.46 -19.52
N LEU A 433 -48.35 7.12 -19.83
CA LEU A 433 -47.20 7.86 -19.32
C LEU A 433 -47.05 9.22 -20.01
N ASP A 434 -47.27 9.26 -21.31
CA ASP A 434 -47.26 10.53 -22.05
C ASP A 434 -48.37 11.44 -21.55
N GLU A 435 -49.55 10.86 -21.36
CA GLU A 435 -50.74 11.52 -20.80
C GLU A 435 -50.42 12.15 -19.44
N TRP A 436 -49.65 11.46 -18.61
CA TRP A 436 -49.27 11.95 -17.29
C TRP A 436 -48.18 13.04 -17.36
N ARG A 437 -47.24 12.84 -18.28
CA ARG A 437 -46.18 13.82 -18.54
C ARG A 437 -46.77 15.12 -19.04
N ALA A 438 -47.84 15.00 -19.83
CA ALA A 438 -48.56 16.12 -20.41
C ALA A 438 -49.01 17.11 -19.33
N LEU A 439 -49.47 16.59 -18.20
CA LEU A 439 -49.97 17.39 -17.10
C LEU A 439 -48.85 18.12 -16.34
N ALA A 440 -47.88 17.37 -15.80
CA ALA A 440 -46.72 17.97 -15.12
C ALA A 440 -45.72 18.55 -16.14
N ASP A 441 -46.18 19.51 -16.94
CA ASP A 441 -45.45 20.01 -18.12
C ASP A 441 -46.22 21.15 -18.81
N GLY A 442 -47.55 21.10 -18.79
CA GLY A 442 -48.36 22.29 -18.97
C GLY A 442 -48.28 23.00 -17.63
N ALA A 443 -47.07 23.47 -17.32
CA ALA A 443 -46.65 23.73 -15.96
C ALA A 443 -45.95 25.09 -15.86
N THR A 444 -44.74 25.20 -16.42
CA THR A 444 -43.97 26.47 -16.38
C THR A 444 -44.50 27.48 -17.40
N ASP A 445 -45.21 26.99 -18.42
CA ASP A 445 -46.03 27.85 -19.29
C ASP A 445 -47.23 28.40 -18.51
N TYR A 446 -47.86 27.56 -17.67
CA TYR A 446 -49.00 28.00 -16.85
C TYR A 446 -48.59 28.96 -15.75
N LEU A 447 -47.44 28.71 -15.13
CA LEU A 447 -46.96 29.48 -13.99
C LEU A 447 -46.42 30.80 -14.43
N GLU A 448 -45.88 30.88 -15.64
CA GLU A 448 -45.44 32.16 -16.16
C GLU A 448 -46.69 32.98 -16.45
N ARG A 449 -47.74 32.32 -16.93
CA ARG A 449 -48.97 33.02 -17.31
C ARG A 449 -49.65 33.57 -16.07
N LEU A 450 -49.80 32.73 -15.05
CA LEU A 450 -50.29 33.17 -13.76
C LEU A 450 -49.42 34.26 -13.20
N GLU A 451 -48.11 34.16 -13.39
CA GLU A 451 -47.17 35.14 -12.84
C GLU A 451 -47.36 36.54 -13.48
N VAL A 452 -47.48 36.57 -14.80
CA VAL A 452 -47.61 37.83 -15.52
C VAL A 452 -48.99 38.40 -15.27
N ARG A 453 -50.01 37.55 -15.38
CA ARG A 453 -51.36 37.92 -15.05
C ARG A 453 -51.45 38.59 -13.68
N GLU A 454 -50.84 38.01 -12.65
CA GLU A 454 -51.01 38.53 -11.28
C GLU A 454 -50.12 39.75 -11.01
N ARG A 455 -48.93 39.79 -11.61
CA ARG A 455 -48.07 40.98 -11.54
C ARG A 455 -48.75 42.20 -12.18
N GLU A 456 -49.37 41.99 -13.33
CA GLU A 456 -50.01 43.07 -14.10
C GLU A 456 -51.32 43.53 -13.46
N ARG A 457 -52.06 42.58 -12.88
CA ARG A 457 -53.30 42.86 -12.17
C ARG A 457 -53.07 43.63 -10.87
N THR A 458 -52.09 43.22 -10.07
CA THR A 458 -51.80 43.88 -8.78
C THR A 458 -50.97 45.15 -8.98
N GLY A 459 -50.31 45.24 -10.12
CA GLY A 459 -49.37 46.32 -10.38
C GLY A 459 -48.19 46.33 -9.43
N LEU A 460 -47.75 45.15 -8.97
CA LEU A 460 -46.63 45.01 -8.04
C LEU A 460 -45.50 44.31 -8.77
N ASP A 461 -44.50 45.10 -9.19
CA ASP A 461 -43.50 44.64 -10.16
C ASP A 461 -42.43 43.67 -9.63
N THR A 462 -42.40 43.40 -8.33
CA THR A 462 -41.51 42.37 -7.78
C THR A 462 -42.20 41.01 -7.77
N LEU A 463 -43.50 40.97 -8.05
CA LEU A 463 -44.26 39.73 -8.00
C LEU A 463 -43.63 38.64 -8.90
N LYS A 464 -43.23 37.53 -8.29
CA LYS A 464 -42.74 36.36 -9.02
C LYS A 464 -43.46 35.12 -8.55
N VAL A 465 -43.40 34.06 -9.34
CA VAL A 465 -43.95 32.77 -8.93
C VAL A 465 -42.79 31.78 -8.78
N GLY A 466 -42.83 31.01 -7.70
CA GLY A 466 -41.81 30.01 -7.44
C GLY A 466 -42.32 28.75 -6.77
N PHE A 467 -41.38 27.81 -6.62
CA PHE A 467 -41.58 26.59 -5.88
C PHE A 467 -40.42 26.39 -4.91
N ASN A 468 -40.76 25.75 -3.79
CA ASN A 468 -39.85 25.50 -2.70
C ASN A 468 -40.33 24.14 -2.16
N ALA A 469 -39.43 23.19 -1.98
CA ALA A 469 -39.83 21.81 -1.65
C ALA A 469 -40.54 21.71 -0.29
N VAL A 470 -40.19 22.64 0.59
CA VAL A 470 -40.72 22.64 1.96
C VAL A 470 -42.10 23.31 2.09
N HIS A 471 -42.37 24.36 1.32
CA HIS A 471 -43.62 25.12 1.43
C HIS A 471 -44.51 25.04 0.17
N GLY A 472 -44.06 24.34 -0.86
CA GLY A 472 -44.80 24.24 -2.12
C GLY A 472 -44.71 25.48 -3.01
N TYR A 473 -45.62 25.57 -3.96
CA TYR A 473 -45.74 26.76 -4.84
C TYR A 473 -46.18 28.03 -4.09
N TYR A 474 -45.67 29.17 -4.54
CA TYR A 474 -45.97 30.44 -3.89
C TYR A 474 -46.02 31.61 -4.87
N ILE A 475 -46.62 32.72 -4.46
CA ILE A 475 -46.48 34.00 -5.13
C ILE A 475 -45.63 34.90 -4.22
N GLN A 476 -44.48 35.33 -4.70
CA GLN A 476 -43.59 36.15 -3.91
C GLN A 476 -43.78 37.61 -4.24
N ILE A 477 -43.81 38.46 -3.22
CA ILE A 477 -43.77 39.90 -3.36
C ILE A 477 -42.73 40.40 -2.37
N SER A 478 -41.98 41.43 -2.74
CA SER A 478 -40.94 41.97 -1.89
C SER A 478 -41.54 42.59 -0.62
N ARG A 479 -40.70 42.79 0.40
CA ARG A 479 -41.14 43.30 1.69
C ARG A 479 -41.84 44.66 1.55
N GLY A 480 -41.16 45.61 0.88
CA GLY A 480 -41.70 46.94 0.64
C GLY A 480 -42.96 47.05 -0.23
N GLN A 481 -43.41 45.96 -0.87
CA GLN A 481 -44.64 45.94 -1.69
C GLN A 481 -45.71 44.98 -1.15
N SER A 482 -45.38 44.22 -0.10
CA SER A 482 -46.22 43.15 0.41
C SER A 482 -47.42 43.64 1.21
N HIS A 483 -47.31 44.85 1.74
CA HIS A 483 -48.46 45.50 2.41
C HIS A 483 -49.55 45.92 1.42
N LEU A 484 -49.27 45.77 0.12
CA LEU A 484 -50.23 46.10 -0.94
C LEU A 484 -50.88 44.87 -1.58
N ALA A 485 -50.51 43.68 -1.10
CA ALA A 485 -50.98 42.42 -1.70
C ALA A 485 -52.47 42.30 -1.53
N PRO A 486 -53.15 41.59 -2.44
CA PRO A 486 -54.58 41.34 -2.22
C PRO A 486 -54.85 40.75 -0.83
N ILE A 487 -56.05 41.00 -0.32
CA ILE A 487 -56.51 40.47 0.93
C ILE A 487 -56.76 38.95 0.80
N ASN A 488 -57.11 38.53 -0.42
CA ASN A 488 -57.17 37.13 -0.90
C ASN A 488 -55.90 36.28 -0.73
N TYR A 489 -54.74 36.93 -0.77
CA TYR A 489 -53.46 36.23 -0.71
C TYR A 489 -53.26 35.69 0.69
N MET A 490 -53.05 34.38 0.79
CA MET A 490 -52.94 33.67 2.05
C MET A 490 -51.45 33.53 2.30
N ARG A 491 -51.00 34.07 3.43
CA ARG A 491 -49.59 34.01 3.79
C ARG A 491 -49.18 32.56 4.01
N ARG A 492 -48.07 32.19 3.36
CA ARG A 492 -47.59 30.83 3.31
C ARG A 492 -46.16 30.73 3.85
N GLN A 493 -45.28 31.65 3.42
CA GLN A 493 -43.90 31.71 3.88
C GLN A 493 -43.30 33.14 3.89
N THR A 494 -42.78 33.52 5.06
CA THR A 494 -42.12 34.79 5.26
C THR A 494 -40.60 34.66 5.25
N LEU A 495 -39.95 35.62 4.59
CA LEU A 495 -38.50 35.73 4.51
C LEU A 495 -38.06 37.14 4.92
N LYS A 496 -36.76 37.38 4.96
CA LYS A 496 -36.23 38.66 5.42
C LYS A 496 -36.75 39.84 4.61
N ASN A 497 -36.58 39.78 3.29
CA ASN A 497 -36.96 40.88 2.41
C ASN A 497 -38.00 40.48 1.41
N ALA A 498 -38.83 39.50 1.77
CA ALA A 498 -39.91 39.04 0.89
C ALA A 498 -40.99 38.28 1.64
N GLU A 499 -42.15 38.17 1.01
CA GLU A 499 -43.33 37.53 1.59
C GLU A 499 -43.95 36.66 0.51
N ARG A 500 -44.30 35.42 0.84
CA ARG A 500 -44.78 34.48 -0.16
C ARG A 500 -46.16 34.04 0.20
N TYR A 501 -47.01 33.86 -0.81
CA TYR A 501 -48.42 33.61 -0.58
C TYR A 501 -48.95 32.47 -1.40
N ILE A 502 -50.18 32.08 -1.10
CA ILE A 502 -50.87 31.07 -1.87
C ILE A 502 -52.32 31.49 -2.09
N ILE A 503 -52.87 31.08 -3.24
CA ILE A 503 -54.28 31.30 -3.56
C ILE A 503 -54.87 29.96 -4.05
N PRO A 504 -56.17 29.78 -3.97
CA PRO A 504 -56.81 28.49 -4.34
C PRO A 504 -56.42 27.92 -5.71
N GLU A 505 -56.30 28.77 -6.73
CA GLU A 505 -55.94 28.33 -8.08
C GLU A 505 -54.50 27.80 -8.16
N LEU A 506 -53.60 28.37 -7.38
CA LEU A 506 -52.23 27.90 -7.31
C LEU A 506 -52.13 26.63 -6.47
N LYS A 507 -52.94 26.54 -5.42
CA LYS A 507 -52.94 25.37 -4.55
C LYS A 507 -53.50 24.15 -5.30
N GLU A 508 -54.48 24.38 -6.16
CA GLU A 508 -55.06 23.35 -7.01
C GLU A 508 -54.05 22.91 -8.06
N TYR A 509 -53.37 23.86 -8.69
CA TYR A 509 -52.33 23.53 -9.65
C TYR A 509 -51.14 22.84 -8.96
N GLU A 510 -50.92 23.14 -7.68
CA GLU A 510 -49.89 22.45 -6.93
C GLU A 510 -50.28 20.98 -6.73
N ASP A 511 -51.54 20.74 -6.38
CA ASP A 511 -52.02 19.39 -6.10
C ASP A 511 -52.05 18.50 -7.35
N LYS A 512 -52.30 19.09 -8.51
CA LYS A 512 -52.44 18.35 -9.75
C LYS A 512 -51.07 18.05 -10.37
N VAL A 513 -50.13 18.97 -10.26
CA VAL A 513 -48.77 18.73 -10.76
C VAL A 513 -48.03 17.69 -9.91
N LEU A 514 -48.20 17.74 -8.59
CA LEU A 514 -47.48 16.83 -7.70
C LEU A 514 -48.04 15.42 -7.74
N THR A 515 -49.37 15.28 -7.70
CA THR A 515 -49.98 13.95 -7.77
C THR A 515 -49.71 13.30 -9.13
N SER A 516 -49.57 14.11 -10.18
CA SER A 516 -49.30 13.59 -11.52
C SER A 516 -47.80 13.34 -11.77
N LYS A 517 -46.91 13.97 -11.00
CA LYS A 517 -45.47 13.76 -11.12
C LYS A 517 -45.09 12.43 -10.46
N GLY A 518 -45.79 12.11 -9.37
CA GLY A 518 -45.58 10.86 -8.66
C GLY A 518 -46.18 9.68 -9.40
N LYS A 519 -47.35 9.90 -9.99
CA LYS A 519 -48.01 8.91 -10.85
C LYS A 519 -47.14 8.57 -12.06
N ALA A 520 -46.52 9.59 -12.66
CA ALA A 520 -45.64 9.40 -13.82
C ALA A 520 -44.35 8.69 -13.45
N LEU A 521 -43.90 8.84 -12.21
CA LEU A 521 -42.66 8.21 -11.80
C LEU A 521 -42.89 6.76 -11.46
N ALA A 522 -44.00 6.50 -10.79
CA ALA A 522 -44.43 5.16 -10.45
C ALA A 522 -44.58 4.34 -11.71
N LEU A 523 -45.20 4.92 -12.73
CA LEU A 523 -45.46 4.20 -13.98
C LEU A 523 -44.18 3.95 -14.78
N GLU A 524 -43.30 4.93 -14.80
CA GLU A 524 -41.96 4.77 -15.37
C GLU A 524 -41.20 3.61 -14.72
N LYS A 525 -41.24 3.55 -13.39
CA LYS A 525 -40.55 2.52 -12.62
C LYS A 525 -41.16 1.16 -12.90
N GLN A 526 -42.46 1.13 -13.13
CA GLN A 526 -43.17 -0.10 -13.45
C GLN A 526 -42.87 -0.58 -14.86
N LEU A 527 -42.69 0.38 -15.78
CA LEU A 527 -42.39 0.08 -17.17
C LEU A 527 -40.93 -0.37 -17.32
N TYR A 528 -40.06 0.16 -16.47
CA TYR A 528 -38.64 -0.12 -16.52
C TYR A 528 -38.39 -1.52 -15.92
N GLU A 529 -39.12 -1.85 -14.86
CA GLU A 529 -39.04 -3.19 -14.31
C GLU A 529 -39.60 -4.18 -15.33
N GLU A 530 -40.60 -3.76 -16.09
CA GLU A 530 -41.18 -4.56 -17.17
C GLU A 530 -40.19 -4.77 -18.31
N LEU A 531 -39.29 -3.83 -18.52
CA LEU A 531 -38.21 -3.99 -19.49
C LEU A 531 -37.38 -5.25 -19.15
N PHE A 532 -37.12 -5.48 -17.87
CA PHE A 532 -36.42 -6.67 -17.42
C PHE A 532 -37.21 -7.95 -17.77
N ASP A 533 -38.51 -7.95 -17.50
CA ASP A 533 -39.36 -9.13 -17.73
C ASP A 533 -39.38 -9.56 -19.19
N LEU A 534 -39.17 -8.61 -20.11
CA LEU A 534 -39.17 -8.88 -21.54
C LEU A 534 -37.81 -9.29 -22.07
N LEU A 535 -36.74 -8.79 -21.47
CA LEU A 535 -35.39 -9.16 -21.87
C LEU A 535 -34.95 -10.51 -21.28
N LEU A 536 -35.38 -10.78 -20.05
CA LEU A 536 -34.88 -11.89 -19.25
C LEU A 536 -35.09 -13.31 -19.84
N PRO A 537 -36.23 -13.56 -20.48
CA PRO A 537 -36.45 -14.85 -21.17
C PRO A 537 -35.40 -15.20 -22.24
N HIS A 538 -34.66 -14.22 -22.74
CA HIS A 538 -33.61 -14.43 -23.74
C HIS A 538 -32.22 -14.43 -23.12
N LEU A 539 -32.14 -14.61 -21.80
CA LEU A 539 -30.86 -14.43 -21.10
C LEU A 539 -29.82 -15.45 -21.56
N GLU A 540 -30.23 -16.68 -21.83
CA GLU A 540 -29.30 -17.74 -22.24
C GLU A 540 -28.58 -17.31 -23.52
N ALA A 541 -29.35 -16.98 -24.56
CA ALA A 541 -28.76 -16.52 -25.81
C ALA A 541 -27.94 -15.25 -25.62
N LEU A 542 -28.39 -14.35 -24.75
CA LEU A 542 -27.65 -13.11 -24.53
C LEU A 542 -26.27 -13.43 -23.97
N GLN A 543 -26.22 -14.34 -22.99
CA GLN A 543 -24.97 -14.76 -22.37
C GLN A 543 -24.01 -15.42 -23.39
N GLN A 544 -24.58 -16.25 -24.27
CA GLN A 544 -23.83 -16.87 -25.34
C GLN A 544 -23.29 -15.84 -26.37
N SER A 545 -24.07 -14.81 -26.66
CA SER A 545 -23.61 -13.73 -27.51
C SER A 545 -22.39 -12.99 -26.90
N ALA A 546 -22.45 -12.67 -25.60
CA ALA A 546 -21.37 -11.95 -24.95
C ALA A 546 -20.13 -12.81 -24.91
N SER A 547 -20.33 -14.10 -24.72
CA SER A 547 -19.20 -15.02 -24.66
C SER A 547 -18.51 -15.08 -26.02
N ALA A 548 -19.32 -15.24 -27.08
CA ALA A 548 -18.82 -15.20 -28.45
C ALA A 548 -18.06 -13.92 -28.75
N LEU A 549 -18.58 -12.80 -28.27
CA LEU A 549 -18.01 -11.50 -28.56
C LEU A 549 -16.70 -11.35 -27.83
N ALA A 550 -16.64 -11.88 -26.61
CA ALA A 550 -15.44 -11.89 -25.82
C ALA A 550 -14.36 -12.75 -26.49
N GLU A 551 -14.76 -13.93 -26.98
CA GLU A 551 -13.84 -14.83 -27.67
C GLU A 551 -13.36 -14.23 -28.97
N LEU A 552 -14.26 -13.52 -29.65
CA LEU A 552 -13.95 -12.95 -30.95
C LEU A 552 -12.87 -11.91 -30.70
N ASP A 553 -13.14 -11.06 -29.72
CA ASP A 553 -12.21 -10.01 -29.31
C ASP A 553 -10.82 -10.62 -29.04
N VAL A 554 -10.81 -11.71 -28.26
CA VAL A 554 -9.57 -12.36 -27.90
C VAL A 554 -8.82 -12.85 -29.13
N LEU A 555 -9.53 -13.53 -30.01
CA LEU A 555 -8.93 -14.19 -31.16
C LEU A 555 -8.47 -13.18 -32.20
N VAL A 556 -9.32 -12.21 -32.49
CA VAL A 556 -8.95 -11.08 -33.33
C VAL A 556 -7.66 -10.42 -32.82
N ASN A 557 -7.53 -10.31 -31.51
CA ASN A 557 -6.37 -9.70 -30.89
C ASN A 557 -5.13 -10.52 -31.13
N LEU A 558 -5.25 -11.84 -30.94
CA LEU A 558 -4.14 -12.76 -31.15
C LEU A 558 -3.71 -12.76 -32.62
N ALA A 559 -4.65 -12.52 -33.52
CA ALA A 559 -4.32 -12.36 -34.93
C ALA A 559 -3.44 -11.14 -35.16
N GLU A 560 -3.84 -10.02 -34.57
CA GLU A 560 -3.13 -8.78 -34.75
C GLU A 560 -1.73 -8.87 -34.12
N ARG A 561 -1.66 -9.45 -32.93
CA ARG A 561 -0.40 -9.67 -32.22
C ARG A 561 0.56 -10.57 -33.00
N ALA A 562 0.02 -11.62 -33.62
CA ALA A 562 0.79 -12.56 -34.42
C ALA A 562 1.38 -11.85 -35.62
N TYR A 563 0.61 -10.94 -36.22
CA TYR A 563 1.07 -10.16 -37.36
C TYR A 563 2.16 -9.20 -36.92
N THR A 564 1.85 -8.40 -35.92
CA THR A 564 2.71 -7.27 -35.58
C THR A 564 4.04 -7.71 -34.96
N LEU A 565 3.98 -8.73 -34.11
CA LEU A 565 5.15 -9.15 -33.35
C LEU A 565 5.91 -10.27 -34.05
N ASN A 566 5.44 -10.64 -35.24
CA ASN A 566 6.06 -11.69 -36.06
C ASN A 566 6.07 -13.08 -35.41
N TYR A 567 4.89 -13.62 -35.13
CA TYR A 567 4.76 -14.98 -34.60
C TYR A 567 4.34 -15.96 -35.72
N THR A 568 4.63 -17.26 -35.58
CA THR A 568 4.14 -18.29 -36.52
C THR A 568 3.33 -19.36 -35.81
N CYS A 569 2.60 -20.14 -36.59
CA CYS A 569 1.78 -21.22 -36.08
C CYS A 569 2.66 -22.38 -35.68
N PRO A 570 2.55 -22.87 -34.44
CA PRO A 570 3.23 -24.09 -34.03
C PRO A 570 2.48 -25.34 -34.51
N THR A 571 3.17 -26.46 -34.63
CA THR A 571 2.50 -27.72 -34.87
C THR A 571 2.64 -28.64 -33.65
N PHE A 572 1.68 -29.56 -33.49
CA PHE A 572 1.69 -30.51 -32.39
C PHE A 572 2.11 -31.91 -32.86
N ILE A 573 2.82 -32.65 -32.01
CA ILE A 573 3.28 -34.00 -32.32
C ILE A 573 2.77 -35.03 -31.27
N ASP A 574 2.95 -36.33 -31.55
CA ASP A 574 2.39 -37.44 -30.74
C ASP A 574 3.09 -37.62 -29.41
N LYS A 575 4.41 -37.40 -29.42
CA LYS A 575 5.29 -37.74 -28.31
C LYS A 575 5.88 -36.50 -27.66
N PRO A 576 6.34 -36.61 -26.41
CA PRO A 576 6.87 -35.44 -25.72
C PRO A 576 8.08 -34.91 -26.45
N GLY A 577 8.15 -33.60 -26.65
CA GLY A 577 9.29 -32.98 -27.29
C GLY A 577 8.99 -31.53 -27.60
N ILE A 578 10.04 -30.73 -27.73
CA ILE A 578 9.89 -29.34 -28.14
C ILE A 578 10.99 -29.01 -29.13
N ARG A 579 10.62 -28.56 -30.31
CA ARG A 579 11.61 -28.16 -31.30
C ARG A 579 11.38 -26.74 -31.74
N ILE A 580 12.25 -25.85 -31.29
CA ILE A 580 12.18 -24.43 -31.61
C ILE A 580 13.29 -24.04 -32.58
N THR A 581 12.90 -23.33 -33.62
CA THR A 581 13.83 -22.65 -34.49
C THR A 581 13.67 -21.15 -34.31
N GLU A 582 14.77 -20.48 -33.96
CA GLU A 582 14.84 -19.03 -33.84
C GLU A 582 13.75 -18.49 -32.92
N GLY A 583 13.73 -19.00 -31.70
CA GLY A 583 12.75 -18.64 -30.70
C GLY A 583 13.23 -17.48 -29.85
N ARG A 584 12.28 -16.71 -29.34
CA ARG A 584 12.53 -15.50 -28.59
C ARG A 584 11.66 -15.46 -27.33
N HIS A 585 12.11 -14.72 -26.32
CA HIS A 585 11.31 -14.49 -25.14
C HIS A 585 10.35 -13.39 -25.53
N PRO A 586 9.04 -13.70 -25.57
CA PRO A 586 8.05 -12.77 -26.10
C PRO A 586 8.02 -11.42 -25.40
N VAL A 587 8.40 -11.37 -24.12
CA VAL A 587 8.34 -10.15 -23.35
C VAL A 587 9.69 -9.46 -23.35
N VAL A 588 10.77 -10.16 -23.07
CA VAL A 588 12.10 -9.54 -22.98
C VAL A 588 12.49 -8.87 -24.30
N GLU A 589 12.06 -9.42 -25.43
CA GLU A 589 12.37 -8.86 -26.74
C GLU A 589 11.69 -7.52 -27.04
N GLN A 590 10.65 -7.17 -26.30
CA GLN A 590 9.91 -5.93 -26.53
C GLN A 590 10.36 -4.81 -25.59
N VAL A 591 11.00 -5.16 -24.47
CA VAL A 591 11.50 -4.17 -23.50
C VAL A 591 12.97 -3.85 -23.74
N LEU A 592 13.72 -4.83 -24.25
CA LEU A 592 15.16 -4.63 -24.51
C LEU A 592 15.40 -3.56 -25.59
N ASN A 593 16.27 -2.60 -25.28
CA ASN A 593 16.73 -1.60 -26.26
C ASN A 593 18.06 -2.07 -26.88
N GLU A 594 17.90 -3.04 -27.78
CA GLU A 594 18.99 -3.78 -28.47
C GLU A 594 18.36 -5.11 -28.92
N PRO A 595 18.83 -5.67 -30.03
CA PRO A 595 18.12 -6.79 -30.65
C PRO A 595 18.15 -8.03 -29.77
N PHE A 596 17.13 -8.86 -29.91
CA PHE A 596 17.07 -10.11 -29.17
C PHE A 596 17.73 -11.24 -29.94
N ILE A 597 18.57 -12.01 -29.28
CA ILE A 597 19.24 -13.12 -29.91
C ILE A 597 18.33 -14.35 -29.91
N ALA A 598 17.81 -14.71 -31.07
CA ALA A 598 16.97 -15.90 -31.16
C ALA A 598 17.83 -17.14 -30.94
N ASN A 599 17.23 -18.16 -30.35
CA ASN A 599 17.93 -19.40 -30.03
C ASN A 599 17.07 -20.63 -30.33
N PRO A 600 17.73 -21.71 -30.74
CA PRO A 600 17.04 -22.97 -30.96
C PRO A 600 16.82 -23.77 -29.67
N LEU A 601 16.01 -24.80 -29.78
CA LEU A 601 15.91 -25.84 -28.78
C LEU A 601 15.48 -27.14 -29.42
N ASN A 602 16.11 -28.23 -29.01
CA ASN A 602 15.66 -29.56 -29.42
C ASN A 602 15.56 -30.42 -28.19
N LEU A 603 14.34 -30.60 -27.70
CA LEU A 603 14.03 -31.58 -26.66
C LEU A 603 13.24 -32.69 -27.29
N SER A 604 13.54 -33.90 -26.86
CA SER A 604 12.86 -35.11 -27.32
C SER A 604 12.99 -36.25 -26.28
N PRO A 605 12.31 -37.37 -26.46
CA PRO A 605 12.45 -38.49 -25.49
C PRO A 605 13.86 -39.08 -25.42
N GLN A 606 14.63 -38.96 -26.48
CA GLN A 606 16.04 -39.40 -26.46
C GLN A 606 16.96 -38.28 -25.95
N ARG A 607 16.51 -37.04 -26.09
CA ARG A 607 17.26 -35.92 -25.61
C ARG A 607 16.32 -35.10 -24.76
N ARG A 608 16.18 -35.50 -23.50
CA ARG A 608 15.13 -34.95 -22.63
C ARG A 608 15.59 -34.02 -21.52
N MET A 609 16.89 -33.98 -21.24
CA MET A 609 17.46 -33.09 -20.22
C MET A 609 18.67 -32.35 -20.76
N LEU A 610 18.65 -31.03 -20.68
CA LEU A 610 19.82 -30.22 -21.00
C LEU A 610 20.38 -29.61 -19.72
N ILE A 611 21.59 -29.99 -19.38
CA ILE A 611 22.38 -29.21 -18.44
C ILE A 611 22.75 -27.93 -19.16
N ILE A 612 22.35 -26.79 -18.63
CA ILE A 612 22.68 -25.53 -19.25
C ILE A 612 23.70 -24.83 -18.40
N THR A 613 24.89 -24.56 -18.94
CA THR A 613 25.87 -23.74 -18.26
C THR A 613 26.01 -22.43 -19.01
N GLY A 614 26.99 -21.64 -18.57
CA GLY A 614 27.23 -20.32 -19.08
C GLY A 614 27.36 -19.40 -17.88
N PRO A 615 27.87 -18.19 -18.11
CA PRO A 615 28.20 -17.30 -16.99
C PRO A 615 26.94 -16.71 -16.38
N ASN A 616 27.10 -16.11 -15.21
CA ASN A 616 26.09 -15.26 -14.62
C ASN A 616 25.84 -14.07 -15.54
N MET A 617 24.57 -13.80 -15.80
CA MET A 617 24.08 -12.77 -16.75
C MET A 617 24.13 -13.22 -18.22
N GLY A 618 24.41 -14.51 -18.44
CA GLY A 618 24.58 -15.10 -19.77
C GLY A 618 23.31 -15.42 -20.56
N GLY A 619 22.21 -15.67 -19.86
CA GLY A 619 20.90 -15.81 -20.48
C GLY A 619 20.22 -17.15 -20.23
N LYS A 620 20.66 -17.86 -19.20
CA LYS A 620 20.20 -19.21 -18.96
C LYS A 620 18.73 -19.20 -18.50
N SER A 621 18.44 -18.34 -17.54
CA SER A 621 17.10 -18.22 -17.00
C SER A 621 16.13 -17.84 -18.10
N THR A 622 16.54 -16.90 -18.95
CA THR A 622 15.69 -16.32 -20.00
C THR A 622 15.32 -17.39 -21.01
N TYR A 623 16.33 -18.15 -21.39
CA TYR A 623 16.19 -19.25 -22.32
C TYR A 623 15.22 -20.30 -21.83
N MET A 624 15.25 -20.54 -20.54
CA MET A 624 14.39 -21.50 -19.89
C MET A 624 12.97 -20.97 -19.83
N ARG A 625 12.83 -19.73 -19.39
CA ARG A 625 11.54 -19.03 -19.36
C ARG A 625 10.89 -18.96 -20.74
N GLN A 626 11.67 -18.69 -21.78
CA GLN A 626 11.08 -18.45 -23.08
C GLN A 626 10.55 -19.75 -23.65
N THR A 627 11.18 -20.85 -23.26
CA THR A 627 10.71 -22.18 -23.60
C THR A 627 9.32 -22.43 -23.04
N ALA A 628 9.14 -22.12 -21.76
CA ALA A 628 7.86 -22.30 -21.08
C ALA A 628 6.78 -21.39 -21.64
N LEU A 629 7.15 -20.16 -21.95
CA LEU A 629 6.22 -19.20 -22.53
C LEU A 629 5.76 -19.62 -23.92
N ILE A 630 6.68 -20.20 -24.69
CA ILE A 630 6.32 -20.66 -26.02
C ILE A 630 5.36 -21.87 -25.91
N ALA A 631 5.66 -22.82 -25.02
CA ALA A 631 4.73 -23.91 -24.73
C ALA A 631 3.38 -23.39 -24.30
N LEU A 632 3.41 -22.38 -23.43
CA LEU A 632 2.18 -21.84 -22.86
C LEU A 632 1.32 -21.22 -23.98
N MET A 633 1.93 -20.43 -24.85
CA MET A 633 1.20 -19.76 -25.91
C MET A 633 0.68 -20.77 -26.96
N ALA A 634 1.52 -21.72 -27.35
CA ALA A 634 1.09 -22.82 -28.20
C ALA A 634 -0.20 -23.45 -27.68
N TYR A 635 -0.28 -23.66 -26.37
CA TYR A 635 -1.41 -24.36 -25.80
C TYR A 635 -2.57 -23.47 -25.36
N ILE A 636 -2.60 -22.23 -25.85
CA ILE A 636 -3.86 -21.45 -25.90
C ILE A 636 -4.37 -21.22 -27.34
N GLY A 637 -3.77 -21.87 -28.33
CA GLY A 637 -4.10 -21.64 -29.73
C GLY A 637 -3.30 -20.52 -30.40
N SER A 638 -2.53 -19.78 -29.63
CA SER A 638 -1.85 -18.61 -30.13
C SER A 638 -0.70 -18.98 -31.07
N TYR A 639 -0.41 -18.10 -32.01
CA TYR A 639 0.85 -18.16 -32.70
C TYR A 639 1.95 -17.80 -31.68
N VAL A 640 3.19 -18.05 -32.06
CA VAL A 640 4.27 -18.21 -31.11
C VAL A 640 5.51 -17.44 -31.56
N PRO A 641 6.30 -16.89 -30.63
CA PRO A 641 7.48 -16.08 -30.97
C PRO A 641 8.71 -16.87 -31.44
N ALA A 642 8.58 -17.45 -32.62
CA ALA A 642 9.69 -18.13 -33.26
C ALA A 642 9.49 -18.16 -34.76
N GLN A 643 10.44 -18.79 -35.43
CA GLN A 643 10.38 -19.05 -36.86
C GLN A 643 9.70 -20.40 -37.12
N LYS A 644 9.90 -21.34 -36.21
CA LYS A 644 9.22 -22.63 -36.29
C LYS A 644 9.13 -23.32 -34.92
N VAL A 645 7.99 -23.94 -34.63
CA VAL A 645 7.81 -24.72 -33.40
C VAL A 645 7.02 -26.01 -33.59
N GLU A 646 7.61 -27.12 -33.16
CA GLU A 646 6.89 -28.37 -33.01
C GLU A 646 6.96 -28.79 -31.56
N ILE A 647 5.82 -29.13 -30.99
CA ILE A 647 5.71 -29.42 -29.55
C ILE A 647 4.75 -30.58 -29.30
N GLY A 648 5.16 -31.53 -28.48
CA GLY A 648 4.32 -32.65 -28.10
C GLY A 648 3.45 -32.30 -26.89
N PRO A 649 2.78 -33.30 -26.32
CA PRO A 649 1.85 -33.04 -25.20
C PRO A 649 2.57 -32.68 -23.91
N ILE A 650 2.07 -31.67 -23.22
CA ILE A 650 2.58 -31.30 -21.92
C ILE A 650 1.44 -31.36 -20.92
N ASP A 651 1.60 -32.19 -19.88
CA ASP A 651 0.66 -32.21 -18.76
C ASP A 651 0.90 -31.09 -17.75
N ARG A 652 2.15 -30.73 -17.46
CA ARG A 652 2.47 -29.89 -16.31
C ARG A 652 3.79 -29.18 -16.49
N ILE A 653 3.82 -27.89 -16.12
CA ILE A 653 5.09 -27.19 -16.01
C ILE A 653 5.42 -26.98 -14.53
N PHE A 654 6.59 -27.47 -14.13
CA PHE A 654 7.18 -27.18 -12.83
C PHE A 654 8.36 -26.27 -12.98
N THR A 655 8.57 -25.42 -11.98
CA THR A 655 9.72 -24.53 -11.85
C THR A 655 10.27 -24.58 -10.41
N ARG A 656 11.59 -24.67 -10.28
CA ARG A 656 12.31 -24.47 -9.01
C ARG A 656 13.43 -23.45 -9.27
N VAL A 657 13.31 -22.25 -8.72
CA VAL A 657 14.35 -21.23 -8.88
C VAL A 657 15.08 -21.03 -7.58
N GLY A 658 16.30 -21.56 -7.50
CA GLY A 658 17.19 -21.35 -6.36
C GLY A 658 18.18 -20.21 -6.60
N PHE A 670 17.86 -24.95 2.82
CA PHE A 670 16.66 -24.44 3.47
C PHE A 670 15.44 -25.25 3.02
N MET A 671 14.55 -25.51 3.97
CA MET A 671 13.47 -26.47 3.82
C MET A 671 12.55 -26.25 2.60
N VAL A 672 12.43 -25.01 2.13
CA VAL A 672 11.49 -24.71 1.06
C VAL A 672 11.97 -25.23 -0.29
N GLU A 673 13.23 -24.98 -0.64
CA GLU A 673 13.82 -25.53 -1.87
C GLU A 673 13.65 -27.05 -1.96
N MET A 674 13.92 -27.73 -0.85
CA MET A 674 13.94 -29.19 -0.82
C MET A 674 12.53 -29.77 -0.88
N THR A 675 11.57 -29.05 -0.32
CA THR A 675 10.17 -29.45 -0.35
C THR A 675 9.64 -29.24 -1.74
N GLU A 676 9.99 -28.12 -2.36
CA GLU A 676 9.55 -27.82 -3.72
C GLU A 676 10.11 -28.88 -4.66
N THR A 677 11.40 -29.17 -4.52
CA THR A 677 12.08 -30.19 -5.33
C THR A 677 11.41 -31.56 -5.19
N ALA A 678 11.12 -31.99 -3.97
CA ALA A 678 10.47 -33.26 -3.70
C ALA A 678 9.14 -33.34 -4.44
N ASN A 679 8.39 -32.25 -4.42
CA ASN A 679 7.12 -32.18 -5.11
C ASN A 679 7.26 -32.47 -6.60
N ILE A 680 8.25 -31.84 -7.21
CA ILE A 680 8.57 -32.08 -8.61
C ILE A 680 8.89 -33.56 -8.79
N LEU A 681 9.71 -34.11 -7.91
CA LEU A 681 10.10 -35.51 -8.01
C LEU A 681 8.93 -36.48 -7.82
N HIS A 682 7.92 -36.14 -7.04
CA HIS A 682 6.78 -37.04 -6.78
C HIS A 682 5.68 -36.94 -7.84
N ASN A 683 5.58 -35.81 -8.52
CA ASN A 683 4.45 -35.50 -9.41
C ASN A 683 4.73 -35.28 -10.89
N ALA A 684 5.99 -35.14 -11.28
CA ALA A 684 6.38 -35.09 -12.69
C ALA A 684 6.15 -36.45 -13.38
N THR A 685 5.82 -36.37 -14.66
CA THR A 685 5.69 -37.50 -15.58
C THR A 685 6.55 -37.27 -16.81
N GLU A 686 6.54 -38.23 -17.71
CA GLU A 686 7.31 -38.13 -18.95
C GLU A 686 6.73 -37.06 -19.88
N TYR A 687 5.57 -36.52 -19.53
CA TYR A 687 4.95 -35.42 -20.27
C TYR A 687 5.15 -34.05 -19.65
N SER A 688 5.92 -33.96 -18.57
CA SER A 688 6.07 -32.70 -17.87
C SER A 688 7.30 -31.97 -18.35
N LEU A 689 7.18 -30.65 -18.40
CA LEU A 689 8.31 -29.76 -18.61
C LEU A 689 8.75 -29.22 -17.24
N VAL A 690 10.04 -29.39 -16.93
CA VAL A 690 10.64 -29.11 -15.64
C VAL A 690 11.81 -28.14 -15.82
N LEU A 691 11.70 -26.98 -15.20
CA LEU A 691 12.73 -25.97 -15.21
C LEU A 691 13.39 -25.88 -13.82
N MET A 692 14.59 -26.43 -13.67
CA MET A 692 15.40 -26.30 -12.45
C MET A 692 16.47 -25.24 -12.68
N ASP A 693 16.34 -24.13 -11.98
CA ASP A 693 17.23 -23.00 -12.20
C ASP A 693 18.19 -22.81 -11.02
N GLU A 694 19.36 -23.45 -11.13
CA GLU A 694 20.47 -23.32 -10.16
C GLU A 694 20.12 -23.82 -8.78
N ILE A 695 19.52 -24.99 -8.71
CA ILE A 695 19.18 -25.59 -7.42
C ILE A 695 20.39 -26.31 -6.85
N GLY A 696 20.24 -26.81 -5.63
CA GLY A 696 21.30 -27.55 -4.99
C GLY A 696 22.00 -26.66 -3.99
N ARG A 697 21.40 -26.56 -2.81
CA ARG A 697 21.97 -25.82 -1.70
C ARG A 697 22.19 -26.79 -0.55
N GLY A 698 23.40 -26.77 0.00
CA GLY A 698 23.72 -27.52 1.20
C GLY A 698 24.52 -26.63 2.10
N THR A 699 25.13 -27.19 3.14
CA THR A 699 25.83 -26.45 4.18
C THR A 699 27.36 -26.51 4.04
N SER A 700 27.83 -27.38 3.14
CA SER A 700 29.26 -27.59 2.90
C SER A 700 29.52 -27.48 1.39
N THR A 701 30.71 -27.88 0.96
CA THR A 701 31.14 -27.64 -0.44
C THR A 701 30.30 -28.39 -1.46
N TYR A 702 30.03 -29.66 -1.18
CA TYR A 702 29.57 -30.61 -2.18
C TYR A 702 28.21 -31.16 -1.83
N ASP A 703 27.85 -30.85 -0.61
CA ASP A 703 26.61 -31.18 -0.02
C ASP A 703 25.43 -30.94 -1.00
N GLY A 704 25.22 -29.68 -1.37
CA GLY A 704 24.14 -29.27 -2.24
C GLY A 704 24.26 -29.75 -3.68
N LEU A 705 25.48 -29.75 -4.23
CA LEU A 705 25.68 -30.22 -5.60
C LEU A 705 25.31 -31.71 -5.76
N SER A 706 25.68 -32.51 -4.76
CA SER A 706 25.38 -33.94 -4.72
C SER A 706 23.90 -34.24 -4.79
N LEU A 707 23.11 -33.39 -4.15
CA LEU A 707 21.65 -33.47 -4.23
C LEU A 707 21.13 -33.10 -5.59
N ALA A 708 21.67 -32.03 -6.16
CA ALA A 708 21.27 -31.63 -7.51
C ALA A 708 21.59 -32.74 -8.51
N TRP A 709 22.74 -33.39 -8.33
CA TRP A 709 23.17 -34.47 -9.19
C TRP A 709 22.20 -35.66 -9.14
N ALA A 710 21.82 -36.06 -7.93
CA ALA A 710 20.93 -37.20 -7.69
C ALA A 710 19.53 -36.90 -8.14
N CYS A 711 19.18 -35.63 -8.08
CA CYS A 711 17.87 -35.16 -8.51
C CYS A 711 17.78 -35.16 -10.01
N ALA A 712 18.85 -34.75 -10.66
CA ALA A 712 18.94 -34.79 -12.13
C ALA A 712 18.80 -36.23 -12.60
N GLU A 713 19.56 -37.12 -11.96
CA GLU A 713 19.47 -38.55 -12.18
C GLU A 713 18.03 -39.03 -12.17
N ASN A 714 17.31 -38.72 -11.10
CA ASN A 714 15.97 -39.24 -10.96
C ASN A 714 15.13 -38.69 -12.08
N LEU A 715 15.32 -37.42 -12.46
CA LEU A 715 14.54 -36.81 -13.55
C LEU A 715 14.81 -37.48 -14.91
N ALA A 716 16.05 -37.92 -15.12
CA ALA A 716 16.48 -38.51 -16.38
C ALA A 716 16.19 -39.99 -16.43
N ASN A 717 16.60 -40.71 -15.40
CA ASN A 717 16.38 -42.14 -15.31
C ASN A 717 14.92 -42.59 -15.13
N LYS A 718 14.27 -42.11 -14.07
CA LYS A 718 12.96 -42.61 -13.65
C LYS A 718 11.80 -41.83 -14.20
N ILE A 719 11.77 -40.53 -13.98
CA ILE A 719 10.64 -39.73 -14.40
C ILE A 719 10.57 -39.57 -15.93
N LYS A 720 11.72 -39.28 -16.54
CA LYS A 720 11.85 -39.01 -17.99
C LYS A 720 11.15 -37.72 -18.43
N ALA A 721 10.94 -36.78 -17.52
CA ALA A 721 10.43 -35.45 -17.87
C ALA A 721 11.32 -34.76 -18.87
N LEU A 722 10.80 -33.76 -19.56
CA LEU A 722 11.60 -32.85 -20.35
C LEU A 722 12.06 -31.82 -19.35
N THR A 723 13.36 -31.76 -19.12
CA THR A 723 13.92 -30.99 -18.05
C THR A 723 14.95 -30.04 -18.58
N LEU A 724 14.83 -28.76 -18.23
CA LEU A 724 15.93 -27.79 -18.45
C LEU A 724 16.58 -27.50 -17.09
N PHE A 725 17.91 -27.67 -17.02
CA PHE A 725 18.67 -27.67 -15.78
C PHE A 725 19.81 -26.64 -15.79
N ALA A 726 19.47 -25.39 -15.51
CA ALA A 726 20.50 -24.35 -15.44
C ALA A 726 21.36 -24.59 -14.22
N THR A 727 22.68 -24.49 -14.38
CA THR A 727 23.55 -24.70 -13.25
C THR A 727 24.88 -23.94 -13.33
N HIS A 728 25.36 -23.62 -12.15
CA HIS A 728 26.66 -23.01 -11.94
C HIS A 728 27.67 -24.10 -11.57
N TYR A 729 27.20 -25.32 -11.32
CA TYR A 729 28.07 -26.42 -10.94
C TYR A 729 28.64 -27.08 -12.17
N PHE A 730 29.89 -26.79 -12.49
CA PHE A 730 30.54 -27.42 -13.62
C PHE A 730 30.59 -28.96 -13.51
N GLU A 731 30.54 -29.49 -12.29
CA GLU A 731 30.63 -30.93 -12.08
C GLU A 731 29.48 -31.70 -12.75
N LEU A 732 28.32 -31.06 -12.85
CA LEU A 732 27.16 -31.61 -13.55
C LEU A 732 27.28 -31.64 -15.09
N THR A 733 28.27 -30.97 -15.68
CA THR A 733 28.53 -31.12 -17.14
C THR A 733 29.08 -32.50 -17.51
N GLN A 734 29.44 -33.27 -16.48
CA GLN A 734 29.81 -34.68 -16.59
C GLN A 734 28.60 -35.62 -16.71
N LEU A 735 27.39 -35.13 -16.47
CA LEU A 735 26.21 -36.00 -16.45
C LEU A 735 25.89 -36.69 -17.77
N PRO A 736 25.92 -36.00 -18.91
CA PRO A 736 25.75 -36.67 -20.22
C PRO A 736 26.56 -37.95 -20.37
N GLU A 737 27.79 -37.93 -19.89
CA GLU A 737 28.69 -39.07 -19.96
C GLU A 737 28.07 -40.28 -19.28
N LYS A 738 27.48 -40.02 -18.11
CA LYS A 738 27.02 -41.06 -17.22
C LYS A 738 25.58 -41.54 -17.44
N MET A 739 24.70 -40.74 -18.05
CA MET A 739 23.27 -41.11 -18.18
C MET A 739 22.61 -40.82 -19.50
N GLU A 740 21.84 -41.80 -19.96
CA GLU A 740 21.06 -41.61 -21.15
C GLU A 740 20.04 -40.46 -20.96
N GLY A 741 19.80 -39.74 -22.05
CA GLY A 741 18.84 -38.66 -22.03
C GLY A 741 19.42 -37.28 -21.77
N VAL A 742 20.65 -37.19 -21.27
CA VAL A 742 21.17 -35.91 -20.83
C VAL A 742 22.21 -35.36 -21.80
N ALA A 743 22.11 -34.06 -22.06
CA ALA A 743 23.06 -33.37 -22.94
C ALA A 743 23.46 -32.01 -22.34
N ASN A 744 24.61 -31.50 -22.76
CA ASN A 744 25.14 -30.21 -22.31
C ASN A 744 24.85 -29.14 -23.37
N VAL A 745 24.30 -28.01 -22.95
CA VAL A 745 24.34 -26.81 -23.77
C VAL A 745 24.83 -25.65 -22.90
N HIS A 746 25.13 -24.53 -23.53
CA HIS A 746 25.68 -23.39 -22.81
C HIS A 746 25.38 -22.06 -23.49
N LEU A 747 25.49 -20.98 -22.73
CA LEU A 747 25.34 -19.66 -23.32
C LEU A 747 26.72 -19.07 -23.54
N ASP A 748 26.98 -18.69 -24.79
CA ASP A 748 28.30 -18.34 -25.25
C ASP A 748 28.70 -17.01 -24.63
N ALA A 749 29.96 -16.92 -24.24
CA ALA A 749 30.54 -15.67 -23.83
C ALA A 749 31.95 -15.65 -24.33
N LEU A 750 32.46 -14.46 -24.63
CA LEU A 750 33.86 -14.34 -25.05
C LEU A 750 34.64 -13.42 -24.12
N GLU A 751 35.82 -13.90 -23.73
CA GLU A 751 36.78 -13.14 -22.95
C GLU A 751 37.84 -12.62 -23.92
N HIS A 752 37.77 -11.34 -24.22
CA HIS A 752 38.84 -10.66 -24.97
C HIS A 752 39.52 -9.67 -24.04
N GLY A 753 40.85 -9.77 -23.95
CA GLY A 753 41.66 -8.94 -23.07
C GLY A 753 41.23 -9.06 -21.61
N ASP A 754 40.86 -7.93 -21.02
CA ASP A 754 40.48 -7.85 -19.61
C ASP A 754 38.95 -7.86 -19.37
N THR A 755 38.16 -8.50 -20.24
CA THR A 755 36.70 -8.35 -20.15
C THR A 755 35.81 -9.42 -20.82
N ILE A 756 34.58 -9.55 -20.30
CA ILE A 756 33.61 -10.54 -20.79
C ILE A 756 32.45 -9.91 -21.59
N ALA A 757 32.14 -10.52 -22.74
CA ALA A 757 30.99 -10.14 -23.56
C ALA A 757 30.00 -11.30 -23.61
N PHE A 758 28.73 -11.01 -23.41
CA PHE A 758 27.69 -12.03 -23.28
C PHE A 758 26.94 -12.14 -24.59
N MET A 759 27.18 -13.21 -25.34
CA MET A 759 26.62 -13.37 -26.68
C MET A 759 25.12 -13.72 -26.69
N HIS A 760 24.65 -14.40 -25.63
CA HIS A 760 23.26 -14.83 -25.46
C HIS A 760 22.84 -15.95 -26.45
N SER A 761 23.81 -16.70 -26.97
CA SER A 761 23.54 -17.72 -27.97
C SER A 761 23.77 -19.11 -27.42
N VAL A 762 22.76 -19.99 -27.53
CA VAL A 762 22.88 -21.38 -27.12
C VAL A 762 23.74 -22.17 -28.13
N GLN A 763 24.69 -22.93 -27.59
CA GLN A 763 25.54 -23.83 -28.37
C GLN A 763 25.55 -25.19 -27.69
N ASP A 764 25.73 -26.25 -28.45
CA ASP A 764 25.80 -27.59 -27.90
C ASP A 764 27.11 -27.73 -27.13
N GLY A 765 27.18 -28.70 -26.23
CA GLY A 765 28.32 -28.98 -25.39
C GLY A 765 28.42 -28.15 -24.12
N ALA A 766 29.36 -28.54 -23.27
CA ALA A 766 29.70 -27.76 -22.08
C ALA A 766 30.42 -26.48 -22.45
N ALA A 767 30.17 -25.42 -21.70
CA ALA A 767 30.95 -24.21 -21.83
C ALA A 767 32.46 -24.53 -21.71
N SER A 768 33.29 -23.76 -22.40
CA SER A 768 34.75 -23.92 -22.35
C SER A 768 35.26 -23.99 -20.91
N LYS A 769 34.82 -23.01 -20.14
CA LYS A 769 35.19 -22.85 -18.75
C LYS A 769 34.02 -22.23 -17.93
N SER A 770 34.25 -22.01 -16.65
CA SER A 770 33.38 -21.16 -15.85
C SER A 770 33.99 -19.75 -15.83
N TYR A 771 33.15 -18.74 -15.54
CA TYR A 771 33.54 -17.33 -15.64
C TYR A 771 33.32 -16.49 -14.36
N GLY A 772 33.24 -17.13 -13.19
CA GLY A 772 33.10 -16.44 -11.92
C GLY A 772 34.19 -15.40 -11.62
N LEU A 773 35.43 -15.75 -11.93
CA LEU A 773 36.54 -14.84 -11.71
C LEU A 773 36.35 -13.60 -12.54
N ALA A 774 36.05 -13.77 -13.83
CA ALA A 774 35.78 -12.63 -14.71
C ALA A 774 34.60 -11.75 -14.28
N VAL A 775 33.53 -12.38 -13.78
CA VAL A 775 32.33 -11.68 -13.36
C VAL A 775 32.64 -10.88 -12.10
N ALA A 776 33.32 -11.50 -11.14
CA ALA A 776 33.86 -10.80 -9.97
C ALA A 776 34.79 -9.65 -10.36
N ALA A 777 35.55 -9.82 -11.42
CA ALA A 777 36.49 -8.81 -11.87
C ALA A 777 35.74 -7.61 -12.41
N LEU A 778 34.66 -7.91 -13.13
CA LEU A 778 33.79 -6.92 -13.76
C LEU A 778 33.04 -6.16 -12.68
N ALA A 779 32.81 -6.81 -11.53
CA ALA A 779 32.13 -6.20 -10.39
C ALA A 779 33.04 -5.32 -9.50
N GLY A 780 34.32 -5.17 -9.87
CA GLY A 780 35.25 -4.28 -9.16
C GLY A 780 36.21 -4.90 -8.13
N VAL A 781 36.11 -6.21 -7.87
CA VAL A 781 37.01 -6.87 -6.93
C VAL A 781 38.47 -6.51 -7.33
N PRO A 782 39.28 -6.05 -6.38
CA PRO A 782 40.64 -5.61 -6.70
C PRO A 782 41.40 -6.59 -7.60
N LYS A 783 42.23 -6.07 -8.50
CA LYS A 783 43.00 -6.91 -9.43
C LYS A 783 43.92 -7.87 -8.65
N GLU A 784 44.47 -7.37 -7.56
CA GLU A 784 45.36 -8.12 -6.70
C GLU A 784 44.69 -9.38 -6.14
N VAL A 785 43.41 -9.29 -5.82
CA VAL A 785 42.63 -10.44 -5.34
C VAL A 785 42.25 -11.40 -6.49
N ILE A 786 41.95 -10.87 -7.66
CA ILE A 786 41.67 -11.73 -8.81
C ILE A 786 42.95 -12.46 -9.29
N LYS A 787 44.11 -11.84 -9.15
CA LYS A 787 45.35 -12.50 -9.49
C LYS A 787 45.53 -13.74 -8.60
N ARG A 788 45.36 -13.54 -7.28
CA ARG A 788 45.54 -14.63 -6.33
C ARG A 788 44.52 -15.75 -6.51
N ALA A 789 43.29 -15.42 -6.90
CA ALA A 789 42.24 -16.45 -7.05
C ALA A 789 42.48 -17.28 -8.30
N ARG A 790 43.05 -16.66 -9.33
CA ARG A 790 43.47 -17.41 -10.53
C ARG A 790 44.52 -18.43 -10.20
N GLN A 791 45.46 -18.06 -9.34
CA GLN A 791 46.52 -18.95 -8.92
C GLN A 791 45.92 -20.13 -8.19
N LYS A 792 45.01 -19.87 -7.27
CA LYS A 792 44.34 -20.92 -6.52
C LYS A 792 43.53 -21.84 -7.46
N LEU A 793 42.90 -21.22 -8.46
CA LEU A 793 42.03 -21.92 -9.41
C LEU A 793 42.84 -22.95 -10.21
N ARG A 794 44.07 -22.58 -10.55
CA ARG A 794 44.95 -23.48 -11.30
C ARG A 794 45.48 -24.61 -10.43
N GLU A 795 45.61 -24.39 -9.14
CA GLU A 795 45.85 -25.49 -8.21
C GLU A 795 44.68 -26.50 -8.26
N LEU A 796 43.46 -26.00 -8.21
CA LEU A 796 42.28 -26.85 -8.23
C LEU A 796 42.10 -27.55 -9.58
N GLU A 797 42.43 -26.87 -10.68
CA GLU A 797 42.28 -27.44 -12.02
C GLU A 797 43.31 -28.54 -12.28
N SER A 798 44.40 -28.53 -11.52
CA SER A 798 45.44 -29.53 -11.66
C SER A 798 45.10 -30.84 -10.95
N ILE A 799 44.08 -30.84 -10.10
CA ILE A 799 43.65 -32.07 -9.43
C ILE A 799 43.27 -33.09 -10.49
N SER A 800 42.20 -32.79 -11.23
CA SER A 800 41.75 -33.62 -12.35
C SER A 800 42.51 -33.20 -13.61
N MET B 14 -12.85 29.14 -14.48
CA MET B 14 -12.81 27.96 -15.39
C MET B 14 -11.55 27.96 -16.24
N GLN B 15 -11.29 29.09 -16.91
CA GLN B 15 -10.16 29.24 -17.82
C GLN B 15 -8.88 29.68 -17.08
N GLN B 16 -9.05 30.32 -15.91
CA GLN B 16 -7.97 31.01 -15.20
C GLN B 16 -7.13 30.11 -14.27
N TYR B 17 -7.27 28.80 -14.41
CA TYR B 17 -6.37 27.84 -13.79
C TYR B 17 -5.05 27.80 -14.58
N LEU B 18 -5.15 27.79 -15.92
CA LEU B 18 -4.00 27.66 -16.83
C LEU B 18 -2.89 28.66 -16.56
N ARG B 19 -3.25 29.93 -16.42
CA ARG B 19 -2.27 31.00 -16.24
C ARG B 19 -1.53 30.86 -14.90
N LEU B 20 -2.27 30.46 -13.86
CA LEU B 20 -1.71 30.23 -12.51
C LEU B 20 -0.85 28.95 -12.40
N LYS B 21 -1.08 27.99 -13.29
CA LYS B 21 -0.26 26.77 -13.38
C LYS B 21 1.08 27.10 -14.06
N ALA B 22 1.11 28.13 -14.91
CA ALA B 22 2.35 28.63 -15.50
C ALA B 22 3.25 29.25 -14.43
N GLN B 23 2.63 29.84 -13.41
CA GLN B 23 3.35 30.50 -12.30
C GLN B 23 4.19 29.51 -11.46
N HIS B 24 3.69 28.28 -11.32
CA HIS B 24 4.39 27.21 -10.59
C HIS B 24 4.10 25.85 -11.29
N PRO B 25 4.83 25.50 -12.36
CA PRO B 25 4.52 24.30 -13.17
C PRO B 25 5.02 22.94 -12.64
N GLU B 26 6.10 22.99 -11.85
CA GLU B 26 6.74 21.81 -11.25
C GLU B 26 6.10 21.34 -9.92
N ILE B 27 4.98 21.96 -9.53
CA ILE B 27 4.35 21.71 -8.24
C ILE B 27 2.85 21.48 -8.41
N LEU B 28 2.30 20.48 -7.73
CA LEU B 28 0.87 20.19 -7.79
C LEU B 28 0.05 21.41 -7.41
N LEU B 29 -0.99 21.71 -8.19
CA LEU B 29 -1.82 22.88 -7.95
C LEU B 29 -3.23 22.52 -7.48
N PHE B 30 -3.40 22.49 -6.17
CA PHE B 30 -4.72 22.41 -5.55
C PHE B 30 -5.52 23.69 -5.82
N TYR B 31 -6.66 23.56 -6.48
CA TYR B 31 -7.46 24.71 -6.90
C TYR B 31 -8.82 24.73 -6.19
N ARG B 32 -9.04 25.71 -5.32
CA ARG B 32 -10.29 25.81 -4.56
C ARG B 32 -11.49 25.86 -5.49
N MET B 33 -12.56 25.17 -5.12
CA MET B 33 -13.78 25.03 -5.94
C MET B 33 -14.91 24.58 -5.01
N GLY B 34 -15.34 25.48 -4.12
CA GLY B 34 -16.35 25.17 -3.13
C GLY B 34 -15.83 24.29 -2.00
N ASP B 35 -16.46 23.13 -1.82
CA ASP B 35 -16.11 22.18 -0.74
C ASP B 35 -14.85 21.32 -1.01
N PHE B 36 -14.20 21.49 -2.16
CA PHE B 36 -13.05 20.66 -2.53
C PHE B 36 -11.89 21.52 -3.05
N TYR B 37 -10.69 20.94 -3.13
CA TYR B 37 -9.58 21.45 -3.95
C TYR B 37 -9.43 20.49 -5.11
N GLU B 38 -9.27 21.02 -6.32
CA GLU B 38 -9.37 20.20 -7.53
C GLU B 38 -8.15 20.40 -8.44
N LEU B 39 -7.65 19.29 -8.96
CA LEU B 39 -6.41 19.28 -9.75
C LEU B 39 -6.70 18.93 -11.21
N PHE B 40 -5.92 19.47 -12.13
CA PHE B 40 -6.12 19.25 -13.58
C PHE B 40 -4.81 18.96 -14.35
N TYR B 41 -4.96 18.46 -15.58
CA TYR B 41 -3.82 18.12 -16.45
C TYR B 41 -3.01 16.94 -15.84
N ASP B 42 -1.68 17.04 -15.78
CA ASP B 42 -0.84 15.97 -15.24
C ASP B 42 -0.85 15.93 -13.73
N ASP B 43 -1.31 17.02 -13.10
CA ASP B 43 -1.54 17.03 -11.65
C ASP B 43 -2.66 16.07 -11.27
N ALA B 44 -3.69 16.01 -12.11
CA ALA B 44 -4.83 15.11 -11.88
C ALA B 44 -4.40 13.64 -11.92
N LYS B 45 -3.62 13.28 -12.95
CA LYS B 45 -3.10 11.91 -13.08
C LYS B 45 -2.23 11.55 -11.89
N ARG B 46 -1.21 12.38 -11.67
CA ARG B 46 -0.21 12.19 -10.63
C ARG B 46 -0.82 12.09 -9.21
N ALA B 47 -1.87 12.84 -8.93
CA ALA B 47 -2.51 12.84 -7.61
C ALA B 47 -3.46 11.64 -7.40
N SER B 48 -4.11 11.19 -8.48
CA SER B 48 -5.04 10.05 -8.44
C SER B 48 -4.34 8.74 -8.06
N GLN B 49 -3.16 8.54 -8.63
CA GLN B 49 -2.36 7.33 -8.39
C GLN B 49 -1.66 7.38 -7.02
N LEU B 50 -1.34 8.57 -6.55
CA LEU B 50 -0.62 8.71 -5.28
C LEU B 50 -1.53 8.72 -4.05
N LEU B 51 -2.83 8.98 -4.25
CA LEU B 51 -3.76 9.18 -3.13
C LEU B 51 -4.98 8.25 -3.12
N ASP B 52 -5.02 7.28 -4.03
CA ASP B 52 -6.17 6.36 -4.13
C ASP B 52 -7.49 7.14 -4.25
N ILE B 53 -7.51 8.13 -5.14
CA ILE B 53 -8.74 8.83 -5.51
C ILE B 53 -8.89 8.87 -7.03
N SER B 54 -10.10 9.19 -7.50
CA SER B 54 -10.50 8.94 -8.89
C SER B 54 -10.14 10.04 -9.89
N LEU B 55 -9.79 9.63 -11.10
CA LEU B 55 -9.60 10.52 -12.25
C LEU B 55 -10.94 10.75 -12.95
N THR B 56 -11.03 11.80 -13.78
CA THR B 56 -12.18 12.05 -14.67
C THR B 56 -11.70 12.29 -16.09
N PRO B 67 -9.52 16.07 -17.52
CA PRO B 67 -8.67 15.42 -16.52
C PRO B 67 -8.78 16.11 -15.15
N MET B 68 -9.64 15.59 -14.29
CA MET B 68 -9.93 16.21 -12.99
C MET B 68 -9.61 15.27 -11.82
N ALA B 69 -9.48 15.85 -10.63
CA ALA B 69 -9.49 15.10 -9.37
C ALA B 69 -9.86 16.04 -8.21
N GLY B 70 -10.11 15.49 -7.02
CA GLY B 70 -10.45 16.34 -5.89
C GLY B 70 -10.40 15.72 -4.50
N ILE B 71 -10.26 16.59 -3.49
CA ILE B 71 -10.31 16.18 -2.08
C ILE B 71 -11.14 17.17 -1.26
N PRO B 72 -11.85 16.71 -0.22
CA PRO B 72 -12.69 17.60 0.59
C PRO B 72 -11.88 18.60 1.42
N TYR B 73 -12.45 19.77 1.70
CA TYR B 73 -11.78 20.85 2.43
C TYR B 73 -11.44 20.44 3.86
N HIS B 74 -12.38 19.72 4.49
CA HIS B 74 -12.28 19.37 5.90
C HIS B 74 -11.10 18.42 6.21
N ALA B 75 -10.53 17.80 5.17
CA ALA B 75 -9.38 16.91 5.33
C ALA B 75 -8.24 17.22 4.34
N VAL B 76 -8.03 18.49 4.02
CA VAL B 76 -6.93 18.89 3.12
C VAL B 76 -5.60 18.55 3.74
N GLU B 77 -5.44 18.92 5.00
CA GLU B 77 -4.19 18.70 5.74
C GLU B 77 -3.82 17.20 5.78
N ASN B 78 -4.82 16.33 5.86
CA ASN B 78 -4.63 14.88 5.82
C ASN B 78 -4.13 14.35 4.45
N TYR B 79 -4.53 15.00 3.34
CA TYR B 79 -4.04 14.66 2.00
C TYR B 79 -2.75 15.41 1.63
N LEU B 80 -2.58 16.62 2.13
CA LEU B 80 -1.32 17.35 1.95
C LEU B 80 -0.17 16.53 2.52
N ALA B 81 -0.36 16.01 3.73
CA ALA B 81 0.67 15.27 4.46
C ALA B 81 1.10 13.98 3.79
N LYS B 82 0.22 13.37 2.99
CA LYS B 82 0.51 12.13 2.27
C LYS B 82 1.29 12.44 1.00
N LEU B 83 0.94 13.55 0.35
CA LEU B 83 1.65 14.02 -0.84
C LEU B 83 3.04 14.54 -0.48
N VAL B 84 3.06 15.29 0.61
CA VAL B 84 4.30 15.73 1.26
C VAL B 84 5.18 14.52 1.68
N ASN B 85 4.54 13.44 2.13
CA ASN B 85 5.24 12.21 2.51
C ASN B 85 5.88 11.49 1.32
N GLN B 86 5.33 11.71 0.13
CA GLN B 86 5.81 11.07 -1.09
C GLN B 86 6.67 11.98 -1.97
N GLY B 87 7.06 13.14 -1.44
CA GLY B 87 8.07 13.99 -2.07
C GLY B 87 7.51 15.09 -2.95
N GLU B 88 6.20 15.33 -2.84
CA GLU B 88 5.51 16.29 -3.68
C GLU B 88 5.35 17.57 -2.93
N SER B 89 5.75 18.67 -3.56
CA SER B 89 5.31 19.98 -3.13
C SER B 89 3.90 20.24 -3.66
N VAL B 90 3.20 21.15 -2.98
CA VAL B 90 1.82 21.48 -3.29
C VAL B 90 1.54 22.99 -3.10
N ALA B 91 1.15 23.64 -4.19
CA ALA B 91 0.64 24.99 -4.16
C ALA B 91 -0.88 24.92 -4.00
N ILE B 92 -1.42 25.69 -3.05
CA ILE B 92 -2.85 25.79 -2.79
C ILE B 92 -3.31 27.14 -3.30
N CYS B 93 -4.24 27.13 -4.25
CA CYS B 93 -4.80 28.36 -4.79
C CYS B 93 -6.21 28.66 -4.21
N GLU B 94 -6.27 29.64 -3.31
CA GLU B 94 -7.52 30.11 -2.70
C GLU B 94 -8.14 31.19 -3.57
N ARG B 108 -8.17 35.12 -8.17
CA ARG B 108 -7.55 34.47 -7.01
C ARG B 108 -6.06 34.17 -7.19
N LYS B 109 -5.42 33.57 -6.18
CA LYS B 109 -3.97 33.47 -6.11
C LYS B 109 -3.44 32.25 -5.34
N VAL B 110 -2.19 31.87 -5.63
CA VAL B 110 -1.47 30.88 -4.83
C VAL B 110 -1.08 31.49 -3.47
N VAL B 111 -1.81 31.09 -2.43
CA VAL B 111 -1.73 31.70 -1.09
C VAL B 111 -0.97 30.81 -0.07
N ARG B 112 -0.69 29.57 -0.44
CA ARG B 112 0.07 28.66 0.41
C ARG B 112 0.85 27.63 -0.42
N ILE B 113 2.03 27.28 0.08
CA ILE B 113 2.86 26.24 -0.50
C ILE B 113 3.48 25.41 0.62
N VAL B 114 3.45 24.09 0.45
CA VAL B 114 4.11 23.20 1.38
C VAL B 114 5.08 22.38 0.57
N THR B 115 6.34 22.38 1.00
CA THR B 115 7.34 21.52 0.41
C THR B 115 7.67 20.45 1.45
N PRO B 116 8.07 19.28 1.00
CA PRO B 116 8.29 18.13 1.89
C PRO B 116 9.34 18.35 2.97
N GLY B 117 10.39 19.08 2.65
CA GLY B 117 11.46 19.34 3.59
C GLY B 117 11.33 20.56 4.48
N THR B 118 10.24 21.32 4.34
CA THR B 118 10.09 22.58 5.09
C THR B 118 8.77 22.72 5.86
N ILE B 119 8.12 21.60 6.14
CA ILE B 119 6.92 21.61 6.95
C ILE B 119 7.28 21.62 8.43
N SER B 120 6.47 22.28 9.23
CA SER B 120 6.62 22.31 10.67
C SER B 120 5.29 22.14 11.42
N ASP B 121 4.17 22.04 10.70
CA ASP B 121 2.88 21.83 11.37
C ASP B 121 2.84 20.39 11.85
N GLU B 122 2.35 20.20 13.06
CA GLU B 122 2.27 18.87 13.67
C GLU B 122 1.43 17.91 12.82
N ALA B 123 0.39 18.42 12.17
CA ALA B 123 -0.51 17.56 11.39
C ALA B 123 0.17 16.96 10.15
N LEU B 124 1.22 17.61 9.66
CA LEU B 124 1.92 17.20 8.45
C LEU B 124 3.17 16.38 8.70
N LEU B 125 3.57 16.27 9.96
CA LEU B 125 4.77 15.53 10.35
C LEU B 125 4.43 14.21 11.03
N GLN B 126 5.41 13.31 11.03
CA GLN B 126 5.33 12.10 11.83
C GLN B 126 6.06 12.37 13.12
N GLU B 127 5.40 12.04 14.21
CA GLU B 127 5.83 12.38 15.54
C GLU B 127 7.23 11.88 15.86
N ARG B 128 7.54 10.63 15.46
CA ARG B 128 8.79 9.95 15.88
C ARG B 128 9.85 9.75 14.75
N GLN B 129 9.78 10.57 13.72
CA GLN B 129 10.67 10.48 12.58
C GLN B 129 11.14 11.88 12.19
N ASP B 130 12.43 12.06 12.00
CA ASP B 130 13.00 13.27 11.39
C ASP B 130 12.53 13.44 9.94
N ASN B 131 12.40 14.70 9.57
CA ASN B 131 12.01 15.11 8.26
C ASN B 131 12.96 16.25 7.88
N LEU B 132 13.97 15.94 7.09
CA LEU B 132 15.06 16.86 6.76
C LEU B 132 14.95 17.43 5.35
N LEU B 133 15.48 18.65 5.18
CA LEU B 133 15.78 19.23 3.87
C LEU B 133 17.29 19.09 3.63
N ALA B 134 17.70 18.76 2.41
CA ALA B 134 19.11 18.60 2.10
C ALA B 134 19.49 19.28 0.80
N ALA B 135 20.79 19.52 0.66
CA ALA B 135 21.33 20.09 -0.57
C ALA B 135 22.62 19.39 -0.88
N ILE B 136 22.83 19.06 -2.16
CA ILE B 136 23.99 18.30 -2.61
C ILE B 136 24.62 18.98 -3.82
N TRP B 137 25.95 18.95 -3.91
CA TRP B 137 26.60 19.38 -5.17
C TRP B 137 28.01 18.81 -5.32
N GLN B 138 28.67 19.18 -6.41
CA GLN B 138 29.85 18.46 -6.87
C GLN B 138 30.87 19.35 -7.56
N ASP B 139 32.02 19.49 -6.91
CA ASP B 139 33.25 20.00 -7.46
C ASP B 139 33.93 18.92 -8.33
N SER B 140 34.92 19.35 -9.11
CA SER B 140 35.90 18.42 -9.70
C SER B 140 36.70 17.70 -8.60
N LYS B 141 36.77 18.31 -7.42
CA LYS B 141 37.35 17.70 -6.22
C LYS B 141 36.42 16.66 -5.59
N GLY B 142 35.34 17.10 -4.96
CA GLY B 142 34.43 16.20 -4.28
C GLY B 142 33.00 16.72 -4.11
N PHE B 143 32.33 16.27 -3.07
CA PHE B 143 30.93 16.58 -2.87
C PHE B 143 30.78 17.57 -1.72
N GLY B 144 29.74 18.39 -1.77
CA GLY B 144 29.28 19.18 -0.64
C GLY B 144 27.88 18.74 -0.22
N TYR B 145 27.60 18.77 1.08
CA TYR B 145 26.32 18.30 1.57
C TYR B 145 25.92 19.04 2.83
N ALA B 146 24.66 19.47 2.85
CA ALA B 146 24.05 20.09 4.02
C ALA B 146 22.65 19.50 4.30
N THR B 147 22.30 19.39 5.59
CA THR B 147 20.95 19.03 5.97
C THR B 147 20.43 20.02 6.98
N LEU B 148 19.14 20.33 6.89
CA LEU B 148 18.46 21.14 7.90
C LEU B 148 17.20 20.40 8.39
N ASP B 149 17.01 20.37 9.70
CA ASP B 149 15.73 20.00 10.29
C ASP B 149 15.06 21.33 10.59
N ILE B 150 14.03 21.68 9.80
CA ILE B 150 13.43 23.00 9.93
C ILE B 150 12.69 23.21 11.26
N SER B 151 12.34 22.11 11.95
CA SER B 151 11.62 22.20 13.23
C SER B 151 12.52 22.33 14.45
N SER B 152 13.77 21.90 14.36
CA SER B 152 14.67 22.01 15.50
C SER B 152 15.77 23.02 15.27
N GLY B 153 15.92 23.47 14.03
CA GLY B 153 17.03 24.32 13.63
C GLY B 153 18.36 23.61 13.53
N ARG B 154 18.32 22.28 13.53
CA ARG B 154 19.53 21.47 13.46
C ARG B 154 20.06 21.48 12.03
N PHE B 155 21.24 22.05 11.86
CA PHE B 155 21.81 22.40 10.58
C PHE B 155 23.20 21.79 10.52
N ARG B 156 23.40 20.84 9.60
CA ARG B 156 24.66 20.12 9.43
C ARG B 156 25.24 20.32 8.04
N LEU B 157 26.55 20.16 7.96
CA LEU B 157 27.29 20.33 6.73
C LEU B 157 28.37 19.26 6.70
N SER B 158 28.66 18.72 5.53
CA SER B 158 29.72 17.73 5.33
C SER B 158 30.34 17.78 3.92
N GLU B 159 31.45 17.08 3.75
CA GLU B 159 32.15 17.08 2.46
C GLU B 159 32.70 15.69 2.15
N PRO B 160 31.81 14.77 1.79
CA PRO B 160 32.21 13.40 1.42
C PRO B 160 33.27 13.38 0.33
N ALA B 161 34.30 12.57 0.51
CA ALA B 161 35.44 12.58 -0.40
C ALA B 161 35.09 11.90 -1.73
N ASP B 162 34.24 10.88 -1.69
CA ASP B 162 33.96 10.06 -2.89
C ASP B 162 32.51 9.59 -3.00
N ARG B 163 32.19 9.04 -4.15
CA ARG B 163 30.90 8.42 -4.44
C ARG B 163 30.28 7.63 -3.26
N GLU B 164 31.07 6.73 -2.67
CA GLU B 164 30.53 5.75 -1.73
C GLU B 164 30.14 6.36 -0.37
N THR B 165 30.97 7.28 0.11
CA THR B 165 30.66 8.06 1.32
C THR B 165 29.44 8.96 1.10
N MET B 166 29.30 9.51 -0.11
CA MET B 166 28.17 10.37 -0.42
C MET B 166 26.86 9.57 -0.36
N ALA B 167 26.85 8.39 -0.98
CA ALA B 167 25.70 7.50 -0.94
C ALA B 167 25.36 7.07 0.48
N ALA B 168 26.38 6.84 1.29
CA ALA B 168 26.19 6.44 2.69
C ALA B 168 25.55 7.57 3.53
N GLU B 169 25.92 8.82 3.25
CA GLU B 169 25.30 9.97 3.89
C GLU B 169 23.84 10.16 3.46
N LEU B 170 23.51 9.84 2.21
CA LEU B 170 22.12 9.96 1.71
C LEU B 170 21.17 8.92 2.31
N GLN B 171 21.64 7.69 2.47
CA GLN B 171 20.82 6.65 3.07
C GLN B 171 20.59 6.99 4.54
N ARG B 172 21.67 7.37 5.23
CA ARG B 172 21.60 7.70 6.65
C ARG B 172 20.65 8.86 6.94
N THR B 173 20.77 9.95 6.18
CA THR B 173 20.01 11.18 6.43
C THR B 173 18.64 11.15 5.77
N ASN B 174 18.54 10.43 4.68
CA ASN B 174 17.28 10.17 4.01
C ASN B 174 16.38 11.39 3.85
N PRO B 175 16.86 12.46 3.23
CA PRO B 175 16.12 13.71 3.18
C PRO B 175 14.78 13.59 2.47
N ALA B 176 13.79 14.30 2.99
CA ALA B 176 12.45 14.32 2.40
C ALA B 176 12.39 15.14 1.11
N GLU B 177 13.36 16.05 0.95
CA GLU B 177 13.47 16.97 -0.17
C GLU B 177 14.95 17.30 -0.43
N LEU B 178 15.40 17.23 -1.68
CA LEU B 178 16.82 17.23 -1.99
C LEU B 178 17.16 18.21 -3.11
N LEU B 179 17.80 19.32 -2.73
CA LEU B 179 18.23 20.31 -3.69
C LEU B 179 19.57 19.90 -4.28
N TYR B 180 19.67 19.97 -5.60
CA TYR B 180 20.89 19.59 -6.32
C TYR B 180 21.07 20.53 -7.49
N ALA B 181 22.33 20.80 -7.84
CA ALA B 181 22.63 21.70 -8.95
C ALA B 181 22.25 21.04 -10.27
N GLU B 182 21.82 21.86 -11.24
CA GLU B 182 21.61 21.42 -12.62
C GLU B 182 22.89 20.76 -13.17
N ASP B 183 24.03 21.31 -12.73
CA ASP B 183 25.39 20.83 -12.99
C ASP B 183 25.67 19.37 -12.63
N PHE B 184 24.98 18.85 -11.61
CA PHE B 184 25.32 17.54 -11.01
C PHE B 184 25.66 16.44 -12.01
N ALA B 185 26.88 15.91 -11.92
CA ALA B 185 27.36 14.90 -12.85
C ALA B 185 26.95 13.47 -12.46
N GLU B 186 26.96 13.19 -11.15
CA GLU B 186 26.75 11.84 -10.64
C GLU B 186 25.29 11.60 -10.25
N MET B 187 24.40 11.67 -11.25
CA MET B 187 22.96 11.53 -11.02
C MET B 187 22.54 10.13 -10.53
N SER B 188 23.40 9.15 -10.74
CA SER B 188 23.17 7.79 -10.23
C SER B 188 22.87 7.78 -8.72
N LEU B 189 23.46 8.73 -7.99
CA LEU B 189 23.30 8.83 -6.54
C LEU B 189 21.88 9.20 -6.11
N ILE B 190 21.28 10.15 -6.83
CA ILE B 190 20.01 10.75 -6.42
C ILE B 190 18.79 10.38 -7.29
N GLU B 191 19.01 9.83 -8.48
CA GLU B 191 17.95 9.55 -9.47
C GLU B 191 16.63 9.00 -8.89
N GLY B 192 16.71 7.98 -8.04
CA GLY B 192 15.54 7.26 -7.56
C GLY B 192 14.74 7.95 -6.46
N ARG B 193 15.38 8.91 -5.81
CA ARG B 193 14.83 9.57 -4.63
C ARG B 193 13.56 10.40 -4.87
N ARG B 194 12.79 10.55 -3.79
CA ARG B 194 11.63 11.44 -3.77
C ARG B 194 12.09 12.88 -3.50
N GLY B 195 11.25 13.84 -3.81
CA GLY B 195 11.50 15.25 -3.52
C GLY B 195 12.78 15.88 -4.08
N LEU B 196 13.18 15.49 -5.28
CA LEU B 196 14.29 16.16 -5.96
C LEU B 196 13.89 17.55 -6.44
N ARG B 197 14.84 18.49 -6.39
CA ARG B 197 14.59 19.87 -6.75
C ARG B 197 15.85 20.41 -7.44
N ARG B 198 15.75 20.59 -8.75
CA ARG B 198 16.88 21.04 -9.57
C ARG B 198 17.04 22.55 -9.44
N ARG B 199 18.24 23.00 -9.10
CA ARG B 199 18.52 24.40 -8.78
C ARG B 199 19.61 24.95 -9.70
N PRO B 200 19.51 26.23 -10.05
CA PRO B 200 20.60 26.87 -10.81
C PRO B 200 21.93 26.91 -10.04
N LEU B 201 23.03 26.87 -10.77
CA LEU B 201 24.37 26.78 -10.19
C LEU B 201 24.72 27.98 -9.30
N TRP B 202 24.18 29.16 -9.62
CA TRP B 202 24.50 30.39 -8.85
C TRP B 202 23.97 30.37 -7.42
N GLU B 203 23.05 29.45 -7.12
CA GLU B 203 22.59 29.29 -5.75
C GLU B 203 23.66 28.61 -4.89
N PHE B 204 24.64 28.00 -5.53
CA PHE B 204 25.76 27.36 -4.86
C PHE B 204 27.05 28.19 -4.87
N GLU B 205 26.95 29.51 -5.01
CA GLU B 205 28.16 30.34 -5.11
C GLU B 205 28.76 30.63 -3.70
N ILE B 206 30.08 30.46 -3.59
CA ILE B 206 30.79 30.52 -2.29
C ILE B 206 30.43 31.78 -1.49
N ASP B 207 30.67 32.95 -2.08
CA ASP B 207 30.54 34.24 -1.39
C ASP B 207 29.12 34.66 -1.03
N THR B 208 28.14 34.29 -1.86
CA THR B 208 26.75 34.52 -1.49
C THR B 208 26.43 33.65 -0.31
N ALA B 209 26.90 32.39 -0.33
CA ALA B 209 26.62 31.45 0.76
C ALA B 209 27.17 31.90 2.12
N ARG B 210 28.41 32.35 2.11
CA ARG B 210 29.04 32.87 3.31
C ARG B 210 28.26 34.04 3.90
N GLN B 211 27.73 34.87 3.02
CA GLN B 211 27.12 36.12 3.42
C GLN B 211 25.77 35.83 4.01
N GLN B 212 25.08 34.89 3.38
CA GLN B 212 23.77 34.51 3.83
C GLN B 212 23.88 33.85 5.18
N LEU B 213 24.93 33.04 5.32
CA LEU B 213 25.09 32.23 6.50
C LEU B 213 25.52 33.13 7.65
N ASN B 214 26.50 34.01 7.41
CA ASN B 214 26.96 34.97 8.41
C ASN B 214 25.82 35.89 8.89
N LEU B 215 24.92 36.25 7.99
CA LEU B 215 23.74 37.04 8.30
C LEU B 215 22.69 36.29 9.16
N GLN B 216 22.42 35.03 8.81
CA GLN B 216 21.48 34.20 9.54
C GLN B 216 21.89 34.02 11.00
N PHE B 217 23.20 33.83 11.23
CA PHE B 217 23.73 33.52 12.56
C PHE B 217 24.19 34.76 13.30
N GLY B 218 24.22 35.89 12.63
CA GLY B 218 24.62 37.14 13.27
C GLY B 218 26.12 37.23 13.49
N THR B 219 26.90 36.55 12.65
CA THR B 219 28.37 36.55 12.77
C THR B 219 29.02 37.28 11.60
N ARG B 220 30.30 37.60 11.77
CA ARG B 220 31.13 38.17 10.70
C ARG B 220 31.83 37.05 9.89
N ASP B 221 32.24 35.99 10.59
CA ASP B 221 32.77 34.78 9.95
C ASP B 221 32.25 33.50 10.64
N LEU B 222 32.53 32.33 10.05
CA LEU B 222 31.97 31.06 10.50
C LEU B 222 32.97 30.20 11.27
N VAL B 223 34.06 30.83 11.70
CA VAL B 223 35.14 30.19 12.47
C VAL B 223 34.62 29.55 13.78
N GLY B 224 33.77 30.28 14.49
CA GLY B 224 33.10 29.77 15.69
C GLY B 224 32.34 28.46 15.54
N PHE B 225 31.93 28.13 14.31
CA PHE B 225 31.20 26.89 13.99
C PHE B 225 32.10 25.82 13.34
N GLY B 226 33.34 26.20 13.09
CA GLY B 226 34.34 25.28 12.57
C GLY B 226 34.06 24.82 11.15
N VAL B 227 33.49 25.70 10.33
CA VAL B 227 33.21 25.42 8.92
C VAL B 227 33.78 26.48 7.98
N GLU B 228 34.56 27.42 8.50
CA GLU B 228 35.03 28.57 7.73
C GLU B 228 35.80 28.11 6.48
N ASN B 229 36.63 27.07 6.62
CA ASN B 229 37.46 26.55 5.54
C ASN B 229 36.89 25.30 4.88
N ALA B 230 35.58 25.24 4.75
CA ALA B 230 34.91 24.06 4.23
C ALA B 230 34.01 24.45 3.07
N PRO B 231 34.58 25.10 2.04
CA PRO B 231 33.78 25.79 1.01
C PRO B 231 32.77 24.93 0.24
N ARG B 232 33.11 23.69 -0.10
CA ARG B 232 32.12 22.80 -0.74
C ARG B 232 30.87 22.64 0.12
N GLY B 233 31.06 22.33 1.40
CA GLY B 233 29.96 22.15 2.33
C GLY B 233 29.13 23.41 2.43
N LEU B 234 29.78 24.54 2.62
CA LEU B 234 29.13 25.85 2.69
C LEU B 234 28.24 26.18 1.49
N CYS B 235 28.71 25.83 0.28
CA CYS B 235 27.97 26.15 -0.94
C CYS B 235 26.63 25.41 -0.93
N ALA B 236 26.66 24.15 -0.52
CA ALA B 236 25.45 23.37 -0.34
C ALA B 236 24.56 24.02 0.73
N ALA B 237 25.19 24.42 1.83
CA ALA B 237 24.48 25.05 2.94
C ALA B 237 23.84 26.40 2.58
N GLY B 238 24.45 27.15 1.66
CA GLY B 238 23.93 28.44 1.24
C GLY B 238 22.69 28.28 0.36
N CYS B 239 22.72 27.25 -0.49
CA CYS B 239 21.59 26.95 -1.33
C CYS B 239 20.43 26.49 -0.45
N LEU B 240 20.72 25.58 0.48
CA LEU B 240 19.69 25.10 1.40
C LEU B 240 18.99 26.24 2.16
N LEU B 241 19.77 27.19 2.67
CA LEU B 241 19.26 28.24 3.56
C LEU B 241 18.39 29.21 2.76
N GLN B 242 18.91 29.62 1.60
CA GLN B 242 18.10 30.36 0.64
C GLN B 242 16.77 29.68 0.32
N TYR B 243 16.79 28.38 0.03
CA TYR B 243 15.55 27.70 -0.35
C TYR B 243 14.57 27.61 0.84
N ALA B 244 15.10 27.43 2.05
CA ALA B 244 14.27 27.38 3.26
C ALA B 244 13.60 28.72 3.48
N LYS B 245 14.36 29.79 3.31
CA LYS B 245 13.86 31.14 3.61
C LYS B 245 12.76 31.51 2.63
N ASP B 246 12.95 31.12 1.38
CA ASP B 246 11.99 31.38 0.30
C ASP B 246 10.69 30.58 0.50
N THR B 247 10.75 29.41 1.12
CA THR B 247 9.53 28.63 1.38
C THR B 247 8.68 29.21 2.51
N GLN B 248 9.34 29.87 3.48
CA GLN B 248 8.67 30.37 4.68
C GLN B 248 8.32 31.87 4.59
N ARG B 249 9.17 32.64 3.91
CA ARG B 249 9.02 34.09 3.79
C ARG B 249 8.95 34.69 5.17
N THR B 250 9.82 34.15 6.03
CA THR B 250 9.87 34.51 7.42
C THR B 250 11.31 34.35 7.94
N THR B 251 11.70 35.12 8.95
CA THR B 251 12.97 34.88 9.60
C THR B 251 12.91 33.49 10.23
N LEU B 252 14.07 32.92 10.46
CA LEU B 252 14.19 31.60 11.03
C LEU B 252 15.11 31.72 12.24
N PRO B 253 14.63 32.34 13.32
CA PRO B 253 15.51 32.67 14.44
C PRO B 253 15.99 31.44 15.21
N HIS B 254 15.27 30.32 15.08
CA HIS B 254 15.69 29.02 15.63
C HIS B 254 16.89 28.34 14.94
N ILE B 255 17.31 28.82 13.76
CA ILE B 255 18.50 28.32 13.08
C ILE B 255 19.67 29.27 13.37
N ARG B 256 20.43 28.98 14.42
CA ARG B 256 21.47 29.89 14.95
C ARG B 256 22.88 29.32 14.85
N SER B 257 22.97 28.11 14.31
CA SER B 257 24.21 27.35 14.30
C SER B 257 24.26 26.43 13.11
N ILE B 258 25.48 26.08 12.73
CA ILE B 258 25.75 24.96 11.84
C ILE B 258 26.98 24.19 12.33
N THR B 259 26.98 22.88 12.10
CA THR B 259 28.09 22.01 12.51
C THR B 259 28.52 21.14 11.35
N MET B 260 29.81 20.82 11.34
CA MET B 260 30.38 19.98 10.32
C MET B 260 30.57 18.58 10.86
N GLU B 261 30.17 17.60 10.05
CA GLU B 261 30.26 16.19 10.39
C GLU B 261 31.47 15.60 9.64
N ARG B 262 32.56 15.34 10.35
CA ARG B 262 33.80 14.84 9.76
C ARG B 262 33.85 13.31 9.78
N GLU B 263 34.32 12.72 8.69
CA GLU B 263 34.33 11.26 8.48
C GLU B 263 35.01 10.51 9.62
N GLN B 264 36.17 11.03 10.00
CA GLN B 264 36.98 10.50 11.08
C GLN B 264 36.31 10.52 12.47
N ASP B 265 35.16 11.14 12.61
CA ASP B 265 34.47 11.25 13.89
C ASP B 265 33.51 10.11 14.15
N SER B 266 33.08 9.44 13.10
CA SER B 266 32.03 8.44 13.22
C SER B 266 32.48 7.12 12.65
N ILE B 267 31.80 6.04 13.06
CA ILE B 267 32.00 4.75 12.43
C ILE B 267 31.21 4.82 11.15
N ILE B 268 31.92 4.64 10.05
CA ILE B 268 31.35 4.69 8.73
C ILE B 268 30.62 3.38 8.46
N MET B 269 29.40 3.50 7.95
CA MET B 269 28.60 2.37 7.53
C MET B 269 27.94 2.76 6.24
N ASP B 270 28.09 1.88 5.25
CA ASP B 270 27.53 2.10 3.92
C ASP B 270 26.06 1.70 3.93
N ALA B 271 25.33 2.05 2.87
CA ALA B 271 23.89 1.82 2.81
C ALA B 271 23.53 0.37 3.09
N ALA B 272 24.15 -0.55 2.34
CA ALA B 272 23.95 -1.99 2.51
C ALA B 272 24.19 -2.51 3.93
N THR B 273 25.21 -1.97 4.60
CA THR B 273 25.54 -2.35 5.97
C THR B 273 24.45 -1.88 6.92
N ARG B 274 24.01 -0.64 6.74
CA ARG B 274 22.95 -0.04 7.54
C ARG B 274 21.64 -0.82 7.47
N ARG B 275 21.28 -1.21 6.27
CA ARG B 275 20.06 -1.96 5.99
C ARG B 275 20.13 -3.36 6.57
N ASN B 276 21.28 -4.02 6.42
CA ASN B 276 21.49 -5.39 6.90
C ASN B 276 21.45 -5.47 8.43
N LEU B 277 21.89 -4.39 9.07
CA LEU B 277 21.93 -4.33 10.52
C LEU B 277 20.56 -3.97 11.08
N GLU B 278 19.63 -3.56 10.22
CA GLU B 278 18.23 -3.31 10.59
C GLU B 278 18.10 -2.39 11.83
N ILE B 279 18.69 -1.21 11.69
CA ILE B 279 18.80 -0.27 12.78
C ILE B 279 17.47 0.40 13.10
N THR B 280 16.89 1.06 12.10
CA THR B 280 15.58 1.73 12.22
C THR B 280 14.54 1.12 11.31
N GLN B 281 15.01 0.55 10.19
CA GLN B 281 14.16 -0.11 9.18
C GLN B 281 14.53 -1.57 9.09
N ASN B 282 13.54 -2.44 8.98
CA ASN B 282 13.80 -3.84 8.73
C ASN B 282 13.93 -4.07 7.21
N LEU B 283 14.47 -5.23 6.83
CA LEU B 283 14.73 -5.52 5.42
C LEU B 283 13.47 -5.42 4.59
N ALA B 284 12.34 -5.81 5.18
CA ALA B 284 11.00 -5.74 4.54
C ALA B 284 10.32 -4.36 4.53
N GLY B 285 11.02 -3.31 4.93
CA GLY B 285 10.50 -1.95 4.86
C GLY B 285 9.78 -1.41 6.09
N GLY B 286 9.54 -2.25 7.10
CA GLY B 286 8.84 -1.83 8.32
C GLY B 286 9.72 -1.26 9.44
N ALA B 287 9.13 -1.04 10.62
CA ALA B 287 9.84 -0.50 11.79
C ALA B 287 9.97 -1.48 12.97
N GLU B 288 9.37 -2.65 12.83
CA GLU B 288 9.41 -3.68 13.87
C GLU B 288 10.57 -4.66 13.62
N ASN B 289 10.95 -5.40 14.66
CA ASN B 289 12.06 -6.38 14.62
C ASN B 289 13.34 -5.66 14.20
N THR B 290 13.49 -4.50 14.82
CA THR B 290 14.54 -3.55 14.52
C THR B 290 15.27 -3.23 15.84
N LEU B 291 16.47 -2.69 15.72
CA LEU B 291 17.26 -2.36 16.90
C LEU B 291 16.57 -1.24 17.68
N ALA B 292 16.12 -0.21 16.97
CA ALA B 292 15.26 0.84 17.53
C ALA B 292 13.99 0.34 18.24
N SER B 293 13.39 -0.75 17.75
CA SER B 293 12.14 -1.26 18.31
C SER B 293 12.39 -1.81 19.71
N VAL B 294 13.62 -2.26 19.98
CA VAL B 294 14.03 -2.74 21.30
C VAL B 294 14.66 -1.65 22.17
N LEU B 295 15.59 -0.89 21.63
CA LEU B 295 16.26 0.12 22.46
C LEU B 295 15.43 1.39 22.73
N ASP B 296 14.39 1.65 21.95
CA ASP B 296 13.66 2.94 22.00
C ASP B 296 12.36 2.91 22.78
N CYS B 297 12.50 2.98 24.09
CA CYS B 297 11.37 3.25 25.02
C CYS B 297 11.50 4.65 25.61
N THR B 298 11.86 5.61 24.77
CA THR B 298 11.86 7.01 25.16
C THR B 298 10.40 7.42 25.35
N VAL B 299 10.19 8.52 26.06
CA VAL B 299 8.87 8.96 26.44
C VAL B 299 8.37 10.23 25.76
N THR B 300 9.25 10.89 25.01
CA THR B 300 8.92 12.10 24.25
C THR B 300 9.36 11.88 22.81
N PRO B 301 8.60 12.40 21.85
CA PRO B 301 8.96 12.25 20.44
C PRO B 301 10.34 12.84 20.11
N MET B 302 10.74 13.94 20.72
CA MET B 302 12.08 14.47 20.48
C MET B 302 13.21 13.55 20.95
N GLY B 303 12.95 12.84 22.03
CA GLY B 303 13.86 11.82 22.52
C GLY B 303 13.98 10.59 21.63
N SER B 304 12.89 10.16 21.03
CA SER B 304 12.88 9.04 20.11
C SER B 304 13.66 9.37 18.82
N ARG B 305 13.55 10.60 18.36
CA ARG B 305 14.24 11.03 17.15
C ARG B 305 15.74 11.17 17.40
N MET B 306 16.11 11.67 18.58
CA MET B 306 17.50 11.83 18.96
C MET B 306 18.18 10.49 19.13
N LEU B 307 17.47 9.54 19.75
CA LEU B 307 18.03 8.22 19.96
C LEU B 307 18.38 7.60 18.62
N LYS B 308 17.45 7.66 17.67
CA LYS B 308 17.68 7.13 16.32
C LYS B 308 18.81 7.83 15.55
N ARG B 309 19.07 9.10 15.84
CA ARG B 309 20.22 9.79 15.24
C ARG B 309 21.56 9.24 15.79
N TRP B 310 21.55 8.95 17.09
CA TRP B 310 22.68 8.32 17.77
C TRP B 310 22.98 6.88 17.25
N LEU B 311 21.93 6.11 17.01
CA LEU B 311 22.09 4.73 16.58
C LEU B 311 22.69 4.67 15.19
N HIS B 312 22.37 5.67 14.37
CA HIS B 312 22.84 5.75 13.00
C HIS B 312 24.18 6.46 12.92
N MET B 313 24.66 7.02 14.02
CA MET B 313 25.92 7.77 14.02
C MET B 313 26.76 7.46 15.25
N PRO B 314 27.29 6.25 15.31
CA PRO B 314 28.24 5.93 16.37
C PRO B 314 29.50 6.75 16.18
N VAL B 315 30.12 7.16 17.27
CA VAL B 315 31.28 8.04 17.23
C VAL B 315 32.52 7.36 17.79
N ARG B 316 33.67 7.62 17.16
CA ARG B 316 34.94 7.03 17.56
C ARG B 316 35.53 7.62 18.85
N ASP B 317 35.01 8.76 19.31
CA ASP B 317 35.61 9.49 20.45
C ASP B 317 35.16 8.92 21.80
N THR B 318 36.02 8.14 22.43
CA THR B 318 35.64 7.50 23.67
C THR B 318 35.24 8.51 24.77
N ARG B 319 35.80 9.72 24.75
CA ARG B 319 35.45 10.72 25.73
C ARG B 319 33.93 10.91 25.78
N VAL B 320 33.27 11.24 24.67
CA VAL B 320 31.81 11.36 24.67
C VAL B 320 31.18 10.08 25.20
N LEU B 321 31.75 8.95 24.82
CA LEU B 321 31.19 7.65 25.10
C LEU B 321 31.16 7.30 26.59
N LEU B 322 32.33 7.32 27.24
CA LEU B 322 32.47 7.12 28.69
C LEU B 322 31.54 8.02 29.50
N GLU B 323 31.37 9.24 29.01
CA GLU B 323 30.49 10.22 29.62
C GLU B 323 29.01 9.83 29.54
N ARG B 324 28.60 9.27 28.41
CA ARG B 324 27.26 8.72 28.24
C ARG B 324 27.10 7.46 29.10
N GLN B 325 28.14 6.67 29.19
CA GLN B 325 28.12 5.45 29.97
C GLN B 325 27.87 5.81 31.43
N GLN B 326 28.70 6.72 31.95
CA GLN B 326 28.64 7.19 33.32
C GLN B 326 27.24 7.73 33.65
N THR B 327 26.68 8.51 32.75
CA THR B 327 25.30 8.99 32.90
C THR B 327 24.30 7.86 33.02
N ILE B 328 24.49 6.84 32.19
CA ILE B 328 23.53 5.74 32.16
C ILE B 328 23.58 4.94 33.46
N GLY B 329 24.77 4.68 34.00
CA GLY B 329 24.92 3.99 35.27
C GLY B 329 24.41 4.82 36.43
N ALA B 330 24.70 6.11 36.43
CA ALA B 330 24.31 7.02 37.49
C ALA B 330 22.79 7.22 37.59
N LEU B 331 22.10 7.08 36.47
CA LEU B 331 20.66 7.31 36.41
C LEU B 331 19.84 6.02 36.60
N GLN B 332 20.51 4.86 36.67
CA GLN B 332 19.87 3.56 36.86
C GLN B 332 18.70 3.58 37.84
N ASP B 333 18.97 4.09 39.03
CA ASP B 333 18.01 4.09 40.12
C ASP B 333 16.87 5.10 39.91
N PHE B 334 17.18 6.24 39.29
CA PHE B 334 16.27 7.37 39.19
C PHE B 334 15.25 7.27 38.04
N THR B 335 15.29 6.15 37.32
CA THR B 335 14.54 5.95 36.09
C THR B 335 13.02 5.90 36.24
N ALA B 336 12.51 5.16 37.22
CA ALA B 336 11.07 5.02 37.39
C ALA B 336 10.46 6.36 37.82
N GLY B 337 11.24 7.16 38.55
CA GLY B 337 10.80 8.47 38.99
C GLY B 337 10.82 9.55 37.91
N LEU B 338 11.72 9.39 36.94
CA LEU B 338 12.00 10.42 35.93
C LEU B 338 11.05 10.33 34.75
N GLN B 339 10.81 9.11 34.26
CA GLN B 339 10.13 8.90 32.97
C GLN B 339 8.68 9.41 32.90
N PRO B 340 7.85 9.18 33.93
CA PRO B 340 6.47 9.69 33.90
C PRO B 340 6.37 11.22 33.81
N VAL B 341 7.29 11.90 34.50
CA VAL B 341 7.39 13.35 34.47
C VAL B 341 7.92 13.85 33.10
N LEU B 342 8.87 13.10 32.54
CA LEU B 342 9.52 13.48 31.29
C LEU B 342 8.53 13.31 30.15
N ARG B 343 7.59 12.39 30.31
CA ARG B 343 6.58 12.14 29.28
C ARG B 343 5.67 13.34 29.14
N GLN B 344 5.40 14.02 30.25
CA GLN B 344 4.53 15.20 30.24
C GLN B 344 5.19 16.40 29.55
N VAL B 345 6.50 16.38 29.40
CA VAL B 345 7.19 17.46 28.68
C VAL B 345 6.84 17.46 27.18
N GLY B 346 6.60 16.29 26.61
CA GLY B 346 6.18 16.19 25.23
C GLY B 346 7.23 16.64 24.24
N ASP B 347 6.76 17.03 23.06
CA ASP B 347 7.64 17.41 21.97
C ASP B 347 7.90 18.91 22.02
N LEU B 348 8.60 19.33 23.07
CA LEU B 348 8.91 20.75 23.25
C LEU B 348 9.73 21.30 22.07
N GLU B 349 10.51 20.45 21.42
CA GLU B 349 11.36 20.87 20.28
C GLU B 349 10.55 21.46 19.15
N ARG B 350 9.52 20.72 18.74
CA ARG B 350 8.68 21.10 17.60
C ARG B 350 7.71 22.20 17.95
N ILE B 351 7.26 22.27 19.21
CA ILE B 351 6.45 23.37 19.68
C ILE B 351 7.27 24.64 19.57
N LEU B 352 8.54 24.57 19.90
CA LEU B 352 9.44 25.73 19.87
C LEU B 352 9.68 26.25 18.45
N ALA B 353 9.60 25.37 17.47
CA ALA B 353 9.77 25.78 16.06
C ALA B 353 8.60 26.67 15.65
N ARG B 354 7.41 26.27 16.07
CA ARG B 354 6.21 27.02 15.78
C ARG B 354 6.16 28.35 16.54
N LEU B 355 6.71 28.40 17.75
CA LEU B 355 6.96 29.66 18.43
C LEU B 355 7.89 30.55 17.58
N ALA B 356 9.02 30.01 17.15
CA ALA B 356 9.99 30.74 16.32
C ALA B 356 9.36 31.30 15.05
N LEU B 357 8.52 30.49 14.40
CA LEU B 357 7.89 30.81 13.13
C LEU B 357 6.63 31.63 13.33
N ARG B 358 6.21 31.75 14.58
CA ARG B 358 4.98 32.48 14.98
C ARG B 358 3.70 31.86 14.44
N THR B 359 3.69 30.52 14.39
CA THR B 359 2.53 29.73 14.01
C THR B 359 2.00 28.92 15.18
N ALA B 360 2.61 29.04 16.34
CA ALA B 360 2.22 28.23 17.49
C ALA B 360 0.78 28.50 17.90
N ARG B 361 -0.05 27.48 17.84
CA ARG B 361 -1.47 27.59 18.19
C ARG B 361 -1.72 27.40 19.71
N PRO B 362 -2.88 27.79 20.23
CA PRO B 362 -3.11 27.82 21.68
C PRO B 362 -2.73 26.55 22.46
N ARG B 363 -3.03 25.36 21.93
CA ARG B 363 -2.67 24.12 22.60
C ARG B 363 -1.16 23.85 22.61
N ASP B 364 -0.45 24.44 21.64
CA ASP B 364 1.02 24.50 21.68
C ASP B 364 1.54 25.27 22.88
N LEU B 365 0.97 26.44 23.16
CA LEU B 365 1.36 27.21 24.35
C LEU B 365 0.94 26.51 25.63
N ALA B 366 -0.19 25.81 25.60
CA ALA B 366 -0.67 25.04 26.75
C ALA B 366 0.29 23.91 27.10
N ARG B 367 0.82 23.26 26.07
CA ARG B 367 1.77 22.15 26.27
C ARG B 367 3.17 22.65 26.62
N MET B 368 3.56 23.81 26.13
CA MET B 368 4.79 24.44 26.59
C MET B 368 4.68 24.77 28.10
N ARG B 369 3.53 25.30 28.51
CA ARG B 369 3.29 25.58 29.91
C ARG B 369 3.30 24.29 30.75
N HIS B 370 2.61 23.27 30.26
CA HIS B 370 2.60 21.96 30.89
C HIS B 370 4.01 21.39 31.10
N ALA B 371 4.93 21.69 30.20
CA ALA B 371 6.30 21.20 30.28
C ALA B 371 7.12 22.02 31.26
N PHE B 372 6.85 23.32 31.33
CA PHE B 372 7.49 24.20 32.30
C PHE B 372 7.18 23.78 33.73
N GLN B 373 5.98 23.22 33.92
CA GLN B 373 5.49 22.75 35.20
C GLN B 373 6.09 21.43 35.62
N GLN B 374 6.88 20.83 34.74
CA GLN B 374 7.58 19.58 35.04
C GLN B 374 9.00 19.87 35.50
N LEU B 375 9.51 21.04 35.13
CA LEU B 375 10.93 21.35 35.33
C LEU B 375 11.41 21.32 36.77
N PRO B 376 10.75 22.02 37.71
CA PRO B 376 11.14 21.92 39.14
C PRO B 376 11.23 20.47 39.66
N GLU B 377 10.21 19.66 39.37
CA GLU B 377 10.15 18.27 39.79
C GLU B 377 11.34 17.51 39.24
N LEU B 378 11.66 17.76 37.96
CA LEU B 378 12.79 17.14 37.29
C LEU B 378 14.11 17.60 37.90
N ARG B 379 14.18 18.88 38.25
CA ARG B 379 15.38 19.44 38.88
C ARG B 379 15.64 18.84 40.24
N ALA B 380 14.57 18.48 40.95
CA ALA B 380 14.66 17.96 42.32
C ALA B 380 15.11 16.51 42.29
N GLN B 381 14.57 15.73 41.37
CA GLN B 381 14.97 14.35 41.18
C GLN B 381 16.42 14.22 40.73
N LEU B 382 16.92 15.19 39.95
CA LEU B 382 18.29 15.10 39.43
C LEU B 382 19.36 15.64 40.36
N GLU B 383 18.95 16.41 41.35
CA GLU B 383 19.88 17.11 42.26
C GLU B 383 20.90 16.16 42.90
N THR B 384 20.43 14.98 43.24
CA THR B 384 21.22 13.95 43.92
C THR B 384 22.25 13.27 43.01
N VAL B 385 21.93 13.14 41.73
CA VAL B 385 22.71 12.31 40.83
C VAL B 385 24.17 12.78 40.73
N ASP B 386 25.06 11.93 41.23
CA ASP B 386 26.48 12.20 41.25
C ASP B 386 27.02 11.89 39.87
N SER B 387 26.98 12.90 39.02
CA SER B 387 27.38 12.76 37.66
C SER B 387 27.49 14.17 37.11
N ALA B 388 28.70 14.58 36.74
CA ALA B 388 28.92 15.90 36.16
C ALA B 388 28.01 16.19 34.96
N PRO B 389 27.86 15.23 34.04
CA PRO B 389 27.00 15.43 32.87
C PRO B 389 25.49 15.44 33.15
N VAL B 390 25.02 14.74 34.17
CA VAL B 390 23.60 14.82 34.53
C VAL B 390 23.30 16.18 35.16
N GLN B 391 24.30 16.72 35.85
CA GLN B 391 24.15 18.01 36.50
C GLN B 391 24.21 19.14 35.47
N ALA B 392 24.94 18.93 34.38
CA ALA B 392 24.98 19.90 33.27
C ALA B 392 23.66 19.87 32.50
N LEU B 393 23.15 18.68 32.22
CA LEU B 393 21.79 18.51 31.67
C LEU B 393 20.73 19.13 32.54
N ARG B 394 20.98 19.13 33.85
CA ARG B 394 20.05 19.69 34.82
C ARG B 394 20.01 21.21 34.72
N GLU B 395 21.18 21.85 34.65
CA GLU B 395 21.27 23.30 34.49
C GLU B 395 20.72 23.74 33.13
N LYS B 396 21.16 23.08 32.07
CA LYS B 396 20.77 23.40 30.70
C LYS B 396 19.26 23.24 30.48
N MET B 397 18.65 22.30 31.21
CA MET B 397 17.20 22.10 31.26
C MET B 397 16.45 23.39 31.65
N GLY B 398 17.04 24.17 32.56
CA GLY B 398 16.46 25.43 32.98
C GLY B 398 15.19 25.25 33.81
N GLU B 399 14.57 26.38 34.14
CA GLU B 399 13.33 26.40 34.93
C GLU B 399 12.23 27.28 34.31
N PHE B 400 12.57 28.53 33.95
CA PHE B 400 11.62 29.45 33.30
C PHE B 400 10.39 29.69 34.18
N ALA B 401 10.66 30.09 35.42
CA ALA B 401 9.60 30.44 36.37
C ALA B 401 8.67 31.52 35.83
N GLU B 402 9.26 32.58 35.28
CA GLU B 402 8.49 33.74 34.80
C GLU B 402 7.51 33.32 33.71
N LEU B 403 7.99 32.49 32.80
CA LEU B 403 7.20 32.12 31.63
C LEU B 403 6.11 31.12 32.01
N ARG B 404 6.43 30.25 32.96
CA ARG B 404 5.46 29.32 33.52
C ARG B 404 4.26 30.10 34.08
N ASP B 405 4.56 31.16 34.81
CA ASP B 405 3.56 31.95 35.53
C ASP B 405 2.78 32.79 34.54
N LEU B 406 3.46 33.32 33.54
CA LEU B 406 2.85 34.10 32.50
C LEU B 406 1.74 33.32 31.79
N LEU B 407 2.04 32.11 31.35
CA LEU B 407 1.09 31.29 30.60
C LEU B 407 0.04 30.63 31.48
N GLU B 408 0.33 30.55 32.77
CA GLU B 408 -0.63 30.06 33.78
C GLU B 408 -1.74 31.10 33.92
N ARG B 409 -1.33 32.36 34.01
CA ARG B 409 -2.24 33.50 34.07
C ARG B 409 -2.85 33.84 32.73
N ALA B 410 -2.11 33.65 31.65
CA ALA B 410 -2.52 34.19 30.35
C ALA B 410 -3.50 33.33 29.59
N ILE B 411 -3.46 32.01 29.80
CA ILE B 411 -4.26 31.05 29.02
C ILE B 411 -5.10 30.16 29.94
N ILE B 412 -6.27 29.71 29.48
CA ILE B 412 -7.15 28.85 30.30
C ILE B 412 -6.58 27.43 30.39
N ASP B 413 -7.18 26.59 31.22
CA ASP B 413 -6.66 25.24 31.47
C ASP B 413 -6.54 24.39 30.19
N THR B 414 -7.60 24.35 29.38
CA THR B 414 -7.57 23.61 28.10
C THR B 414 -8.24 24.42 27.00
N PRO B 415 -7.46 25.23 26.27
CA PRO B 415 -8.02 26.11 25.25
C PRO B 415 -8.40 25.34 23.98
N PRO B 416 -9.22 25.96 23.13
CA PRO B 416 -9.57 25.35 21.86
C PRO B 416 -8.37 25.34 20.90
N VAL B 417 -8.55 24.71 19.74
CA VAL B 417 -7.46 24.48 18.81
C VAL B 417 -6.89 25.76 18.18
N LEU B 418 -7.74 26.79 18.03
CA LEU B 418 -7.40 28.03 17.34
C LEU B 418 -7.71 29.27 18.20
N VAL B 419 -6.86 30.30 18.10
CA VAL B 419 -7.21 31.61 18.65
C VAL B 419 -8.48 32.14 18.00
N ARG B 420 -8.60 31.88 16.70
CA ARG B 420 -9.68 32.38 15.83
C ARG B 420 -10.97 32.80 16.52
N ASP B 421 -11.53 31.91 17.34
CA ASP B 421 -12.85 32.12 17.94
C ASP B 421 -12.84 32.56 19.41
N GLY B 422 -11.67 32.63 20.03
CA GLY B 422 -11.56 33.13 21.40
C GLY B 422 -11.93 32.07 22.41
N GLY B 423 -12.08 32.48 23.67
CA GLY B 423 -12.16 31.55 24.78
C GLY B 423 -10.81 30.91 25.09
N VAL B 424 -9.72 31.63 24.88
CA VAL B 424 -8.35 31.12 25.13
C VAL B 424 -7.61 31.90 26.22
N ILE B 425 -7.77 33.23 26.25
CA ILE B 425 -7.17 34.03 27.31
C ILE B 425 -7.93 33.82 28.61
N ALA B 426 -7.22 33.75 29.73
CA ALA B 426 -7.82 33.46 31.02
C ALA B 426 -8.34 34.75 31.64
N SER B 427 -9.42 34.62 32.41
CA SER B 427 -10.03 35.75 33.09
C SER B 427 -9.14 36.15 34.25
N GLY B 428 -8.90 37.45 34.40
CA GLY B 428 -8.08 37.95 35.48
C GLY B 428 -6.70 38.34 34.99
N TYR B 429 -6.44 38.10 33.70
CA TYR B 429 -5.16 38.43 33.08
C TYR B 429 -5.16 39.87 32.53
N ASN B 430 -6.28 40.29 31.96
CA ASN B 430 -6.45 41.66 31.45
C ASN B 430 -7.76 42.27 31.94
N GLU B 431 -7.67 43.44 32.58
CA GLU B 431 -8.86 44.07 33.14
C GLU B 431 -9.86 44.40 32.04
N GLU B 432 -9.38 45.01 30.97
CA GLU B 432 -10.21 45.38 29.84
C GLU B 432 -11.06 44.20 29.32
N LEU B 433 -10.42 43.06 29.09
CA LEU B 433 -11.07 41.89 28.49
C LEU B 433 -12.18 41.33 29.39
N ASP B 434 -11.93 41.33 30.69
CA ASP B 434 -12.89 40.83 31.68
C ASP B 434 -14.14 41.69 31.68
N GLU B 435 -13.94 43.00 31.46
CA GLU B 435 -15.02 43.97 31.40
C GLU B 435 -15.88 43.79 30.16
N TRP B 436 -15.25 43.54 29.01
CA TRP B 436 -16.00 43.33 27.77
C TRP B 436 -16.82 42.04 27.83
N ARG B 437 -16.24 40.98 28.39
CA ARG B 437 -16.95 39.71 28.62
C ARG B 437 -18.13 39.87 29.60
N ALA B 438 -18.01 40.82 30.52
CA ALA B 438 -19.03 41.05 31.52
C ALA B 438 -20.20 41.77 30.89
N LEU B 439 -19.91 42.76 30.05
CA LEU B 439 -20.93 43.46 29.30
C LEU B 439 -21.64 42.54 28.29
N ALA B 440 -20.90 41.60 27.71
CA ALA B 440 -21.48 40.61 26.80
C ALA B 440 -22.40 39.67 27.57
N ASP B 441 -21.88 39.09 28.65
CA ASP B 441 -22.64 38.17 29.49
C ASP B 441 -23.90 38.81 30.09
N GLY B 442 -23.88 40.13 30.30
CA GLY B 442 -24.99 40.84 30.89
C GLY B 442 -26.08 41.20 29.90
N ALA B 443 -25.67 41.40 28.65
CA ALA B 443 -26.60 41.55 27.53
C ALA B 443 -27.25 40.18 27.24
N THR B 444 -26.43 39.13 27.32
CA THR B 444 -26.86 37.76 27.04
C THR B 444 -27.78 37.22 28.12
N ASP B 445 -27.58 37.72 29.34
CA ASP B 445 -28.41 37.34 30.47
C ASP B 445 -29.77 38.02 30.33
N TYR B 446 -29.77 39.31 29.98
CA TYR B 446 -31.01 40.04 29.77
C TYR B 446 -31.89 39.35 28.72
N LEU B 447 -31.25 38.77 27.69
CA LEU B 447 -31.97 38.15 26.59
C LEU B 447 -32.59 36.80 26.96
N GLU B 448 -31.93 36.08 27.85
CA GLU B 448 -32.51 34.86 28.42
C GLU B 448 -33.71 35.20 29.31
N ARG B 449 -33.67 36.36 29.98
CA ARG B 449 -34.76 36.80 30.85
C ARG B 449 -35.86 37.47 30.02
N LEU B 450 -35.48 37.97 28.84
CA LEU B 450 -36.44 38.46 27.86
C LEU B 450 -37.25 37.27 27.35
N GLU B 451 -36.57 36.15 27.14
CA GLU B 451 -37.24 34.94 26.68
C GLU B 451 -38.30 34.46 27.66
N VAL B 452 -37.99 34.53 28.96
CA VAL B 452 -38.88 34.08 30.03
C VAL B 452 -40.00 35.11 30.26
N ARG B 453 -39.72 36.38 30.01
CA ARG B 453 -40.70 37.45 30.17
C ARG B 453 -41.73 37.36 29.06
N GLU B 454 -41.27 37.31 27.82
CA GLU B 454 -42.17 37.19 26.68
C GLU B 454 -42.97 35.90 26.75
N ARG B 455 -42.37 34.85 27.29
CA ARG B 455 -43.00 33.54 27.32
C ARG B 455 -44.23 33.48 28.24
N GLU B 456 -44.04 33.66 29.54
CA GLU B 456 -45.16 33.57 30.48
C GLU B 456 -46.15 34.73 30.34
N ARG B 457 -45.71 35.82 29.70
CA ARG B 457 -46.53 36.99 29.41
C ARG B 457 -47.55 36.72 28.29
N THR B 458 -47.14 35.95 27.27
CA THR B 458 -48.02 35.55 26.17
C THR B 458 -48.74 34.22 26.43
N GLY B 459 -48.30 33.45 27.42
CA GLY B 459 -48.84 32.13 27.70
C GLY B 459 -48.51 31.08 26.64
N LEU B 460 -47.35 31.24 25.99
CA LEU B 460 -46.94 30.37 24.89
C LEU B 460 -45.67 29.58 25.21
N ASP B 461 -45.84 28.29 25.54
CA ASP B 461 -44.74 27.47 26.07
C ASP B 461 -43.63 27.10 25.08
N THR B 462 -43.91 27.25 23.79
CA THR B 462 -42.91 26.95 22.74
C THR B 462 -42.04 28.18 22.44
N LEU B 463 -42.37 29.32 23.04
CA LEU B 463 -41.65 30.55 22.75
C LEU B 463 -40.23 30.45 23.25
N LYS B 464 -39.30 30.93 22.43
CA LYS B 464 -37.88 30.97 22.77
C LYS B 464 -37.10 31.97 21.95
N VAL B 465 -35.91 32.31 22.44
CA VAL B 465 -34.97 33.18 21.74
C VAL B 465 -33.83 32.35 21.18
N GLY B 466 -33.58 32.47 19.88
CA GLY B 466 -32.41 31.87 19.26
C GLY B 466 -31.50 32.90 18.61
N PHE B 467 -30.43 32.42 17.98
CA PHE B 467 -29.47 33.25 17.25
C PHE B 467 -28.86 32.52 16.02
N ASN B 468 -28.79 33.22 14.89
CA ASN B 468 -27.93 32.79 13.76
C ASN B 468 -27.45 33.97 12.90
N ALA B 469 -26.50 33.70 12.00
CA ALA B 469 -25.87 34.76 11.18
C ALA B 469 -26.84 35.55 10.30
N VAL B 470 -27.85 34.86 9.78
CA VAL B 470 -28.83 35.45 8.87
C VAL B 470 -29.68 36.55 9.53
N HIS B 471 -30.11 36.32 10.76
CA HIS B 471 -31.11 37.16 11.44
C HIS B 471 -30.61 37.75 12.76
N GLY B 472 -29.42 37.35 13.19
CA GLY B 472 -29.01 37.59 14.57
C GLY B 472 -30.01 36.95 15.53
N TYR B 473 -30.32 37.66 16.61
CA TYR B 473 -31.28 37.15 17.57
C TYR B 473 -32.73 37.22 17.03
N TYR B 474 -33.52 36.22 17.39
CA TYR B 474 -34.93 36.20 17.05
C TYR B 474 -35.75 35.53 18.16
N ILE B 475 -37.03 35.82 18.19
CA ILE B 475 -37.94 35.05 19.01
C ILE B 475 -38.58 34.03 18.09
N GLN B 476 -38.59 32.79 18.50
CA GLN B 476 -39.20 31.73 17.73
C GLN B 476 -40.41 31.25 18.49
N ILE B 477 -41.57 31.25 17.83
CA ILE B 477 -42.76 30.56 18.29
C ILE B 477 -42.97 29.41 17.35
N SER B 478 -43.59 28.34 17.82
CA SER B 478 -43.97 27.25 16.94
C SER B 478 -45.13 27.66 16.06
N ARG B 479 -45.25 27.03 14.90
CA ARG B 479 -46.50 27.08 14.15
C ARG B 479 -47.48 26.30 15.01
N GLY B 480 -48.72 26.73 15.03
CA GLY B 480 -49.71 26.16 15.93
C GLY B 480 -49.97 27.13 17.05
N GLN B 481 -48.90 27.79 17.50
CA GLN B 481 -49.01 28.89 18.46
C GLN B 481 -48.73 30.25 17.83
N SER B 482 -48.15 30.27 16.62
CA SER B 482 -47.61 31.52 16.02
C SER B 482 -48.70 32.54 15.68
N HIS B 483 -49.92 32.06 15.52
CA HIS B 483 -51.04 32.94 15.19
C HIS B 483 -51.49 33.77 16.41
N LEU B 484 -50.98 33.44 17.59
CA LEU B 484 -51.16 34.23 18.82
C LEU B 484 -49.93 35.07 19.17
N ALA B 485 -49.05 35.30 18.21
CA ALA B 485 -47.89 36.15 18.41
C ALA B 485 -48.39 37.57 18.59
N PRO B 486 -47.86 38.29 19.57
CA PRO B 486 -48.19 39.71 19.77
C PRO B 486 -48.02 40.53 18.49
N ILE B 487 -48.88 41.52 18.25
CA ILE B 487 -48.86 42.28 16.99
C ILE B 487 -47.60 43.11 16.80
N ASN B 488 -46.85 43.39 17.86
CA ASN B 488 -45.57 44.12 17.76
C ASN B 488 -44.44 43.27 17.18
N TYR B 489 -44.68 41.96 17.08
CA TYR B 489 -43.73 41.00 16.53
C TYR B 489 -43.65 41.11 15.01
N MET B 490 -42.49 41.51 14.51
CA MET B 490 -42.22 41.58 13.07
C MET B 490 -41.68 40.25 12.56
N ARG B 491 -42.47 39.53 11.78
CA ARG B 491 -42.08 38.25 11.19
C ARG B 491 -40.91 38.42 10.22
N ARG B 492 -39.93 37.52 10.31
CA ARG B 492 -38.76 37.55 9.44
C ARG B 492 -38.45 36.23 8.74
N GLN B 493 -38.94 35.10 9.25
CA GLN B 493 -38.65 33.80 8.66
C GLN B 493 -39.61 32.70 9.05
N THR B 494 -40.17 32.03 8.05
CA THR B 494 -41.02 30.88 8.28
C THR B 494 -40.25 29.60 8.04
N LEU B 495 -40.29 28.73 9.03
CA LEU B 495 -39.74 27.38 8.93
C LEU B 495 -40.93 26.44 8.78
N LYS B 496 -40.65 25.18 8.52
CA LYS B 496 -41.68 24.17 8.35
C LYS B 496 -42.69 24.16 9.51
N ASN B 497 -42.19 24.30 10.75
CA ASN B 497 -43.04 24.13 11.95
C ASN B 497 -42.80 25.18 13.02
N ALA B 498 -42.30 26.34 12.62
CA ALA B 498 -42.12 27.47 13.52
C ALA B 498 -42.09 28.80 12.74
N GLU B 499 -42.34 29.92 13.42
CA GLU B 499 -42.11 31.26 12.88
C GLU B 499 -41.10 31.99 13.73
N ARG B 500 -40.31 32.88 13.12
CA ARG B 500 -39.35 33.66 13.85
C ARG B 500 -39.66 35.14 13.67
N TYR B 501 -39.39 35.93 14.71
CA TYR B 501 -39.74 37.34 14.71
C TYR B 501 -38.60 38.17 15.29
N ILE B 502 -38.65 39.48 15.05
CA ILE B 502 -37.80 40.43 15.78
C ILE B 502 -38.66 41.52 16.39
N ILE B 503 -38.15 42.13 17.46
CA ILE B 503 -38.66 43.38 18.01
C ILE B 503 -37.44 44.33 18.20
N PRO B 504 -37.65 45.63 18.33
CA PRO B 504 -36.53 46.57 18.51
C PRO B 504 -35.69 46.25 19.76
N GLU B 505 -36.37 45.83 20.82
CA GLU B 505 -35.74 45.38 22.07
C GLU B 505 -34.72 44.24 21.85
N LEU B 506 -35.06 43.31 20.96
CA LEU B 506 -34.22 42.16 20.67
C LEU B 506 -32.98 42.55 19.86
N LYS B 507 -33.14 43.55 19.02
CA LYS B 507 -32.08 44.02 18.13
C LYS B 507 -31.16 44.98 18.85
N GLU B 508 -31.71 45.65 19.86
CA GLU B 508 -30.93 46.58 20.69
C GLU B 508 -29.88 45.79 21.44
N TYR B 509 -30.33 44.72 22.09
CA TYR B 509 -29.44 43.91 22.92
C TYR B 509 -28.52 43.07 22.05
N GLU B 510 -28.95 42.72 20.84
CA GLU B 510 -28.07 42.06 19.87
C GLU B 510 -26.83 42.90 19.63
N ASP B 511 -27.02 44.21 19.53
CA ASP B 511 -25.92 45.15 19.31
C ASP B 511 -24.97 45.12 20.48
N LYS B 512 -25.52 45.10 21.68
CA LYS B 512 -24.71 45.09 22.90
C LYS B 512 -23.88 43.81 22.96
N VAL B 513 -24.49 42.68 22.59
CA VAL B 513 -23.86 41.38 22.66
C VAL B 513 -22.72 41.27 21.65
N LEU B 514 -22.96 41.68 20.42
CA LEU B 514 -22.03 41.43 19.31
C LEU B 514 -20.85 42.39 19.31
N THR B 515 -21.08 43.63 19.74
CA THR B 515 -20.02 44.61 19.84
C THR B 515 -19.10 44.33 21.04
N SER B 516 -19.68 43.77 22.10
CA SER B 516 -18.93 43.36 23.29
C SER B 516 -18.09 42.13 22.95
N LYS B 517 -18.75 41.06 22.50
CA LYS B 517 -18.05 39.85 22.05
C LYS B 517 -16.95 40.16 21.04
N GLY B 518 -17.14 41.21 20.24
CA GLY B 518 -16.26 41.52 19.13
C GLY B 518 -14.97 42.19 19.55
N LYS B 519 -15.07 43.11 20.49
CA LYS B 519 -13.89 43.79 21.04
C LYS B 519 -13.08 42.84 21.90
N ALA B 520 -13.79 41.93 22.57
CA ALA B 520 -13.16 40.92 23.43
C ALA B 520 -12.34 39.94 22.60
N LEU B 521 -12.82 39.65 21.38
CA LEU B 521 -12.14 38.75 20.45
C LEU B 521 -10.91 39.40 19.85
N ALA B 522 -10.98 40.70 19.56
CA ALA B 522 -9.84 41.43 19.03
C ALA B 522 -8.78 41.60 20.11
N LEU B 523 -9.21 41.67 21.36
CA LEU B 523 -8.31 41.88 22.48
C LEU B 523 -7.59 40.58 22.77
N GLU B 524 -8.34 39.48 22.73
CA GLU B 524 -7.79 38.17 22.96
C GLU B 524 -6.63 37.93 22.00
N LYS B 525 -6.85 38.20 20.71
CA LYS B 525 -5.82 38.03 19.70
C LYS B 525 -4.60 38.91 19.97
N GLN B 526 -4.82 40.18 20.28
CA GLN B 526 -3.69 41.08 20.54
C GLN B 526 -2.90 40.65 21.77
N LEU B 527 -3.57 40.12 22.78
CA LEU B 527 -2.90 39.62 23.98
C LEU B 527 -2.11 38.34 23.70
N TYR B 528 -2.66 37.49 22.82
CA TYR B 528 -2.04 36.24 22.39
C TYR B 528 -0.74 36.53 21.60
N GLU B 529 -0.80 37.48 20.67
CA GLU B 529 0.37 37.88 19.88
C GLU B 529 1.44 38.47 20.78
N GLU B 530 1.01 39.07 21.87
CA GLU B 530 1.92 39.67 22.84
C GLU B 530 2.65 38.56 23.64
N LEU B 531 1.99 37.42 23.85
CA LEU B 531 2.67 36.28 24.48
C LEU B 531 3.84 35.84 23.64
N PHE B 532 3.74 35.97 22.32
CA PHE B 532 4.86 35.67 21.42
C PHE B 532 6.04 36.64 21.61
N ASP B 533 5.74 37.92 21.83
CA ASP B 533 6.76 38.95 22.09
C ASP B 533 7.51 38.70 23.40
N LEU B 534 6.79 38.20 24.40
CA LEU B 534 7.39 37.93 25.71
C LEU B 534 8.15 36.61 25.76
N LEU B 535 7.74 35.64 24.95
CA LEU B 535 8.33 34.29 24.96
C LEU B 535 9.60 34.26 24.14
N LEU B 536 9.55 34.86 22.94
CA LEU B 536 10.60 34.80 21.91
C LEU B 536 12.01 35.32 22.25
N PRO B 537 12.18 36.24 23.18
CA PRO B 537 13.54 36.66 23.56
C PRO B 537 14.30 35.58 24.35
N HIS B 538 13.57 34.58 24.83
CA HIS B 538 14.14 33.48 25.58
C HIS B 538 14.22 32.21 24.73
N LEU B 539 14.13 32.37 23.40
CA LEU B 539 14.12 31.25 22.46
C LEU B 539 15.39 30.40 22.54
N GLU B 540 16.55 31.06 22.56
CA GLU B 540 17.85 30.38 22.61
C GLU B 540 17.92 29.47 23.86
N ALA B 541 17.69 30.03 25.05
CA ALA B 541 17.63 29.22 26.27
C ALA B 541 16.55 28.13 26.24
N LEU B 542 15.44 28.38 25.55
CA LEU B 542 14.35 27.40 25.46
C LEU B 542 14.75 26.20 24.59
N GLN B 543 15.45 26.46 23.49
CA GLN B 543 15.96 25.42 22.58
C GLN B 543 17.07 24.58 23.24
N GLN B 544 17.90 25.23 24.04
CA GLN B 544 18.88 24.58 24.89
C GLN B 544 18.17 23.66 25.91
N SER B 545 17.05 24.11 26.48
CA SER B 545 16.25 23.27 27.39
C SER B 545 15.64 22.01 26.73
N ALA B 546 14.93 22.19 25.61
CA ALA B 546 14.33 21.06 24.90
C ALA B 546 15.37 20.02 24.41
N SER B 547 16.56 20.51 24.09
CA SER B 547 17.66 19.66 23.69
C SER B 547 18.16 18.83 24.88
N ALA B 548 18.39 19.49 26.01
CA ALA B 548 18.77 18.83 27.26
C ALA B 548 17.73 17.80 27.66
N LEU B 549 16.47 18.20 27.58
CA LEU B 549 15.36 17.32 27.93
C LEU B 549 15.26 16.13 26.99
N ALA B 550 15.59 16.35 25.73
CA ALA B 550 15.57 15.29 24.74
C ALA B 550 16.72 14.34 25.03
N GLU B 551 17.89 14.89 25.32
CA GLU B 551 19.03 14.04 25.67
C GLU B 551 18.78 13.23 26.96
N LEU B 552 18.15 13.87 27.94
CA LEU B 552 17.87 13.22 29.19
C LEU B 552 16.90 12.06 28.95
N ASP B 553 15.91 12.28 28.09
CA ASP B 553 15.03 11.22 27.65
C ASP B 553 15.82 10.01 27.09
N VAL B 554 16.80 10.30 26.24
CA VAL B 554 17.58 9.26 25.59
C VAL B 554 18.36 8.47 26.64
N LEU B 555 19.09 9.18 27.50
CA LEU B 555 19.98 8.53 28.45
C LEU B 555 19.18 7.80 29.53
N VAL B 556 18.14 8.42 30.06
CA VAL B 556 17.28 7.75 31.04
C VAL B 556 16.65 6.48 30.44
N ASN B 557 16.30 6.51 29.16
CA ASN B 557 15.80 5.34 28.46
C ASN B 557 16.85 4.23 28.31
N LEU B 558 18.06 4.60 27.92
CA LEU B 558 19.11 3.64 27.70
C LEU B 558 19.54 3.02 29.02
N ALA B 559 19.37 3.78 30.10
CA ALA B 559 19.66 3.29 31.44
C ALA B 559 18.65 2.24 31.89
N GLU B 560 17.37 2.49 31.58
CA GLU B 560 16.30 1.57 31.88
C GLU B 560 16.45 0.29 31.02
N ARG B 561 16.92 0.45 29.79
CA ARG B 561 17.15 -0.68 28.90
C ARG B 561 18.32 -1.55 29.38
N ALA B 562 19.45 -0.93 29.68
CA ALA B 562 20.60 -1.67 30.20
C ALA B 562 20.22 -2.45 31.46
N TYR B 563 19.64 -1.75 32.43
CA TYR B 563 19.27 -2.38 33.70
C TYR B 563 18.23 -3.48 33.49
N THR B 564 17.21 -3.21 32.66
CA THR B 564 16.12 -4.17 32.42
C THR B 564 16.59 -5.44 31.67
N LEU B 565 17.30 -5.23 30.57
CA LEU B 565 17.66 -6.28 29.60
C LEU B 565 18.99 -6.98 29.90
N ASN B 566 19.57 -6.70 31.07
CA ASN B 566 20.82 -7.33 31.50
C ASN B 566 21.97 -7.05 30.56
N TYR B 567 22.23 -5.77 30.33
CA TYR B 567 23.37 -5.29 29.57
C TYR B 567 24.52 -4.94 30.53
N THR B 568 25.70 -4.66 29.97
CA THR B 568 26.89 -4.43 30.77
C THR B 568 27.68 -3.31 30.12
N CYS B 569 28.53 -2.64 30.88
CA CYS B 569 29.24 -1.48 30.32
C CYS B 569 30.47 -2.02 29.66
N PRO B 570 30.66 -1.76 28.36
CA PRO B 570 31.85 -2.22 27.66
C PRO B 570 33.02 -1.30 28.00
N THR B 571 34.25 -1.84 27.99
CA THR B 571 35.48 -1.07 28.15
C THR B 571 36.22 -0.94 26.82
N PHE B 572 37.05 0.10 26.71
CA PHE B 572 37.73 0.43 25.47
C PHE B 572 39.20 0.09 25.57
N ILE B 573 39.79 -0.48 24.53
CA ILE B 573 41.25 -0.69 24.49
C ILE B 573 41.93 0.09 23.34
N ASP B 574 43.23 0.27 23.49
CA ASP B 574 44.07 1.05 22.57
C ASP B 574 44.18 0.47 21.17
N LYS B 575 44.17 -0.87 21.10
CA LYS B 575 44.43 -1.59 19.87
C LYS B 575 43.17 -2.31 19.39
N PRO B 576 43.09 -2.60 18.09
CA PRO B 576 41.87 -3.22 17.55
C PRO B 576 41.64 -4.57 18.20
N GLY B 577 40.44 -4.78 18.72
CA GLY B 577 40.08 -6.04 19.36
C GLY B 577 38.61 -6.08 19.73
N ILE B 578 38.05 -7.27 19.77
CA ILE B 578 36.72 -7.46 20.33
C ILE B 578 36.78 -8.70 21.16
N ARG B 579 36.61 -8.58 22.48
CA ARG B 579 36.48 -9.76 23.35
C ARG B 579 35.09 -9.71 23.94
N ILE B 580 34.27 -10.72 23.64
CA ILE B 580 32.90 -10.78 24.13
C ILE B 580 32.69 -12.06 24.91
N THR B 581 32.20 -11.93 26.13
CA THR B 581 31.81 -13.06 26.93
C THR B 581 30.29 -13.09 26.95
N GLU B 582 29.70 -14.13 26.37
CA GLU B 582 28.25 -14.35 26.40
C GLU B 582 27.45 -13.19 25.80
N GLY B 583 27.86 -12.80 24.61
CA GLY B 583 27.13 -11.82 23.82
C GLY B 583 25.85 -12.42 23.26
N ARG B 584 24.84 -11.58 23.11
CA ARG B 584 23.61 -11.95 22.46
C ARG B 584 23.30 -10.94 21.38
N HIS B 585 22.48 -11.33 20.41
CA HIS B 585 21.85 -10.39 19.50
C HIS B 585 20.70 -9.65 20.21
N PRO B 586 20.81 -8.33 20.35
CA PRO B 586 19.84 -7.56 21.14
C PRO B 586 18.39 -7.59 20.68
N VAL B 587 18.13 -7.81 19.39
CA VAL B 587 16.77 -7.91 18.85
C VAL B 587 16.21 -9.33 18.90
N VAL B 588 16.96 -10.30 18.38
CA VAL B 588 16.50 -11.70 18.31
C VAL B 588 16.18 -12.25 19.71
N GLU B 589 16.94 -11.84 20.73
CA GLU B 589 16.71 -12.31 22.10
C GLU B 589 15.38 -11.85 22.72
N GLN B 590 14.83 -10.74 22.24
CA GLN B 590 13.55 -10.24 22.73
C GLN B 590 12.38 -10.76 21.90
N VAL B 591 12.67 -11.02 20.63
CA VAL B 591 11.64 -11.13 19.60
C VAL B 591 11.17 -12.57 19.39
N LEU B 592 12.01 -13.56 19.70
CA LEU B 592 11.62 -14.95 19.69
C LEU B 592 11.56 -15.52 21.10
N ASN B 593 10.60 -16.41 21.34
CA ASN B 593 10.37 -17.00 22.69
C ASN B 593 11.07 -18.34 22.89
N GLU B 594 11.92 -18.69 21.93
CA GLU B 594 12.88 -19.80 22.07
C GLU B 594 14.02 -19.22 22.95
N PRO B 595 14.67 -20.02 23.80
CA PRO B 595 15.85 -19.52 24.52
C PRO B 595 16.89 -19.01 23.52
N PHE B 596 17.60 -17.95 23.86
CA PHE B 596 18.66 -17.42 23.00
C PHE B 596 20.02 -17.86 23.51
N ILE B 597 20.86 -18.41 22.62
CA ILE B 597 22.14 -18.97 23.02
C ILE B 597 23.23 -17.92 22.88
N ALA B 598 23.75 -17.49 24.02
CA ALA B 598 24.87 -16.55 24.06
C ALA B 598 26.19 -17.22 23.61
N ASN B 599 27.13 -16.42 23.11
CA ASN B 599 28.39 -16.92 22.54
C ASN B 599 29.58 -16.01 22.83
N PRO B 600 30.75 -16.60 22.96
CA PRO B 600 31.97 -15.80 23.03
C PRO B 600 32.42 -15.32 21.65
N LEU B 601 33.35 -14.36 21.68
CA LEU B 601 34.15 -13.97 20.55
C LEU B 601 35.48 -13.40 21.07
N ASN B 602 36.57 -13.77 20.42
CA ASN B 602 37.89 -13.28 20.78
C ASN B 602 38.66 -12.91 19.51
N LEU B 603 38.67 -11.63 19.20
CA LEU B 603 39.43 -11.09 18.08
C LEU B 603 40.51 -10.14 18.63
N SER B 604 41.76 -10.34 18.19
CA SER B 604 42.88 -9.44 18.52
C SER B 604 43.74 -9.27 17.27
N PRO B 605 44.80 -8.46 17.33
CA PRO B 605 45.77 -8.49 16.23
C PRO B 605 46.40 -9.87 16.00
N GLN B 606 46.47 -10.75 17.01
CA GLN B 606 47.04 -12.10 16.85
C GLN B 606 46.03 -13.17 16.39
N ARG B 607 44.76 -12.79 16.37
CA ARG B 607 43.65 -13.66 16.04
C ARG B 607 42.60 -12.77 15.37
N ARG B 608 42.86 -12.44 14.12
CA ARG B 608 42.17 -11.42 13.35
C ARG B 608 40.97 -11.93 12.57
N MET B 609 40.93 -13.24 12.29
CA MET B 609 39.92 -13.79 11.40
C MET B 609 39.43 -15.15 11.87
N LEU B 610 38.11 -15.30 11.92
CA LEU B 610 37.50 -16.61 12.14
C LEU B 610 36.81 -17.09 10.87
N ILE B 611 37.13 -18.32 10.48
CA ILE B 611 36.49 -18.99 9.37
C ILE B 611 35.36 -19.77 10.02
N ILE B 612 34.11 -19.43 9.70
CA ILE B 612 32.97 -20.07 10.35
C ILE B 612 32.25 -21.08 9.46
N THR B 613 32.53 -22.35 9.70
CA THR B 613 31.90 -23.43 8.94
C THR B 613 30.71 -23.94 9.72
N GLY B 614 30.03 -24.94 9.16
CA GLY B 614 28.81 -25.48 9.75
C GLY B 614 27.60 -24.98 9.00
N PRO B 615 26.43 -25.45 9.36
CA PRO B 615 25.20 -24.89 8.78
C PRO B 615 25.04 -23.40 9.12
N ASN B 616 24.45 -22.64 8.22
CA ASN B 616 24.01 -21.29 8.56
C ASN B 616 22.62 -21.31 9.22
N MET B 617 21.56 -21.47 8.44
CA MET B 617 20.18 -21.41 8.95
C MET B 617 19.93 -20.21 9.89
N GLY B 618 20.69 -19.13 9.75
CA GLY B 618 20.54 -17.97 10.61
C GLY B 618 21.43 -17.94 11.85
N GLY B 619 21.98 -19.09 12.26
CA GLY B 619 22.99 -19.18 13.30
C GLY B 619 24.27 -18.38 13.05
N LYS B 620 24.95 -18.58 11.92
CA LYS B 620 26.17 -17.79 11.64
C LYS B 620 25.81 -16.32 11.47
N SER B 621 24.82 -16.07 10.62
CA SER B 621 24.37 -14.74 10.30
C SER B 621 24.03 -13.94 11.58
N THR B 622 23.31 -14.57 12.51
CA THR B 622 22.95 -13.94 13.78
C THR B 622 24.18 -13.64 14.64
N TYR B 623 25.12 -14.57 14.68
CA TYR B 623 26.35 -14.42 15.40
C TYR B 623 27.20 -13.27 14.84
N MET B 624 27.20 -13.09 13.53
CA MET B 624 28.07 -12.08 12.90
C MET B 624 27.41 -10.72 13.09
N ARG B 625 26.07 -10.70 12.94
CA ARG B 625 25.28 -9.48 13.07
C ARG B 625 25.25 -9.00 14.51
N GLN B 626 25.28 -9.92 15.47
CA GLN B 626 25.22 -9.50 16.86
C GLN B 626 26.57 -8.88 17.22
N THR B 627 27.64 -9.40 16.62
CA THR B 627 28.99 -8.78 16.76
C THR B 627 28.98 -7.31 16.32
N ALA B 628 28.42 -7.05 15.16
CA ALA B 628 28.38 -5.68 14.67
C ALA B 628 27.51 -4.78 15.53
N LEU B 629 26.43 -5.31 16.08
CA LEU B 629 25.50 -4.50 16.86
C LEU B 629 26.09 -4.18 18.23
N ILE B 630 26.86 -5.12 18.79
CA ILE B 630 27.58 -4.84 20.02
C ILE B 630 28.64 -3.74 19.77
N ALA B 631 29.35 -3.80 18.66
CA ALA B 631 30.26 -2.73 18.30
C ALA B 631 29.49 -1.42 18.19
N LEU B 632 28.41 -1.43 17.44
CA LEU B 632 27.62 -0.21 17.22
C LEU B 632 27.12 0.36 18.54
N MET B 633 26.56 -0.49 19.41
CA MET B 633 25.98 -0.02 20.66
C MET B 633 27.09 0.47 21.59
N ALA B 634 28.17 -0.28 21.74
CA ALA B 634 29.34 0.29 22.42
C ALA B 634 29.68 1.70 21.95
N TYR B 635 29.65 1.94 20.65
CA TYR B 635 30.16 3.21 20.10
C TYR B 635 29.08 4.28 19.92
N ILE B 636 27.92 4.01 20.49
CA ILE B 636 26.82 4.97 20.71
C ILE B 636 26.85 5.41 22.19
N GLY B 637 27.58 4.68 23.02
CA GLY B 637 27.66 4.97 24.46
C GLY B 637 26.70 4.19 25.33
N SER B 638 26.01 3.23 24.72
CA SER B 638 25.04 2.41 25.41
C SER B 638 25.78 1.25 26.07
N TYR B 639 25.14 0.65 27.04
CA TYR B 639 25.56 -0.66 27.53
C TYR B 639 25.22 -1.71 26.43
N VAL B 640 25.76 -2.91 26.56
CA VAL B 640 25.70 -3.91 25.50
C VAL B 640 25.24 -5.26 26.06
N PRO B 641 24.58 -6.07 25.23
CA PRO B 641 24.07 -7.39 25.64
C PRO B 641 25.15 -8.48 25.76
N ALA B 642 25.75 -8.56 26.94
CA ALA B 642 26.88 -9.46 27.19
C ALA B 642 27.27 -9.46 28.68
N GLN B 643 28.00 -10.47 29.11
CA GLN B 643 28.56 -10.45 30.45
C GLN B 643 29.76 -9.51 30.48
N LYS B 644 30.43 -9.38 29.33
CA LYS B 644 31.60 -8.54 29.24
C LYS B 644 31.96 -8.24 27.79
N VAL B 645 32.38 -7.00 27.54
CA VAL B 645 32.92 -6.63 26.25
C VAL B 645 34.11 -5.70 26.46
N GLU B 646 35.25 -6.07 25.87
CA GLU B 646 36.35 -5.14 25.61
C GLU B 646 36.46 -4.93 24.10
N ILE B 647 36.72 -3.70 23.66
CA ILE B 647 36.67 -3.36 22.24
C ILE B 647 37.60 -2.20 21.89
N GLY B 648 38.43 -2.42 20.88
CA GLY B 648 39.32 -1.39 20.35
C GLY B 648 38.65 -0.42 19.39
N PRO B 649 39.43 0.49 18.83
CA PRO B 649 38.91 1.50 17.91
C PRO B 649 38.48 0.88 16.59
N ILE B 650 37.28 1.20 16.16
CA ILE B 650 36.76 0.77 14.87
C ILE B 650 36.44 1.98 13.99
N ASP B 651 36.96 1.97 12.76
CA ASP B 651 36.71 3.04 11.79
C ASP B 651 35.45 2.82 10.97
N ARG B 652 35.16 1.56 10.66
CA ARG B 652 34.12 1.18 9.72
C ARG B 652 33.58 -0.18 10.11
N ILE B 653 32.31 -0.41 9.84
CA ILE B 653 31.70 -1.71 9.97
C ILE B 653 31.11 -2.07 8.62
N PHE B 654 31.54 -3.24 8.12
CA PHE B 654 31.04 -3.80 6.88
C PHE B 654 30.32 -5.10 7.20
N THR B 655 29.07 -5.24 6.80
CA THR B 655 28.42 -6.53 6.88
C THR B 655 27.78 -6.88 5.54
N ARG B 656 28.46 -7.78 4.83
CA ARG B 656 27.94 -8.47 3.64
C ARG B 656 27.27 -9.76 4.10
N VAL B 657 26.03 -9.65 4.56
CA VAL B 657 25.32 -10.74 5.21
C VAL B 657 23.85 -10.74 4.81
N GLY B 658 23.37 -11.83 4.23
CA GLY B 658 22.00 -11.92 3.73
C GLY B 658 21.91 -12.67 2.41
N THR B 669 21.80 -11.70 -6.65
CA THR B 669 22.75 -12.22 -7.60
C THR B 669 24.13 -12.37 -7.00
N PHE B 670 24.97 -13.11 -7.73
CA PHE B 670 26.40 -13.19 -7.54
C PHE B 670 27.03 -11.80 -7.69
N MET B 671 26.59 -11.05 -8.70
CA MET B 671 27.17 -9.74 -9.02
C MET B 671 27.14 -8.75 -7.86
N VAL B 672 26.04 -8.77 -7.12
CA VAL B 672 25.85 -7.86 -6.00
C VAL B 672 26.69 -8.29 -4.82
N GLU B 673 26.75 -9.60 -4.54
CA GLU B 673 27.66 -10.13 -3.53
C GLU B 673 29.10 -9.75 -3.82
N MET B 674 29.47 -9.76 -5.10
CA MET B 674 30.85 -9.50 -5.52
C MET B 674 31.17 -8.01 -5.49
N THR B 675 30.15 -7.19 -5.77
CA THR B 675 30.26 -5.73 -5.76
C THR B 675 30.43 -5.23 -4.34
N GLU B 676 29.64 -5.80 -3.42
CA GLU B 676 29.73 -5.45 -2.01
C GLU B 676 31.04 -5.98 -1.44
N THR B 677 31.48 -7.15 -1.87
CA THR B 677 32.80 -7.67 -1.48
C THR B 677 33.92 -6.75 -1.98
N ALA B 678 33.76 -6.26 -3.20
CA ALA B 678 34.71 -5.33 -3.78
C ALA B 678 34.83 -4.05 -2.94
N ASN B 679 33.68 -3.53 -2.49
CA ASN B 679 33.66 -2.34 -1.66
C ASN B 679 34.40 -2.59 -0.33
N ILE B 680 34.26 -3.78 0.25
CA ILE B 680 34.99 -4.10 1.48
C ILE B 680 36.51 -4.14 1.26
N LEU B 681 36.94 -4.76 0.17
CA LEU B 681 38.36 -4.95 -0.08
C LEU B 681 39.09 -3.64 -0.46
N HIS B 682 38.36 -2.67 -1.00
CA HIS B 682 38.94 -1.37 -1.35
C HIS B 682 39.01 -0.37 -0.18
N ASN B 683 38.12 -0.51 0.81
CA ASN B 683 37.97 0.52 1.84
C ASN B 683 38.23 0.08 3.26
N ALA B 684 38.43 -1.22 3.48
CA ALA B 684 38.56 -1.74 4.86
C ALA B 684 39.98 -1.43 5.31
N THR B 685 40.17 -1.27 6.63
CA THR B 685 41.50 -1.11 7.22
C THR B 685 41.70 -2.11 8.34
N GLU B 686 42.86 -2.01 8.98
CA GLU B 686 43.17 -2.88 10.13
C GLU B 686 42.31 -2.52 11.36
N TYR B 687 41.59 -1.39 11.28
CA TYR B 687 40.59 -1.01 12.29
C TYR B 687 39.12 -1.31 11.88
N SER B 688 38.90 -1.98 10.76
CA SER B 688 37.55 -2.25 10.30
C SER B 688 37.06 -3.57 10.88
N LEU B 689 35.76 -3.66 11.09
CA LEU B 689 35.11 -4.92 11.42
C LEU B 689 34.41 -5.33 10.14
N VAL B 690 34.74 -6.54 9.68
CA VAL B 690 34.18 -7.10 8.45
C VAL B 690 33.41 -8.39 8.72
N LEU B 691 32.23 -8.50 8.14
CA LEU B 691 31.42 -9.69 8.30
C LEU B 691 30.99 -10.18 6.93
N MET B 692 31.54 -11.31 6.48
CA MET B 692 31.23 -11.93 5.19
C MET B 692 30.38 -13.17 5.39
N ASP B 693 29.35 -13.34 4.57
CA ASP B 693 28.44 -14.47 4.67
C ASP B 693 28.48 -15.41 3.46
N GLU B 694 29.38 -16.39 3.53
CA GLU B 694 29.53 -17.46 2.54
C GLU B 694 29.61 -17.01 1.07
N ILE B 695 30.56 -16.14 0.77
CA ILE B 695 30.79 -15.76 -0.62
C ILE B 695 31.33 -16.95 -1.46
N GLY B 696 31.04 -16.89 -2.75
CA GLY B 696 31.29 -18.01 -3.64
C GLY B 696 30.04 -18.72 -4.09
N ARG B 697 28.98 -18.59 -3.32
CA ARG B 697 27.68 -19.12 -3.72
C ARG B 697 27.25 -18.37 -4.97
N GLY B 698 26.66 -19.08 -5.93
CA GLY B 698 26.23 -18.46 -7.16
C GLY B 698 27.18 -18.52 -8.35
N THR B 699 28.34 -19.13 -8.15
CA THR B 699 29.20 -19.49 -9.28
C THR B 699 29.75 -20.88 -9.04
N SER B 700 30.68 -21.30 -9.88
CA SER B 700 31.20 -22.66 -9.87
C SER B 700 31.94 -22.92 -8.58
N THR B 701 32.03 -24.19 -8.22
CA THR B 701 32.69 -24.61 -7.02
C THR B 701 34.10 -24.04 -6.95
N TYR B 702 34.88 -24.21 -8.01
CA TYR B 702 36.29 -23.84 -8.02
C TYR B 702 36.53 -22.34 -8.11
N ASP B 703 35.73 -21.65 -8.92
CA ASP B 703 35.77 -20.19 -8.96
C ASP B 703 35.38 -19.60 -7.61
N GLY B 704 34.31 -20.14 -7.04
CA GLY B 704 33.78 -19.68 -5.78
C GLY B 704 34.81 -19.88 -4.68
N LEU B 705 35.40 -21.06 -4.65
CA LEU B 705 36.41 -21.37 -3.66
C LEU B 705 37.69 -20.51 -3.87
N SER B 706 38.03 -20.18 -5.10
CA SER B 706 39.24 -19.40 -5.35
C SER B 706 39.09 -17.95 -4.91
N LEU B 707 37.92 -17.38 -5.16
CA LEU B 707 37.60 -16.04 -4.71
C LEU B 707 37.55 -15.96 -3.21
N ALA B 708 36.85 -16.90 -2.59
CA ALA B 708 36.74 -16.94 -1.12
C ALA B 708 38.14 -17.06 -0.49
N TRP B 709 38.93 -18.03 -0.94
CA TRP B 709 40.32 -18.16 -0.50
C TRP B 709 41.13 -16.89 -0.68
N ALA B 710 40.97 -16.22 -1.80
CA ALA B 710 41.82 -15.05 -2.06
C ALA B 710 41.33 -13.85 -1.25
N CYS B 711 40.04 -13.80 -0.95
CA CYS B 711 39.48 -12.73 -0.12
C CYS B 711 39.89 -12.93 1.33
N ALA B 712 39.63 -14.13 1.84
CA ALA B 712 40.06 -14.48 3.19
C ALA B 712 41.54 -14.11 3.42
N GLU B 713 42.37 -14.48 2.46
CA GLU B 713 43.81 -14.23 2.56
C GLU B 713 44.14 -12.71 2.50
N ASN B 714 43.44 -11.97 1.65
CA ASN B 714 43.65 -10.53 1.53
C ASN B 714 43.26 -9.79 2.83
N LEU B 715 42.06 -10.04 3.32
CA LEU B 715 41.58 -9.59 4.62
C LEU B 715 42.54 -9.90 5.80
N ALA B 716 43.18 -11.07 5.76
CA ALA B 716 44.04 -11.53 6.85
C ALA B 716 45.48 -10.99 6.78
N ASN B 717 46.07 -10.95 5.58
CA ASN B 717 47.47 -10.61 5.43
C ASN B 717 47.73 -9.19 4.91
N LYS B 718 46.87 -8.67 4.05
CA LYS B 718 47.03 -7.30 3.55
C LYS B 718 46.29 -6.28 4.42
N ILE B 719 44.97 -6.36 4.47
CA ILE B 719 44.18 -5.41 5.24
C ILE B 719 44.36 -5.59 6.77
N LYS B 720 44.49 -6.84 7.21
CA LYS B 720 44.48 -7.20 8.63
C LYS B 720 43.20 -6.78 9.40
N ALA B 721 42.08 -6.59 8.72
CA ALA B 721 40.87 -6.18 9.41
C ALA B 721 40.40 -7.27 10.34
N LEU B 722 39.58 -6.92 11.32
CA LEU B 722 38.99 -7.91 12.21
C LEU B 722 37.81 -8.53 11.47
N THR B 723 37.88 -9.83 11.17
CA THR B 723 36.96 -10.45 10.23
C THR B 723 36.31 -11.73 10.70
N LEU B 724 35.00 -11.80 10.58
CA LEU B 724 34.29 -13.08 10.67
C LEU B 724 33.92 -13.48 9.23
N PHE B 725 34.61 -14.49 8.74
CA PHE B 725 34.47 -14.97 7.39
C PHE B 725 33.69 -16.27 7.41
N ALA B 726 32.38 -16.17 7.28
CA ALA B 726 31.52 -17.35 7.28
C ALA B 726 31.69 -18.03 5.93
N THR B 727 31.77 -19.35 5.91
CA THR B 727 31.88 -20.08 4.67
C THR B 727 31.31 -21.47 4.75
N HIS B 728 30.86 -21.96 3.61
CA HIS B 728 30.52 -23.38 3.44
C HIS B 728 31.70 -24.25 3.00
N TYR B 729 32.78 -23.64 2.50
CA TYR B 729 33.89 -24.41 1.92
C TYR B 729 34.74 -25.02 3.02
N PHE B 730 34.69 -26.36 3.17
CA PHE B 730 35.59 -27.03 4.12
C PHE B 730 37.08 -26.89 3.77
N GLU B 731 37.36 -26.61 2.51
CA GLU B 731 38.73 -26.48 2.02
C GLU B 731 39.36 -25.22 2.66
N LEU B 732 38.53 -24.23 3.03
CA LEU B 732 38.99 -23.01 3.64
C LEU B 732 39.46 -23.16 5.09
N THR B 733 39.15 -24.30 5.70
CA THR B 733 39.53 -24.55 7.09
C THR B 733 40.99 -24.98 7.18
N GLN B 734 41.64 -25.12 6.03
CA GLN B 734 43.08 -25.32 5.96
C GLN B 734 43.82 -23.99 6.08
N LEU B 735 43.10 -22.87 6.02
CA LEU B 735 43.74 -21.55 6.16
C LEU B 735 44.52 -21.30 7.47
N PRO B 736 43.94 -21.58 8.65
CA PRO B 736 44.69 -21.47 9.92
C PRO B 736 46.06 -22.15 9.95
N GLU B 737 46.25 -23.25 9.22
CA GLU B 737 47.54 -23.95 9.16
C GLU B 737 48.50 -23.37 8.12
N LYS B 738 48.01 -22.53 7.22
CA LYS B 738 48.89 -21.90 6.22
C LYS B 738 49.28 -20.47 6.61
N MET B 739 48.52 -19.82 7.51
CA MET B 739 48.79 -18.41 7.78
C MET B 739 48.36 -17.96 9.17
N GLU B 740 49.15 -17.03 9.71
CA GLU B 740 49.01 -16.59 11.09
C GLU B 740 47.79 -15.70 11.26
N GLY B 741 47.23 -15.74 12.46
CA GLY B 741 46.12 -14.87 12.80
C GLY B 741 44.76 -15.33 12.34
N VAL B 742 44.68 -16.53 11.77
CA VAL B 742 43.41 -17.10 11.35
C VAL B 742 43.10 -18.35 12.17
N ALA B 743 41.81 -18.59 12.44
CA ALA B 743 41.36 -19.72 13.23
C ALA B 743 39.97 -20.22 12.81
N ASN B 744 39.71 -21.49 13.04
CA ASN B 744 38.45 -22.12 12.71
C ASN B 744 37.47 -22.14 13.91
N VAL B 745 36.25 -21.66 13.71
CA VAL B 745 35.12 -21.97 14.59
C VAL B 745 33.99 -22.55 13.74
N HIS B 746 32.91 -22.99 14.38
CA HIS B 746 31.80 -23.63 13.65
C HIS B 746 30.51 -23.73 14.44
N LEU B 747 29.42 -23.94 13.72
CA LEU B 747 28.14 -24.27 14.34
C LEU B 747 27.86 -25.71 14.07
N ASP B 748 27.27 -26.40 15.03
CA ASP B 748 26.90 -27.80 14.85
C ASP B 748 25.38 -27.95 15.03
N ALA B 749 24.91 -29.20 14.98
CA ALA B 749 23.49 -29.50 15.07
C ALA B 749 23.32 -30.89 15.63
N LEU B 750 22.26 -31.09 16.40
CA LEU B 750 21.97 -32.41 16.91
C LEU B 750 20.75 -32.99 16.23
N GLU B 751 20.89 -34.22 15.75
CA GLU B 751 19.79 -34.99 15.17
C GLU B 751 19.16 -35.85 16.24
N HIS B 752 17.88 -35.61 16.50
CA HIS B 752 17.09 -36.40 17.44
C HIS B 752 15.69 -36.67 16.89
N GLY B 753 14.97 -37.58 17.52
CA GLY B 753 13.60 -37.91 17.12
C GLY B 753 13.41 -38.07 15.62
N ASP B 754 12.52 -37.26 15.03
CA ASP B 754 12.43 -37.11 13.57
C ASP B 754 12.82 -35.69 13.10
N THR B 755 13.63 -35.00 13.88
CA THR B 755 14.14 -33.69 13.47
C THR B 755 15.65 -33.54 13.59
N ILE B 756 16.03 -32.28 13.50
CA ILE B 756 17.36 -31.85 13.72
C ILE B 756 17.27 -30.44 14.35
N ALA B 757 17.83 -30.34 15.55
CA ALA B 757 18.03 -29.07 16.24
C ALA B 757 19.33 -28.45 15.74
N PHE B 758 19.21 -27.33 15.04
CA PHE B 758 20.36 -26.51 14.70
C PHE B 758 20.73 -25.67 15.93
N MET B 759 21.70 -26.18 16.71
CA MET B 759 22.27 -25.49 17.86
C MET B 759 22.88 -24.19 17.37
N HIS B 760 22.87 -23.16 18.20
CA HIS B 760 23.45 -21.86 17.84
C HIS B 760 24.71 -21.57 18.65
N SER B 761 25.37 -22.63 19.09
CA SER B 761 26.58 -22.53 19.89
C SER B 761 27.83 -22.56 19.02
N VAL B 762 28.67 -21.55 19.13
CA VAL B 762 29.86 -21.46 18.28
C VAL B 762 30.98 -22.19 18.99
N GLN B 763 31.53 -23.20 18.33
CA GLN B 763 32.59 -24.04 18.91
C GLN B 763 33.89 -23.90 18.16
N ASP B 764 34.98 -24.15 18.86
CA ASP B 764 36.29 -24.19 18.24
C ASP B 764 36.45 -25.30 17.20
N GLY B 765 37.30 -25.04 16.20
CA GLY B 765 37.62 -26.05 15.19
C GLY B 765 36.64 -26.01 14.03
N ALA B 766 37.02 -26.69 12.97
CA ALA B 766 36.21 -26.76 11.76
C ALA B 766 35.02 -27.66 11.97
N ALA B 767 33.99 -27.46 11.15
CA ALA B 767 32.80 -28.29 11.13
C ALA B 767 33.16 -29.65 10.52
N SER B 768 32.63 -30.74 11.05
CA SER B 768 32.96 -32.03 10.48
C SER B 768 31.73 -32.80 9.95
N LYS B 769 30.62 -32.09 9.78
CA LYS B 769 29.39 -32.65 9.20
C LYS B 769 28.70 -31.62 8.32
N SER B 770 27.96 -32.11 7.34
CA SER B 770 27.04 -31.32 6.55
C SER B 770 25.63 -31.83 6.80
N TYR B 771 24.64 -31.05 6.38
CA TYR B 771 23.26 -31.31 6.72
C TYR B 771 22.27 -31.13 5.57
N GLY B 772 22.78 -30.92 4.36
CA GLY B 772 21.92 -30.70 3.23
C GLY B 772 21.10 -31.95 2.99
N LEU B 773 21.75 -33.11 3.05
CA LEU B 773 21.08 -34.38 2.81
C LEU B 773 20.11 -34.66 3.95
N ALA B 774 20.49 -34.39 5.19
CA ALA B 774 19.55 -34.61 6.30
C ALA B 774 18.28 -33.76 6.17
N VAL B 775 18.43 -32.52 5.71
CA VAL B 775 17.31 -31.62 5.49
C VAL B 775 16.44 -32.04 4.31
N ALA B 776 17.08 -32.53 3.25
CA ALA B 776 16.37 -33.08 2.10
C ALA B 776 15.52 -34.30 2.49
N ALA B 777 16.02 -35.10 3.41
CA ALA B 777 15.32 -36.31 3.84
C ALA B 777 14.02 -35.96 4.60
N LEU B 778 14.14 -35.04 5.55
CA LEU B 778 13.03 -34.51 6.33
C LEU B 778 11.98 -33.88 5.43
N ALA B 779 12.45 -33.23 4.36
CA ALA B 779 11.59 -32.52 3.43
C ALA B 779 10.81 -33.43 2.47
N GLY B 780 11.17 -34.71 2.41
CA GLY B 780 10.43 -35.69 1.65
C GLY B 780 11.03 -36.07 0.32
N VAL B 781 12.27 -35.68 0.06
CA VAL B 781 12.99 -36.12 -1.13
C VAL B 781 13.07 -37.66 -1.08
N PRO B 782 12.67 -38.34 -2.14
CA PRO B 782 12.56 -39.79 -2.10
C PRO B 782 13.85 -40.46 -1.61
N LYS B 783 13.73 -41.51 -0.79
CA LYS B 783 14.88 -42.15 -0.14
C LYS B 783 16.00 -42.58 -1.09
N GLU B 784 15.62 -42.99 -2.29
CA GLU B 784 16.55 -43.51 -3.28
C GLU B 784 17.43 -42.37 -3.84
N VAL B 785 16.85 -41.18 -3.94
CA VAL B 785 17.59 -39.98 -4.34
C VAL B 785 18.64 -39.56 -3.32
N ILE B 786 18.30 -39.61 -2.02
CA ILE B 786 19.28 -39.26 -0.97
C ILE B 786 20.43 -40.27 -0.90
N LYS B 787 20.10 -41.55 -1.03
CA LYS B 787 21.09 -42.62 -1.07
C LYS B 787 22.09 -42.34 -2.19
N ARG B 788 21.61 -41.96 -3.36
CA ARG B 788 22.47 -41.63 -4.48
C ARG B 788 23.29 -40.35 -4.24
N ALA B 789 22.68 -39.34 -3.59
CA ALA B 789 23.37 -38.10 -3.24
C ALA B 789 24.50 -38.39 -2.25
N ARG B 790 24.24 -39.27 -1.28
CA ARG B 790 25.23 -39.63 -0.28
C ARG B 790 26.43 -40.36 -0.89
N GLN B 791 26.19 -41.14 -1.91
CA GLN B 791 27.25 -41.85 -2.57
C GLN B 791 28.13 -40.85 -3.32
N LYS B 792 27.45 -39.96 -4.04
CA LYS B 792 28.07 -38.91 -4.81
C LYS B 792 28.87 -37.95 -3.91
N LEU B 793 28.34 -37.66 -2.73
CA LEU B 793 28.96 -36.74 -1.79
C LEU B 793 30.30 -37.30 -1.35
N ARG B 794 30.31 -38.57 -0.95
CA ARG B 794 31.51 -39.24 -0.52
C ARG B 794 32.57 -39.20 -1.63
N GLU B 795 32.20 -39.44 -2.88
CA GLU B 795 33.22 -39.49 -3.91
C GLU B 795 33.80 -38.11 -4.29
N LEU B 796 33.02 -37.04 -4.16
CA LEU B 796 33.49 -35.68 -4.44
C LEU B 796 34.42 -35.18 -3.33
N GLU B 797 34.03 -35.41 -2.08
CA GLU B 797 34.81 -35.05 -0.91
C GLU B 797 36.11 -35.84 -0.73
N SER B 798 36.14 -37.10 -1.17
CA SER B 798 37.30 -37.98 -0.94
C SER B 798 38.52 -37.60 -1.77
N ILE B 799 38.31 -36.73 -2.76
CA ILE B 799 39.41 -36.18 -3.57
C ILE B 799 40.11 -34.99 -2.90
N SER B 800 39.47 -34.39 -1.88
CA SER B 800 39.85 -33.04 -1.40
C SER B 800 40.44 -32.97 0.02
PB ADP E . 21.45 -15.86 -16.30
O1B ADP E . 22.48 -16.75 -16.90
O2B ADP E . 20.24 -16.70 -15.87
O3B ADP E . 22.16 -15.27 -15.07
PA ADP E . 19.51 -14.20 -17.55
O1A ADP E . 18.96 -13.74 -16.24
O2A ADP E . 18.56 -15.18 -18.23
O3A ADP E . 21.01 -14.76 -17.39
O5' ADP E . 19.70 -12.95 -18.54
C5' ADP E . 20.44 -11.83 -18.12
C4' ADP E . 20.19 -10.66 -19.07
O4' ADP E . 20.60 -11.00 -20.38
C3' ADP E . 18.71 -10.27 -19.10
O3' ADP E . 18.49 -8.98 -18.56
C2' ADP E . 18.35 -10.26 -20.56
O2' ADP E . 17.97 -8.94 -20.90
C1' ADP E . 19.60 -10.65 -21.33
N9 ADP E . 19.25 -11.73 -22.27
C8 ADP E . 18.85 -13.00 -21.97
N7 ADP E . 18.59 -13.66 -23.13
C5 ADP E . 18.82 -12.81 -24.16
C6 ADP E . 18.71 -12.96 -25.55
N6 ADP E . 18.49 -14.15 -26.09
N1 ADP E . 19.01 -11.88 -26.36
C2 ADP E . 19.43 -10.68 -25.82
N3 ADP E . 19.54 -10.54 -24.45
C4 ADP E . 19.23 -11.59 -23.64
MG MG F . 19.52 -17.20 -13.90
#